data_8PS5
#
_entry.id   8PS5
#
_cell.length_a   1.00
_cell.length_b   1.00
_cell.length_c   1.00
_cell.angle_alpha   90.00
_cell.angle_beta   90.00
_cell.angle_gamma   90.00
#
_symmetry.space_group_name_H-M   'P 1'
#
loop_
_entity.id
_entity.type
_entity.pdbx_description
1 polymer 'Shedu effector protein'
2 polymer '40 nt DNA substrate'
#
loop_
_entity_poly.entity_id
_entity_poly.type
_entity_poly.pdbx_seq_one_letter_code
_entity_poly.pdbx_strand_id
1 'polypeptide(L)'
;SNAMLQFSFVSNDVVMTYDGDSGEQIIWVWESLNKFQTVCISRIFNFQLQDLRNPPSTVQDFNDYEYSFNFGTLNNEYIT
VPGRILSINRDVLIHKSIKLERKVFASERNVSIFGRLSKLLDHTNPIIIGGDKPEAIPKSVFQELQSKFPNTGELDRYAN
ARVHAILAGYLDGMKDARERYEHYLNRKTVIRKTDKLDLEVLNKLEIEKYTLIRDIIQDALNNKTNLSEDDWQSLMIPFI
TLLFPKYIKVLEKVKIFDYYSNPSAKTNRFIDIALVDANGNLDIIEVKKPFDDKILRKTPYRDNYIPTSELSGGIMQAEK
YIFHLSKWGVKGEKELTNAYKNSLPAGMCIRISNPKAIIIVGRDQIANGNMTDGQLLDFEIIKRKYANMIDILTYDDLLR
RLNNTIEALKG
;
A,B,C,D
2 'polydeoxyribonucleotide'
;(DC)(DT)(DA)(DG)(DT)(DG)(DC)(DA)(DT)(DC)(DT)(DG)(DA)(DA)(DT)(DC)(DG)(DT)(DC)(DA)
(DT)(DG)(DA)(DC)(DG)(DA)(DT)(DT)(DC)(DA)(DG)(DA)(DT)(DG)(DC)(DA)(DC)(DT)(DA)(DG)
;
E,F
#
# COMPACT_ATOMS: atom_id res chain seq x y z
N MET A 4 -2.05 -66.83 7.83
CA MET A 4 -2.25 -66.22 9.18
C MET A 4 -1.05 -66.58 10.06
N LEU A 5 -0.62 -65.65 10.93
CA LEU A 5 0.54 -65.89 11.82
C LEU A 5 0.04 -65.98 13.26
N GLN A 6 0.31 -67.10 13.94
CA GLN A 6 -0.11 -67.26 15.35
C GLN A 6 1.12 -67.50 16.21
N PHE A 7 1.27 -66.75 17.30
CA PHE A 7 2.47 -66.87 18.17
C PHE A 7 2.08 -67.60 19.46
N SER A 8 2.45 -68.89 19.57
CA SER A 8 2.12 -69.69 20.74
C SER A 8 3.41 -70.18 21.39
N PHE A 9 3.49 -70.08 22.71
CA PHE A 9 4.68 -70.49 23.45
C PHE A 9 4.43 -71.85 24.10
N VAL A 10 5.38 -72.76 23.94
CA VAL A 10 5.34 -74.07 24.56
C VAL A 10 6.56 -74.17 25.48
N SER A 11 6.30 -74.14 26.80
CA SER A 11 7.29 -74.05 27.88
C SER A 11 8.25 -72.87 27.69
N ASN A 12 9.55 -73.15 27.64
CA ASN A 12 10.53 -72.08 27.53
C ASN A 12 10.57 -71.49 26.11
N ASP A 13 10.38 -72.32 25.10
CA ASP A 13 10.47 -71.84 23.72
C ASP A 13 9.12 -71.31 23.24
N VAL A 14 9.19 -70.43 22.25
CA VAL A 14 8.01 -69.85 21.62
C VAL A 14 8.06 -70.18 20.13
N VAL A 15 6.99 -70.79 19.62
CA VAL A 15 6.89 -71.17 18.22
C VAL A 15 5.88 -70.26 17.53
N MET A 16 5.87 -70.31 16.20
CA MET A 16 4.85 -69.64 15.42
C MET A 16 4.34 -70.61 14.35
N THR A 17 3.02 -70.75 14.25
CA THR A 17 2.38 -71.55 13.22
C THR A 17 2.10 -70.67 12.00
N TYR A 18 2.64 -71.06 10.85
CA TYR A 18 2.44 -70.35 9.59
C TYR A 18 1.34 -71.06 8.81
N ASP A 19 0.12 -70.52 8.90
CA ASP A 19 -0.99 -71.08 8.15
C ASP A 19 -0.91 -70.72 6.66
N GLY A 20 -0.59 -69.47 6.36
CA GLY A 20 -0.54 -69.06 4.96
C GLY A 20 -1.94 -68.82 4.42
N ASP A 21 -2.18 -69.29 3.20
CA ASP A 21 -3.47 -69.14 2.55
C ASP A 21 -3.83 -70.46 1.89
N SER A 22 -5.14 -70.68 1.70
CA SER A 22 -5.60 -71.88 1.02
C SER A 22 -5.30 -71.83 -0.46
N GLY A 23 -5.40 -70.65 -1.06
CA GLY A 23 -5.05 -70.51 -2.48
C GLY A 23 -3.55 -70.56 -2.71
N GLU A 24 -2.77 -70.09 -1.73
CA GLU A 24 -1.33 -70.17 -1.83
C GLU A 24 -0.85 -71.59 -1.57
N GLN A 25 0.17 -72.02 -2.32
CA GLN A 25 0.87 -73.27 -2.07
C GLN A 25 2.10 -72.95 -1.22
N ILE A 26 2.20 -73.57 -0.06
CA ILE A 26 3.28 -73.29 0.88
C ILE A 26 4.38 -74.35 0.80
N ILE A 27 4.49 -74.99 -0.38
CA ILE A 27 5.62 -75.86 -0.66
C ILE A 27 6.87 -75.04 -0.94
N TRP A 28 6.68 -73.76 -1.32
CA TRP A 28 7.77 -72.84 -1.63
C TRP A 28 8.62 -72.51 -0.40
N VAL A 29 8.03 -72.63 0.80
CA VAL A 29 8.77 -72.46 2.05
C VAL A 29 9.83 -73.56 2.19
N TRP A 30 9.45 -74.81 1.96
CA TRP A 30 10.41 -75.91 2.05
C TRP A 30 11.36 -75.93 0.86
N GLU A 31 10.91 -75.43 -0.30
CA GLU A 31 11.81 -75.31 -1.45
C GLU A 31 12.88 -74.25 -1.22
N SER A 32 12.51 -73.10 -0.63
CA SER A 32 13.48 -72.06 -0.31
C SER A 32 14.39 -72.48 0.84
N LEU A 33 13.88 -73.31 1.76
CA LEU A 33 14.73 -73.90 2.78
C LEU A 33 15.67 -74.95 2.19
N ASN A 34 15.26 -75.59 1.09
CA ASN A 34 16.11 -76.59 0.46
C ASN A 34 17.27 -75.95 -0.30
N LYS A 35 16.99 -74.89 -1.09
CA LYS A 35 18.09 -74.32 -1.87
C LYS A 35 18.76 -73.12 -1.21
N PHE A 36 17.99 -72.14 -0.73
CA PHE A 36 18.62 -70.93 -0.21
C PHE A 36 19.05 -71.09 1.24
N GLN A 37 18.46 -72.06 1.94
CA GLN A 37 18.51 -72.38 3.38
C GLN A 37 17.91 -71.28 4.26
N THR A 38 17.26 -70.26 3.69
CA THR A 38 16.52 -69.25 4.43
C THR A 38 15.19 -69.02 3.73
N VAL A 39 14.18 -68.66 4.51
CA VAL A 39 12.86 -68.37 3.98
C VAL A 39 12.34 -67.08 4.60
N CYS A 40 11.82 -66.20 3.75
CA CYS A 40 11.25 -64.93 4.19
C CYS A 40 9.75 -65.12 4.43
N ILE A 41 9.37 -65.24 5.70
CA ILE A 41 7.98 -65.47 6.10
C ILE A 41 7.31 -64.12 6.32
N SER A 42 6.24 -63.86 5.56
CA SER A 42 5.39 -62.66 5.58
C SER A 42 6.15 -61.37 5.35
N ARG A 43 7.26 -61.41 4.61
CA ARG A 43 8.16 -60.31 4.24
C ARG A 43 8.77 -59.55 5.42
N ILE A 44 8.75 -60.11 6.63
CA ILE A 44 9.17 -59.35 7.80
C ILE A 44 10.06 -60.23 8.69
N PHE A 45 10.04 -61.54 8.47
CA PHE A 45 10.75 -62.49 9.31
C PHE A 45 11.66 -63.36 8.44
N ASN A 46 12.80 -63.77 8.99
CA ASN A 46 13.75 -64.63 8.30
C ASN A 46 14.00 -65.87 9.16
N PHE A 47 14.05 -67.04 8.52
CA PHE A 47 14.10 -68.33 9.21
C PHE A 47 15.03 -69.30 8.50
N GLN A 48 15.93 -69.92 9.27
CA GLN A 48 16.83 -70.93 8.72
C GLN A 48 16.17 -72.30 8.79
N LEU A 49 16.91 -73.32 8.35
CA LEU A 49 16.38 -74.69 8.38
C LEU A 49 16.40 -75.25 9.80
N GLN A 50 17.28 -74.72 10.65
CA GLN A 50 17.33 -75.16 12.04
C GLN A 50 16.19 -74.59 12.85
N ASP A 51 15.58 -73.50 12.38
CA ASP A 51 14.48 -72.88 13.10
C ASP A 51 13.18 -73.65 12.94
N LEU A 52 13.09 -74.49 11.91
CA LEU A 52 11.89 -75.31 11.71
C LEU A 52 11.88 -76.47 12.71
N ARG A 53 10.76 -76.61 13.41
CA ARG A 53 10.67 -77.64 14.46
C ARG A 53 10.54 -79.04 13.85
N ASN A 54 9.69 -79.19 12.84
CA ASN A 54 9.45 -80.49 12.21
C ASN A 54 9.67 -80.35 10.71
N PRO A 55 10.53 -81.18 10.11
CA PRO A 55 10.73 -81.12 8.66
C PRO A 55 9.53 -81.71 7.92
N PRO A 56 9.12 -81.11 6.80
CA PRO A 56 7.99 -81.65 6.04
C PRO A 56 8.38 -82.93 5.30
N SER A 57 7.38 -83.78 5.08
CA SER A 57 7.56 -85.03 4.35
C SER A 57 6.92 -84.92 2.98
N THR A 58 7.59 -85.49 1.97
CA THR A 58 7.04 -85.46 0.62
C THR A 58 5.89 -86.44 0.46
N VAL A 59 5.88 -87.50 1.28
CA VAL A 59 4.76 -88.45 1.29
C VAL A 59 3.53 -87.79 1.90
N GLN A 60 3.70 -87.03 2.97
CA GLN A 60 2.61 -86.31 3.58
C GLN A 60 2.20 -85.11 2.72
N ASP A 61 0.94 -84.70 2.85
CA ASP A 61 0.47 -83.53 2.15
C ASP A 61 1.03 -82.26 2.79
N PHE A 62 1.47 -81.31 1.96
CA PHE A 62 2.01 -80.07 2.49
C PHE A 62 0.91 -79.18 3.05
N ASN A 63 -0.26 -79.18 2.40
CA ASN A 63 -1.33 -78.25 2.79
C ASN A 63 -2.00 -78.68 4.09
N ASP A 64 -1.92 -79.97 4.43
CA ASP A 64 -2.37 -80.42 5.74
C ASP A 64 -1.36 -80.04 6.82
N TYR A 65 -0.08 -79.97 6.45
CA TYR A 65 0.96 -79.67 7.43
C TYR A 65 1.04 -78.17 7.68
N GLU A 66 1.24 -77.81 8.95
CA GLU A 66 1.38 -76.42 9.36
C GLU A 66 2.81 -76.20 9.80
N TYR A 67 3.45 -75.17 9.25
CA TYR A 67 4.87 -74.92 9.50
C TYR A 67 5.05 -74.30 10.87
N SER A 68 5.83 -74.95 11.72
CA SER A 68 6.13 -74.47 13.07
C SER A 68 7.59 -74.06 13.15
N PHE A 69 7.83 -72.75 13.15
CA PHE A 69 9.14 -72.19 13.35
C PHE A 69 9.24 -71.63 14.76
N ASN A 70 10.32 -71.93 15.46
CA ASN A 70 10.54 -71.40 16.80
C ASN A 70 10.93 -69.92 16.68
N PHE A 71 10.46 -69.11 17.63
CA PHE A 71 10.71 -67.67 17.53
C PHE A 71 11.79 -67.23 18.52
N GLY A 72 12.04 -68.03 19.54
CA GLY A 72 13.06 -67.69 20.51
C GLY A 72 12.86 -68.46 21.79
N THR A 73 13.44 -67.94 22.86
CA THR A 73 13.37 -68.54 24.19
C THR A 73 12.82 -67.51 25.17
N LEU A 74 11.87 -67.94 26.00
CA LEU A 74 11.28 -67.06 27.02
C LEU A 74 11.93 -67.35 28.35
N ASN A 75 12.53 -66.32 28.96
CA ASN A 75 13.14 -66.43 30.27
C ASN A 75 13.05 -65.09 30.99
N ASN A 76 12.81 -65.16 32.32
CA ASN A 76 12.62 -64.02 33.22
C ASN A 76 11.51 -63.08 32.76
N GLU A 77 10.41 -63.68 32.28
CA GLU A 77 9.25 -63.02 31.65
C GLU A 77 9.65 -62.13 30.48
N TYR A 78 10.59 -62.57 29.65
CA TYR A 78 11.06 -61.81 28.50
C TYR A 78 11.19 -62.76 27.32
N ILE A 79 10.46 -62.47 26.25
CA ILE A 79 10.64 -63.21 25.00
C ILE A 79 11.85 -62.64 24.27
N THR A 80 12.89 -63.46 24.13
CA THR A 80 14.13 -63.05 23.49
C THR A 80 14.08 -63.51 22.04
N VAL A 81 14.15 -62.57 21.12
CA VAL A 81 14.12 -62.83 19.68
C VAL A 81 15.53 -62.62 19.14
N PRO A 82 16.08 -63.56 18.36
CA PRO A 82 17.42 -63.35 17.78
C PRO A 82 17.42 -62.27 16.69
N GLY A 83 18.61 -61.73 16.43
CA GLY A 83 18.71 -60.65 15.47
C GLY A 83 18.61 -61.11 14.03
N ARG A 84 18.92 -62.38 13.78
CA ARG A 84 18.82 -62.92 12.42
C ARG A 84 17.38 -63.15 12.01
N ILE A 85 16.48 -63.23 12.99
CA ILE A 85 15.06 -63.44 12.75
C ILE A 85 14.46 -62.19 12.12
N LEU A 86 14.78 -61.02 12.68
CA LEU A 86 14.31 -59.72 12.18
C LEU A 86 15.32 -59.03 11.27
N SER A 87 16.39 -59.75 10.86
CA SER A 87 17.45 -59.28 9.95
C SER A 87 18.17 -58.04 10.49
N ILE A 88 18.50 -58.05 11.78
CA ILE A 88 19.21 -56.94 12.42
C ILE A 88 20.40 -57.48 13.19
N ASN A 89 21.25 -56.55 13.66
CA ASN A 89 22.47 -56.96 14.35
C ASN A 89 22.19 -57.38 15.79
N ARG A 90 21.28 -56.68 16.47
CA ARG A 90 21.04 -56.91 17.89
C ARG A 90 19.78 -57.73 18.11
N ASP A 91 19.67 -58.30 19.30
CA ASP A 91 18.48 -59.05 19.67
C ASP A 91 17.34 -58.11 20.05
N VAL A 92 16.14 -58.67 20.15
CA VAL A 92 14.94 -57.92 20.51
C VAL A 92 14.26 -58.64 21.67
N LEU A 93 14.01 -57.92 22.76
CA LEU A 93 13.38 -58.46 23.95
C LEU A 93 11.96 -57.93 24.08
N ILE A 94 11.00 -58.85 24.15
CA ILE A 94 9.58 -58.52 24.30
C ILE A 94 9.11 -59.05 25.66
N HIS A 95 8.43 -58.20 26.42
CA HIS A 95 7.90 -58.59 27.72
C HIS A 95 6.71 -59.55 27.55
N LYS A 96 6.40 -60.29 28.63
CA LYS A 96 5.32 -61.26 28.59
C LYS A 96 3.95 -60.57 28.58
N SER A 97 3.88 -59.35 29.13
CA SER A 97 2.60 -58.64 29.19
C SER A 97 2.19 -58.10 27.84
N ILE A 98 3.14 -57.92 26.92
CA ILE A 98 2.83 -57.47 25.57
C ILE A 98 2.46 -58.69 24.73
N LYS A 99 1.30 -58.63 24.07
CA LYS A 99 0.81 -59.72 23.26
C LYS A 99 1.66 -59.90 21.99
N LEU A 100 2.08 -61.14 21.75
CA LEU A 100 2.91 -61.48 20.61
C LEU A 100 2.05 -61.48 19.35
N GLU A 101 2.37 -60.58 18.42
CA GLU A 101 1.54 -60.36 17.23
C GLU A 101 2.45 -59.88 16.10
N ARG A 102 1.95 -59.99 14.87
CA ARG A 102 2.67 -59.46 13.71
C ARG A 102 2.69 -57.93 13.74
N LYS A 103 1.64 -57.33 14.30
CA LYS A 103 1.51 -55.87 14.37
C LYS A 103 2.55 -55.24 15.31
N VAL A 104 3.05 -56.02 16.26
CA VAL A 104 4.17 -55.58 17.10
C VAL A 104 5.45 -55.45 16.27
N PHE A 105 5.68 -56.41 15.37
CA PHE A 105 6.92 -56.44 14.62
C PHE A 105 6.82 -55.69 13.30
N ALA A 106 5.61 -55.48 12.79
CA ALA A 106 5.43 -54.90 11.47
C ALA A 106 4.37 -53.81 11.47
N SER A 107 4.57 -52.82 10.62
CA SER A 107 3.58 -51.79 10.35
C SER A 107 2.70 -52.21 9.17
N GLU A 108 1.97 -51.24 8.60
CA GLU A 108 0.97 -51.56 7.59
C GLU A 108 1.62 -51.94 6.25
N ARG A 109 2.67 -51.24 5.86
CA ARG A 109 3.32 -51.48 4.58
C ARG A 109 4.47 -52.45 4.66
N ASN A 110 4.41 -53.43 5.58
CA ASN A 110 5.42 -54.44 5.88
C ASN A 110 6.79 -53.85 6.22
N VAL A 111 6.82 -52.70 6.88
CA VAL A 111 8.08 -52.13 7.33
C VAL A 111 8.42 -52.76 8.68
N SER A 112 9.71 -52.82 9.00
CA SER A 112 10.15 -53.41 10.26
C SER A 112 10.36 -52.31 11.27
N ILE A 113 9.59 -52.36 12.38
CA ILE A 113 9.72 -51.36 13.44
C ILE A 113 11.05 -51.50 14.14
N PHE A 114 11.43 -52.75 14.46
CA PHE A 114 12.71 -52.99 15.10
C PHE A 114 13.86 -52.90 14.11
N GLY A 115 13.58 -53.02 12.81
CA GLY A 115 14.61 -52.75 11.81
C GLY A 115 15.03 -51.28 11.76
N ARG A 116 14.05 -50.37 11.77
CA ARG A 116 14.37 -48.94 11.81
C ARG A 116 14.89 -48.53 13.19
N LEU A 117 14.44 -49.23 14.24
CA LEU A 117 14.93 -48.96 15.58
C LEU A 117 16.39 -49.38 15.74
N SER A 118 16.77 -50.53 15.16
CA SER A 118 18.16 -50.95 15.21
C SER A 118 19.01 -50.17 14.23
N LYS A 119 18.41 -49.60 13.19
CA LYS A 119 19.14 -48.70 12.31
C LYS A 119 19.40 -47.36 12.99
N LEU A 120 18.49 -46.94 13.87
CA LEU A 120 18.65 -45.62 14.50
C LEU A 120 19.46 -45.67 15.79
N LEU A 121 19.54 -46.82 16.45
CA LEU A 121 20.28 -46.92 17.70
C LEU A 121 21.78 -46.97 17.41
N ASP A 122 22.54 -46.12 18.10
CA ASP A 122 23.98 -46.03 17.86
C ASP A 122 24.71 -47.20 18.53
N HIS A 123 24.24 -47.64 19.68
CA HIS A 123 24.99 -48.62 20.47
C HIS A 123 24.75 -50.03 19.96
N THR A 124 25.38 -50.98 20.63
CA THR A 124 25.37 -52.40 20.32
C THR A 124 24.26 -53.14 21.08
N ASN A 125 23.79 -52.54 22.19
CA ASN A 125 22.93 -53.18 23.18
C ASN A 125 21.55 -53.50 22.60
N PRO A 126 20.93 -54.62 23.00
CA PRO A 126 19.69 -55.07 22.34
C PRO A 126 18.48 -54.22 22.70
N ILE A 127 17.45 -54.34 21.87
CA ILE A 127 16.21 -53.60 22.09
C ILE A 127 15.33 -54.34 23.08
N ILE A 128 14.98 -53.68 24.18
CA ILE A 128 14.13 -54.25 25.21
C ILE A 128 12.84 -53.43 25.26
N ILE A 129 11.70 -54.11 25.14
CA ILE A 129 10.39 -53.46 25.12
C ILE A 129 9.61 -53.95 26.33
N GLY A 130 9.26 -53.03 27.22
CA GLY A 130 8.43 -53.34 28.36
C GLY A 130 9.21 -53.94 29.52
N GLY A 131 8.58 -53.90 30.69
CA GLY A 131 9.13 -54.54 31.86
C GLY A 131 9.65 -53.59 32.92
N ASP A 132 10.49 -54.15 33.80
CA ASP A 132 10.93 -53.41 34.98
C ASP A 132 12.24 -52.68 34.73
N LYS A 133 12.86 -52.91 33.58
CA LYS A 133 14.17 -52.34 33.31
C LYS A 133 14.05 -50.85 32.95
N PRO A 134 14.99 -50.01 33.39
CA PRO A 134 14.93 -48.60 32.98
C PRO A 134 15.41 -48.37 31.55
N GLU A 135 16.14 -49.32 30.99
CA GLU A 135 16.56 -49.24 29.59
C GLU A 135 15.42 -49.63 28.66
N ALA A 136 14.39 -50.29 29.20
CA ALA A 136 13.26 -50.76 28.41
C ALA A 136 12.38 -49.62 27.93
N ILE A 137 11.95 -49.71 26.68
CA ILE A 137 10.88 -48.83 26.19
C ILE A 137 9.57 -49.23 26.86
N PRO A 138 8.82 -48.29 27.45
CA PRO A 138 7.60 -48.67 28.19
C PRO A 138 6.48 -49.12 27.26
N LYS A 139 5.50 -49.83 27.85
CA LYS A 139 4.43 -50.45 27.08
C LYS A 139 3.47 -49.41 26.51
N SER A 140 3.13 -48.38 27.30
CA SER A 140 2.26 -47.32 26.82
C SER A 140 2.97 -46.42 25.81
N VAL A 141 4.29 -46.25 25.98
CA VAL A 141 5.09 -45.46 25.05
C VAL A 141 5.23 -46.19 23.72
N PHE A 142 5.42 -47.52 23.77
CA PHE A 142 5.47 -48.32 22.55
C PHE A 142 4.11 -48.41 21.86
N GLN A 143 3.03 -48.40 22.64
CA GLN A 143 1.69 -48.41 22.04
C GLN A 143 1.35 -47.05 21.42
N GLU A 144 1.86 -45.95 22.00
CA GLU A 144 1.71 -44.64 21.38
C GLU A 144 2.54 -44.54 20.11
N LEU A 145 3.72 -45.18 20.08
CA LEU A 145 4.52 -45.27 18.87
C LEU A 145 3.82 -46.10 17.80
N GLN A 146 3.15 -47.18 18.19
CA GLN A 146 2.42 -48.01 17.23
C GLN A 146 1.17 -47.32 16.72
N SER A 147 0.53 -46.50 17.57
CA SER A 147 -0.62 -45.72 17.11
C SER A 147 -0.18 -44.57 16.23
N LYS A 148 1.05 -44.08 16.42
CA LYS A 148 1.54 -42.98 15.60
C LYS A 148 1.99 -43.43 14.21
N PHE A 149 2.22 -44.73 14.01
CA PHE A 149 2.72 -45.24 12.74
C PHE A 149 1.63 -45.16 11.67
N PRO A 150 1.99 -45.01 10.39
CA PRO A 150 0.98 -44.82 9.34
C PRO A 150 0.14 -46.07 9.06
N ASN A 151 -1.16 -45.91 9.20
CA ASN A 151 -2.14 -46.93 8.87
C ASN A 151 -2.58 -46.74 7.42
N THR A 152 -3.68 -47.41 7.05
CA THR A 152 -4.15 -47.41 5.66
C THR A 152 -4.76 -46.06 5.29
N GLY A 153 -5.32 -45.35 6.26
CA GLY A 153 -5.90 -44.05 5.98
C GLY A 153 -4.85 -42.96 5.80
N GLU A 154 -3.64 -43.19 6.31
CA GLU A 154 -2.58 -42.21 6.11
C GLU A 154 -1.99 -42.30 4.71
N LEU A 155 -1.85 -43.53 4.20
CA LEU A 155 -1.25 -43.72 2.87
C LEU A 155 -2.22 -43.33 1.76
N ASP A 156 -3.52 -43.55 1.99
CA ASP A 156 -4.54 -43.10 1.03
C ASP A 156 -4.58 -41.58 0.94
N ARG A 157 -4.49 -40.91 2.08
CA ARG A 157 -4.49 -39.45 2.10
C ARG A 157 -3.20 -38.89 1.53
N TYR A 158 -2.06 -39.57 1.77
CA TYR A 158 -0.79 -39.15 1.18
C TYR A 158 -0.78 -39.35 -0.33
N ALA A 159 -1.36 -40.45 -0.81
CA ALA A 159 -1.43 -40.73 -2.23
C ALA A 159 -2.32 -39.72 -2.95
N ASN A 160 -3.49 -39.42 -2.36
CA ASN A 160 -4.40 -38.43 -2.91
C ASN A 160 -3.80 -37.03 -2.88
N ALA A 161 -3.02 -36.71 -1.83
CA ALA A 161 -2.34 -35.43 -1.75
C ALA A 161 -1.21 -35.33 -2.77
N ARG A 162 -0.55 -36.45 -3.07
CA ARG A 162 0.55 -36.44 -4.04
C ARG A 162 0.04 -36.23 -5.46
N VAL A 163 -1.02 -36.95 -5.85
CA VAL A 163 -1.52 -36.71 -7.21
C VAL A 163 -2.43 -35.49 -7.27
N HIS A 164 -2.81 -34.94 -6.11
CA HIS A 164 -3.37 -33.59 -6.09
C HIS A 164 -2.27 -32.56 -6.32
N ALA A 165 -1.07 -32.81 -5.80
CA ALA A 165 0.02 -31.86 -5.95
C ALA A 165 0.60 -31.87 -7.35
N ILE A 166 0.57 -33.01 -8.03
CA ILE A 166 1.04 -33.06 -9.42
C ILE A 166 0.06 -32.35 -10.36
N LEU A 167 -1.24 -32.57 -10.17
CA LEU A 167 -2.25 -32.17 -11.14
C LEU A 167 -3.10 -30.99 -10.69
N ALA A 168 -2.54 -30.09 -9.88
CA ALA A 168 -3.34 -29.04 -9.22
C ALA A 168 -3.80 -27.96 -10.20
N GLY A 169 -2.91 -27.53 -11.08
CA GLY A 169 -3.25 -26.43 -11.98
C GLY A 169 -3.96 -26.87 -13.24
N TYR A 170 -4.17 -28.18 -13.39
CA TYR A 170 -4.71 -28.69 -14.65
C TYR A 170 -6.09 -29.29 -14.48
N LEU A 171 -6.44 -29.71 -13.26
CA LEU A 171 -7.77 -30.20 -12.95
C LEU A 171 -8.38 -29.30 -11.88
N ASP A 172 -9.44 -28.59 -12.24
CA ASP A 172 -10.07 -27.66 -11.31
C ASP A 172 -10.96 -28.39 -10.31
N GLY A 173 -11.53 -29.53 -10.72
CA GLY A 173 -12.56 -30.18 -9.93
C GLY A 173 -12.07 -31.17 -8.91
N MET A 174 -10.76 -31.28 -8.70
CA MET A 174 -10.25 -32.22 -7.70
C MET A 174 -10.51 -31.72 -6.29
N LYS A 175 -10.86 -32.66 -5.41
CA LYS A 175 -11.12 -32.35 -4.00
C LYS A 175 -9.83 -31.98 -3.29
N ASP A 176 -9.98 -31.22 -2.20
CA ASP A 176 -8.84 -30.71 -1.43
C ASP A 176 -8.24 -31.85 -0.60
N ALA A 177 -7.35 -32.60 -1.25
CA ALA A 177 -6.74 -33.75 -0.59
C ALA A 177 -5.51 -33.34 0.21
N ARG A 178 -4.87 -32.23 -0.18
CA ARG A 178 -3.73 -31.72 0.56
C ARG A 178 -4.15 -31.16 1.91
N GLU A 179 -5.32 -30.51 1.96
CA GLU A 179 -5.86 -29.99 3.21
C GLU A 179 -6.22 -31.13 4.16
N ARG A 180 -6.81 -32.21 3.61
CA ARG A 180 -7.19 -33.36 4.43
C ARG A 180 -5.98 -34.14 4.92
N TYR A 181 -4.96 -34.30 4.07
CA TYR A 181 -3.77 -35.05 4.48
C TYR A 181 -2.92 -34.27 5.47
N GLU A 182 -2.74 -32.97 5.24
CA GLU A 182 -1.95 -32.18 6.19
C GLU A 182 -2.73 -31.89 7.47
N HIS A 183 -4.06 -31.93 7.42
CA HIS A 183 -4.83 -31.82 8.65
C HIS A 183 -4.81 -33.13 9.42
N TYR A 184 -4.72 -34.25 8.71
CA TYR A 184 -4.59 -35.55 9.36
C TYR A 184 -3.21 -35.72 9.97
N LEU A 185 -2.18 -35.14 9.35
CA LEU A 185 -0.81 -35.33 9.83
C LEU A 185 -0.53 -34.45 11.04
N ASN A 186 -1.34 -33.41 11.26
CA ASN A 186 -1.08 -32.48 12.35
C ASN A 186 -1.45 -33.06 13.70
N ARG A 187 -2.30 -34.09 13.72
CA ARG A 187 -2.68 -34.71 14.98
C ARG A 187 -1.67 -35.77 15.41
N LYS A 188 -0.74 -36.12 14.52
CA LYS A 188 0.33 -37.07 14.80
C LYS A 188 1.65 -36.32 14.78
N THR A 189 2.00 -35.70 15.89
CA THR A 189 3.21 -34.89 15.98
C THR A 189 4.39 -35.81 16.31
N VAL A 190 5.58 -35.43 15.84
CA VAL A 190 6.76 -36.27 16.03
C VAL A 190 7.66 -35.69 17.11
N ILE A 191 7.93 -34.39 17.03
CA ILE A 191 8.84 -33.74 17.96
C ILE A 191 8.20 -33.55 19.33
N ARG A 192 9.05 -33.44 20.36
CA ARG A 192 8.63 -33.10 21.70
C ARG A 192 9.22 -31.75 22.09
N LYS A 193 8.54 -31.04 22.99
CA LYS A 193 8.98 -29.69 23.35
C LYS A 193 10.17 -29.72 24.29
N THR A 194 10.44 -30.87 24.93
CA THR A 194 11.56 -30.97 25.85
C THR A 194 12.88 -31.13 25.10
N ASP A 195 12.83 -31.55 23.84
CA ASP A 195 14.03 -31.82 23.06
C ASP A 195 14.51 -30.62 22.26
N LYS A 196 13.91 -29.45 22.43
CA LYS A 196 14.16 -28.33 21.53
C LYS A 196 15.53 -27.71 21.77
N LEU A 197 16.03 -27.00 20.78
CA LEU A 197 17.40 -26.50 20.80
C LEU A 197 17.50 -25.25 21.67
N ASP A 198 18.45 -25.26 22.59
CA ASP A 198 18.68 -24.15 23.51
C ASP A 198 19.72 -23.23 22.90
N LEU A 199 19.27 -22.09 22.37
CA LEU A 199 20.14 -21.12 21.72
C LEU A 199 20.42 -19.92 22.63
N GLU A 200 20.60 -20.19 23.93
CA GLU A 200 20.86 -19.14 24.91
C GLU A 200 22.23 -18.51 24.71
N VAL A 201 23.21 -19.31 24.29
CA VAL A 201 24.58 -18.82 24.14
C VAL A 201 24.69 -17.96 22.88
N LEU A 202 23.98 -18.37 21.82
CA LEU A 202 23.89 -17.56 20.59
C LEU A 202 23.16 -16.25 20.83
N ASN A 203 22.13 -16.27 21.68
CA ASN A 203 21.36 -15.06 21.93
C ASN A 203 22.11 -14.08 22.81
N LYS A 204 23.09 -14.57 23.59
CA LYS A 204 23.93 -13.68 24.37
C LYS A 204 24.92 -12.94 23.49
N LEU A 205 25.33 -13.57 22.38
CA LEU A 205 26.22 -12.91 21.42
C LEU A 205 25.48 -11.81 20.66
N GLU A 206 24.19 -12.03 20.38
CA GLU A 206 23.38 -10.99 19.74
C GLU A 206 23.10 -9.85 20.72
N ILE A 207 22.98 -10.18 22.02
CA ILE A 207 22.85 -9.18 23.08
C ILE A 207 24.12 -8.33 23.16
N GLU A 208 25.28 -8.98 23.07
CA GLU A 208 26.57 -8.27 23.09
C GLU A 208 26.76 -7.42 21.85
N LYS A 209 26.31 -7.91 20.69
CA LYS A 209 26.40 -7.16 19.43
C LYS A 209 25.53 -5.91 19.45
N TYR A 210 24.26 -6.05 19.83
CA TYR A 210 23.35 -4.92 19.83
C TYR A 210 23.67 -3.96 20.99
N THR A 211 24.25 -4.49 22.08
CA THR A 211 24.70 -3.65 23.18
C THR A 211 25.91 -2.81 22.78
N LEU A 212 26.84 -3.41 22.04
CA LEU A 212 28.02 -2.69 21.53
C LEU A 212 27.62 -1.61 20.53
N ILE A 213 26.68 -1.92 19.64
CA ILE A 213 26.20 -0.95 18.64
C ILE A 213 25.43 0.18 19.33
N ARG A 214 24.60 -0.15 20.32
CA ARG A 214 23.82 0.85 21.07
C ARG A 214 24.72 1.76 21.90
N ASP A 215 25.78 1.20 22.50
CA ASP A 215 26.71 2.00 23.29
C ASP A 215 27.56 2.92 22.41
N ILE A 216 27.96 2.44 21.22
CA ILE A 216 28.74 3.27 20.30
C ILE A 216 27.89 4.41 19.73
N ILE A 217 26.62 4.12 19.40
CA ILE A 217 25.71 5.14 18.87
C ILE A 217 25.35 6.16 19.95
N GLN A 218 25.15 5.70 21.19
CA GLN A 218 24.81 6.61 22.29
C GLN A 218 26.01 7.47 22.71
N ASP A 219 27.22 6.90 22.64
CA ASP A 219 28.41 7.70 22.91
C ASP A 219 28.71 8.67 21.78
N ALA A 220 28.28 8.34 20.56
CA ALA A 220 28.39 9.31 19.47
C ALA A 220 27.37 10.43 19.63
N LEU A 221 26.19 10.10 20.17
CA LEU A 221 25.18 11.13 20.41
C LEU A 221 25.59 12.05 21.56
N ASN A 222 26.28 11.51 22.56
CA ASN A 222 26.69 12.35 23.69
C ASN A 222 27.92 13.20 23.37
N ASN A 223 28.91 12.63 22.67
CA ASN A 223 30.20 13.37 22.51
C ASN A 223 30.61 13.63 21.05
N LYS A 224 29.99 12.99 20.06
CA LYS A 224 30.48 13.14 18.66
C LYS A 224 29.61 14.15 17.90
N THR A 225 28.85 14.97 18.61
CA THR A 225 27.99 16.01 17.97
C THR A 225 28.90 16.96 17.16
N ASN A 226 30.09 17.26 17.67
CA ASN A 226 31.05 18.17 16.99
C ASN A 226 31.46 17.58 15.63
N LEU A 227 31.49 16.25 15.49
CA LEU A 227 31.97 15.61 14.23
C LEU A 227 31.13 16.05 13.04
N SER A 228 31.76 16.23 11.87
CA SER A 228 31.06 16.69 10.64
C SER A 228 30.05 15.64 10.16
N GLU A 229 29.36 15.93 9.05
CA GLU A 229 28.32 15.03 8.57
C GLU A 229 28.92 13.81 7.85
N ASP A 230 30.00 14.03 7.08
CA ASP A 230 30.60 12.95 6.30
C ASP A 230 31.27 11.93 7.21
N ASP A 231 31.88 12.38 8.31
CA ASP A 231 32.52 11.44 9.22
C ASP A 231 31.52 10.89 10.23
N TRP A 232 30.38 11.55 10.41
CA TRP A 232 29.25 10.89 11.08
C TRP A 232 28.72 9.73 10.24
N GLN A 233 28.65 9.93 8.92
CA GLN A 233 28.30 8.84 8.02
C GLN A 233 29.36 7.74 8.04
N SER A 234 30.64 8.11 8.11
CA SER A 234 31.71 7.13 8.16
C SER A 234 31.74 6.40 9.51
N LEU A 235 31.24 7.04 10.56
CA LEU A 235 31.06 6.35 11.84
C LEU A 235 29.90 5.36 11.75
N MET A 236 28.83 5.73 11.06
CA MET A 236 27.65 4.87 11.04
C MET A 236 27.66 3.82 9.93
N ILE A 237 28.60 3.87 8.98
CA ILE A 237 28.67 2.83 7.93
C ILE A 237 28.94 1.41 8.42
N PRO A 238 29.89 1.11 9.34
CA PRO A 238 30.07 -0.31 9.72
C PRO A 238 28.96 -0.92 10.57
N PHE A 239 27.98 -0.15 11.02
CA PHE A 239 26.86 -0.70 11.76
C PHE A 239 25.57 -0.75 10.95
N ILE A 240 25.57 -0.27 9.70
CA ILE A 240 24.35 -0.23 8.90
C ILE A 240 23.93 -1.64 8.48
N THR A 241 24.91 -2.47 8.12
CA THR A 241 24.65 -3.87 7.77
C THR A 241 24.18 -4.67 9.00
N LEU A 242 24.72 -4.35 10.18
CA LEU A 242 24.34 -5.08 11.39
C LEU A 242 22.96 -4.66 11.91
N LEU A 243 22.63 -3.36 11.82
CA LEU A 243 21.29 -2.92 12.22
C LEU A 243 20.23 -3.33 11.22
N PHE A 244 20.56 -3.34 9.93
CA PHE A 244 19.64 -3.76 8.88
C PHE A 244 20.25 -4.94 8.15
N PRO A 245 20.00 -6.18 8.62
CA PRO A 245 20.66 -7.34 8.00
C PRO A 245 20.00 -7.84 6.72
N LYS A 246 18.98 -7.15 6.22
CA LYS A 246 18.49 -7.40 4.87
C LYS A 246 19.54 -7.02 3.84
N TYR A 247 20.29 -5.96 4.11
CA TYR A 247 21.29 -5.43 3.18
C TYR A 247 22.65 -6.05 3.49
N ILE A 248 23.32 -6.55 2.46
CA ILE A 248 24.56 -7.29 2.63
C ILE A 248 25.81 -6.50 2.21
N LYS A 249 25.64 -5.37 1.53
CA LYS A 249 26.77 -4.63 1.00
C LYS A 249 26.49 -3.13 1.10
N VAL A 250 27.49 -2.40 1.60
CA VAL A 250 27.41 -0.95 1.73
C VAL A 250 28.28 -0.33 0.65
N LEU A 251 27.68 0.48 -0.21
CA LEU A 251 28.38 1.13 -1.31
C LEU A 251 28.40 2.64 -1.08
N GLU A 252 29.56 3.25 -1.30
CA GLU A 252 29.75 4.66 -1.06
C GLU A 252 30.08 5.37 -2.37
N LYS A 253 29.52 6.59 -2.52
CA LYS A 253 29.67 7.48 -3.68
C LYS A 253 29.25 6.80 -4.99
N VAL A 254 28.00 6.34 -5.03
CA VAL A 254 27.48 5.67 -6.21
C VAL A 254 27.04 6.69 -7.25
N LYS A 255 27.72 6.69 -8.39
CA LYS A 255 27.43 7.62 -9.48
C LYS A 255 26.20 7.13 -10.24
N ILE A 256 25.13 7.91 -10.19
CA ILE A 256 23.93 7.62 -10.97
C ILE A 256 23.75 8.73 -11.99
N PHE A 257 22.95 8.44 -13.01
CA PHE A 257 22.82 9.32 -14.17
C PHE A 257 21.49 10.03 -14.08
N ASP A 258 21.51 11.34 -14.33
CA ASP A 258 20.33 12.19 -14.22
C ASP A 258 20.02 12.81 -15.59
N TYR A 259 18.78 12.68 -16.03
CA TYR A 259 18.35 13.17 -17.32
C TYR A 259 17.23 14.21 -17.26
N TYR A 260 16.76 14.56 -16.07
CA TYR A 260 15.58 15.43 -15.97
C TYR A 260 15.94 16.87 -15.64
N SER A 261 17.02 17.10 -14.89
CA SER A 261 17.39 18.46 -14.54
C SER A 261 17.97 19.20 -15.72
N ASN A 262 18.66 18.47 -16.60
CA ASN A 262 19.19 19.07 -17.84
C ASN A 262 18.76 18.18 -19.00
N PRO A 263 17.73 18.54 -19.78
CA PRO A 263 17.28 17.74 -20.91
C PRO A 263 18.38 17.63 -21.98
N SER A 264 19.11 18.73 -22.23
CA SER A 264 20.14 18.73 -23.31
C SER A 264 21.29 17.75 -23.01
N ALA A 265 21.77 17.67 -21.77
CA ALA A 265 22.94 16.81 -21.48
C ALA A 265 22.75 16.06 -20.16
N LYS A 266 23.41 14.90 -20.03
CA LYS A 266 23.27 14.07 -18.79
C LYS A 266 24.18 14.61 -17.68
N THR A 267 23.64 14.75 -16.46
CA THR A 267 24.41 15.17 -15.31
C THR A 267 24.61 13.98 -14.38
N ASN A 268 25.79 13.92 -13.75
CA ASN A 268 26.06 12.86 -12.78
C ASN A 268 25.55 13.25 -11.41
N ARG A 269 24.87 12.33 -10.74
CA ARG A 269 24.43 12.50 -9.36
C ARG A 269 25.06 11.38 -8.54
N PHE A 270 25.34 11.67 -7.27
CA PHE A 270 26.09 10.76 -6.42
C PHE A 270 25.30 10.46 -5.16
N ILE A 271 24.82 9.22 -5.04
CA ILE A 271 24.24 8.72 -3.80
C ILE A 271 25.38 8.57 -2.80
N ASP A 272 25.18 9.08 -1.58
CA ASP A 272 26.23 9.06 -0.58
C ASP A 272 26.49 7.64 -0.06
N ILE A 273 25.48 7.02 0.53
CA ILE A 273 25.54 5.62 0.95
C ILE A 273 24.41 4.87 0.25
N ALA A 274 24.72 3.74 -0.37
CA ALA A 274 23.73 2.91 -1.03
C ALA A 274 23.89 1.46 -0.60
N LEU A 275 22.78 0.74 -0.57
CA LEU A 275 22.70 -0.58 0.03
C LEU A 275 22.23 -1.61 -0.97
N VAL A 276 22.82 -2.80 -0.93
CA VAL A 276 22.51 -3.89 -1.85
C VAL A 276 21.88 -5.02 -1.05
N ASP A 277 20.75 -5.53 -1.54
CA ASP A 277 20.08 -6.69 -0.96
C ASP A 277 20.87 -7.97 -1.21
N ALA A 278 20.38 -9.07 -0.61
CA ALA A 278 20.93 -10.38 -0.92
C ALA A 278 20.40 -10.87 -2.26
N ASN A 279 19.27 -10.34 -2.72
CA ASN A 279 18.79 -10.62 -4.06
C ASN A 279 19.47 -9.74 -5.11
N GLY A 280 20.04 -8.61 -4.71
CA GLY A 280 20.60 -7.65 -5.64
C GLY A 280 19.83 -6.36 -5.79
N ASN A 281 18.78 -6.15 -5.02
CA ASN A 281 18.03 -4.91 -5.11
C ASN A 281 18.79 -3.78 -4.42
N LEU A 282 18.82 -2.62 -5.07
CA LEU A 282 19.59 -1.49 -4.59
C LEU A 282 18.69 -0.54 -3.80
N ASP A 283 19.17 -0.13 -2.62
CA ASP A 283 18.45 0.80 -1.76
C ASP A 283 19.38 1.94 -1.36
N ILE A 284 18.82 2.92 -0.66
CA ILE A 284 19.52 4.13 -0.24
C ILE A 284 19.33 4.25 1.27
N ILE A 285 20.40 4.58 1.99
CA ILE A 285 20.27 5.01 3.39
C ILE A 285 20.79 6.45 3.49
N GLU A 286 20.03 7.30 4.16
CA GLU A 286 20.37 8.71 4.36
C GLU A 286 20.69 8.92 5.84
N VAL A 287 21.98 8.86 6.17
CA VAL A 287 22.41 9.12 7.54
C VAL A 287 22.71 10.59 7.71
N LYS A 288 21.98 11.26 8.59
CA LYS A 288 22.07 12.69 8.77
C LYS A 288 22.59 13.01 10.18
N LYS A 289 23.01 14.26 10.35
CA LYS A 289 23.47 14.72 11.66
C LYS A 289 22.30 14.89 12.61
N PRO A 290 22.40 14.43 13.85
CA PRO A 290 21.30 14.61 14.81
C PRO A 290 21.23 16.05 15.32
N PHE A 291 20.00 16.53 15.48
CA PHE A 291 19.73 17.83 16.06
C PHE A 291 18.55 17.70 17.00
N ASP A 292 18.31 18.75 17.80
CA ASP A 292 17.35 18.68 18.89
C ASP A 292 15.91 18.69 18.39
N ASP A 293 15.62 19.54 17.39
CA ASP A 293 14.30 19.62 16.80
C ASP A 293 14.45 19.71 15.28
N LYS A 294 14.43 18.54 14.63
CA LYS A 294 14.47 18.47 13.18
C LYS A 294 13.53 17.41 12.62
N ILE A 295 12.49 17.05 13.36
CA ILE A 295 11.41 16.21 12.85
C ILE A 295 10.11 17.00 12.73
N LEU A 296 9.72 17.67 13.81
CA LEU A 296 8.50 18.45 13.88
C LEU A 296 8.83 19.93 13.78
N ARG A 297 7.89 20.72 13.29
CA ARG A 297 8.13 22.15 13.13
C ARG A 297 7.74 22.95 14.36
N LYS A 298 7.32 22.28 15.44
CA LYS A 298 7.01 22.67 16.82
C LYS A 298 5.81 23.63 16.94
N THR A 299 5.17 24.04 15.85
CA THR A 299 3.93 24.79 15.88
C THR A 299 3.01 24.18 14.84
N PRO A 300 1.76 23.84 15.20
CA PRO A 300 0.85 23.20 14.24
C PRO A 300 0.35 24.19 13.21
N TYR A 301 0.02 23.70 12.02
CA TYR A 301 -0.40 24.58 10.94
C TYR A 301 -1.92 24.74 10.90
N ARG A 302 -2.65 23.63 10.96
CA ARG A 302 -4.11 23.65 10.99
C ARG A 302 -4.56 22.69 12.09
N ASP A 303 -3.98 22.89 13.28
CA ASP A 303 -3.91 21.98 14.44
C ASP A 303 -3.26 20.65 14.07
N ASN A 304 -2.29 20.67 13.15
CA ASN A 304 -1.57 19.50 12.70
C ASN A 304 -0.10 19.84 12.61
N TYR A 305 0.74 19.06 13.30
CA TYR A 305 2.17 19.32 13.28
C TYR A 305 2.78 18.82 11.97
N ILE A 306 3.39 19.75 11.24
CA ILE A 306 3.88 19.51 9.88
C ILE A 306 5.37 19.20 9.96
N PRO A 307 5.94 18.45 9.00
CA PRO A 307 7.40 18.21 9.02
C PRO A 307 8.18 19.47 8.70
N THR A 308 9.40 19.53 9.25
CA THR A 308 10.24 20.71 9.13
C THR A 308 10.94 20.73 7.78
N SER A 309 11.72 21.81 7.55
CA SER A 309 12.41 22.00 6.28
C SER A 309 13.58 21.03 6.13
N GLU A 310 14.23 20.68 7.25
CA GLU A 310 15.38 19.80 7.22
C GLU A 310 14.99 18.37 6.84
N LEU A 311 13.92 17.87 7.47
CA LEU A 311 13.42 16.53 7.18
C LEU A 311 12.84 16.45 5.78
N SER A 312 12.13 17.48 5.34
CA SER A 312 11.56 17.51 3.98
C SER A 312 12.65 17.59 2.92
N GLY A 313 13.75 18.29 3.22
CA GLY A 313 14.90 18.28 2.33
C GLY A 313 15.59 16.93 2.24
N GLY A 314 15.66 16.21 3.36
CA GLY A 314 16.20 14.85 3.33
C GLY A 314 15.34 13.87 2.55
N ILE A 315 14.01 13.96 2.73
CA ILE A 315 13.06 13.15 1.95
C ILE A 315 13.15 13.50 0.47
N MET A 316 13.32 14.80 0.14
CA MET A 316 13.41 15.22 -1.25
C MET A 316 14.70 14.77 -1.92
N GLN A 317 15.80 14.71 -1.16
CA GLN A 317 17.06 14.21 -1.71
C GLN A 317 17.01 12.69 -1.94
N ALA A 318 16.38 11.96 -1.01
CA ALA A 318 16.18 10.52 -1.21
C ALA A 318 15.21 10.24 -2.36
N GLU A 319 14.24 11.14 -2.58
CA GLU A 319 13.31 10.96 -3.69
C GLU A 319 13.95 11.32 -5.04
N LYS A 320 14.92 12.27 -5.05
CA LYS A 320 15.81 12.44 -6.21
C LYS A 320 16.57 11.16 -6.55
N TYR A 321 17.13 10.51 -5.53
CA TYR A 321 17.93 9.30 -5.78
C TYR A 321 17.07 8.15 -6.27
N ILE A 322 15.86 8.00 -5.69
CA ILE A 322 14.92 6.96 -6.10
C ILE A 322 14.37 7.23 -7.49
N PHE A 323 14.08 8.50 -7.81
CA PHE A 323 13.56 8.88 -9.12
C PHE A 323 14.58 8.67 -10.23
N HIS A 324 15.85 9.03 -9.97
CA HIS A 324 16.87 8.87 -10.99
C HIS A 324 17.27 7.41 -11.16
N LEU A 325 17.17 6.62 -10.08
CA LEU A 325 17.40 5.18 -10.21
C LEU A 325 16.28 4.50 -10.98
N SER A 326 15.04 4.94 -10.79
CA SER A 326 13.92 4.36 -11.52
C SER A 326 13.90 4.80 -12.97
N LYS A 327 14.32 6.04 -13.25
CA LYS A 327 14.35 6.52 -14.62
C LYS A 327 15.58 6.01 -15.36
N TRP A 328 16.59 5.54 -14.63
CA TRP A 328 17.80 5.01 -15.25
C TRP A 328 17.54 3.69 -15.96
N GLY A 329 16.74 2.81 -15.36
CA GLY A 329 16.22 1.66 -16.08
C GLY A 329 17.16 0.48 -16.10
N VAL A 330 17.12 -0.27 -17.21
CA VAL A 330 17.92 -1.50 -17.33
C VAL A 330 19.38 -1.15 -17.60
N LYS A 331 19.62 -0.01 -18.25
CA LYS A 331 20.99 0.46 -18.53
C LYS A 331 21.70 0.84 -17.24
N GLY A 332 20.93 1.30 -16.25
CA GLY A 332 21.48 1.51 -14.92
C GLY A 332 21.86 0.24 -14.21
N GLU A 333 21.11 -0.83 -14.45
CA GLU A 333 21.44 -2.13 -13.86
C GLU A 333 22.72 -2.70 -14.46
N LYS A 334 22.90 -2.56 -15.78
CA LYS A 334 24.16 -2.98 -16.40
C LYS A 334 25.33 -2.07 -15.99
N GLU A 335 25.08 -0.77 -15.82
CA GLU A 335 26.14 0.16 -15.43
C GLU A 335 26.58 -0.06 -13.99
N LEU A 336 25.63 -0.27 -13.08
CA LEU A 336 25.98 -0.50 -11.69
C LEU A 336 26.56 -1.90 -11.47
N THR A 337 26.12 -2.88 -12.27
CA THR A 337 26.71 -4.21 -12.21
C THR A 337 28.14 -4.20 -12.75
N ASN A 338 28.39 -3.41 -13.80
CA ASN A 338 29.75 -3.30 -14.35
C ASN A 338 30.65 -2.51 -13.41
N ALA A 339 30.09 -1.51 -12.71
CA ALA A 339 30.90 -0.69 -11.81
C ALA A 339 31.19 -1.42 -10.50
N TYR A 340 30.28 -2.26 -10.04
CA TYR A 340 30.42 -2.91 -8.74
C TYR A 340 30.39 -4.43 -8.82
N LYS A 341 31.09 -5.02 -9.79
CA LYS A 341 31.13 -6.48 -9.87
C LYS A 341 32.13 -7.06 -8.88
N ASN A 342 33.22 -6.35 -8.61
CA ASN A 342 34.25 -6.89 -7.73
C ASN A 342 33.88 -6.76 -6.26
N SER A 343 33.06 -5.75 -5.94
CA SER A 343 32.65 -5.55 -4.55
C SER A 343 31.57 -6.55 -4.15
N LEU A 344 30.73 -6.94 -5.10
CA LEU A 344 29.64 -7.87 -4.82
C LEU A 344 30.18 -9.30 -4.76
N PRO A 345 29.43 -10.23 -4.14
CA PRO A 345 29.76 -11.65 -4.27
C PRO A 345 29.51 -12.18 -5.68
N ALA A 346 30.02 -13.38 -5.95
CA ALA A 346 29.93 -13.99 -7.27
C ALA A 346 28.50 -14.42 -7.59
N GLY A 347 28.07 -14.15 -8.82
CA GLY A 347 26.74 -14.46 -9.27
C GLY A 347 25.69 -13.41 -8.93
N MET A 348 26.11 -12.20 -8.58
CA MET A 348 25.21 -11.17 -8.07
C MET A 348 25.22 -9.99 -9.03
N CYS A 349 24.04 -9.45 -9.32
CA CYS A 349 23.88 -8.30 -10.18
C CYS A 349 23.00 -7.26 -9.49
N ILE A 350 23.31 -5.99 -9.69
CA ILE A 350 22.52 -4.93 -9.07
C ILE A 350 21.26 -4.73 -9.90
N ARG A 351 20.10 -4.86 -9.25
CA ARG A 351 18.80 -4.69 -9.89
C ARG A 351 18.11 -3.49 -9.28
N ILE A 352 17.61 -2.59 -10.11
CA ILE A 352 16.82 -1.46 -9.63
C ILE A 352 15.35 -1.83 -9.82
N SER A 353 14.77 -2.48 -8.81
CA SER A 353 13.39 -2.90 -8.83
C SER A 353 12.67 -2.27 -7.66
N ASN A 354 12.06 -1.11 -7.91
CA ASN A 354 11.42 -0.26 -6.91
C ASN A 354 12.32 0.07 -5.71
N PRO A 355 13.29 0.97 -5.87
CA PRO A 355 14.21 1.28 -4.77
C PRO A 355 13.55 2.13 -3.70
N LYS A 356 13.90 1.88 -2.45
CA LYS A 356 13.35 2.57 -1.31
C LYS A 356 14.47 3.23 -0.50
N ALA A 357 14.08 4.01 0.51
CA ALA A 357 15.04 4.78 1.29
C ALA A 357 14.80 4.62 2.78
N ILE A 358 15.88 4.67 3.55
CA ILE A 358 15.86 4.68 5.01
C ILE A 358 16.55 5.97 5.46
N ILE A 359 15.87 6.79 6.25
CA ILE A 359 16.44 8.05 6.69
C ILE A 359 16.55 8.05 8.21
N ILE A 360 17.78 8.21 8.70
CA ILE A 360 18.07 8.49 10.11
C ILE A 360 18.36 9.98 10.20
N VAL A 361 17.50 10.73 10.89
CA VAL A 361 17.52 12.18 10.76
C VAL A 361 18.07 12.85 12.01
N GLY A 362 17.31 12.81 13.11
CA GLY A 362 17.73 13.54 14.33
C GLY A 362 16.91 13.16 15.54
N ARG A 363 17.35 13.50 16.75
CA ARG A 363 16.68 13.05 18.00
C ARG A 363 15.22 13.54 18.09
N ASP A 364 14.30 12.65 18.45
CA ASP A 364 12.86 13.00 18.60
C ASP A 364 12.63 13.93 19.79
N GLN A 365 13.33 13.71 20.91
CA GLN A 365 13.12 14.51 22.16
C GLN A 365 11.72 14.25 22.72
N ILE A 366 11.38 12.98 22.98
CA ILE A 366 10.06 12.61 23.56
C ILE A 366 10.06 12.76 25.08
N ALA A 367 10.91 12.03 25.79
CA ALA A 367 10.91 12.03 27.26
C ALA A 367 11.34 13.39 27.80
N ASN A 368 12.23 14.08 27.07
CA ASN A 368 12.61 15.43 27.47
C ASN A 368 11.50 16.44 27.16
N GLY A 369 10.81 16.25 26.03
CA GLY A 369 9.81 17.22 25.62
C GLY A 369 8.50 17.09 26.37
N ASN A 370 8.17 15.86 26.79
CA ASN A 370 6.86 15.46 27.35
C ASN A 370 5.70 15.88 26.43
N MET A 371 5.78 15.44 25.18
CA MET A 371 4.82 15.87 24.16
C MET A 371 3.47 15.18 24.35
N THR A 372 2.43 15.87 23.88
CA THR A 372 1.07 15.35 23.98
C THR A 372 0.86 14.21 22.99
N ASP A 373 -0.23 13.45 23.21
CA ASP A 373 -0.50 12.26 22.40
C ASP A 373 -0.89 12.61 20.97
N GLY A 374 -1.45 13.82 20.78
CA GLY A 374 -1.63 14.34 19.44
C GLY A 374 -0.31 14.62 18.74
N GLN A 375 0.69 15.06 19.50
CA GLN A 375 1.99 15.39 18.90
C GLN A 375 2.75 14.13 18.51
N LEU A 376 2.66 13.06 19.31
CA LEU A 376 3.23 11.78 18.89
C LEU A 376 2.41 11.15 17.78
N LEU A 377 1.10 11.45 17.71
CA LEU A 377 0.28 10.99 16.59
C LEU A 377 0.71 11.62 15.27
N ASP A 378 0.92 12.95 15.30
CA ASP A 378 1.44 13.69 14.15
C ASP A 378 2.85 13.20 13.79
N PHE A 379 3.64 12.83 14.81
CA PHE A 379 4.99 12.32 14.62
C PHE A 379 5.02 10.99 13.88
N GLU A 380 4.24 10.00 14.34
CA GLU A 380 4.24 8.68 13.67
C GLU A 380 3.55 8.73 12.31
N ILE A 381 2.59 9.65 12.13
CA ILE A 381 1.99 9.85 10.81
C ILE A 381 3.02 10.46 9.84
N ILE A 382 3.92 11.32 10.35
CA ILE A 382 5.06 11.81 9.57
C ILE A 382 6.02 10.67 9.20
N LYS A 383 6.28 9.74 10.15
CA LYS A 383 7.19 8.61 9.86
C LYS A 383 6.60 7.65 8.83
N ARG A 384 5.29 7.50 8.78
CA ARG A 384 4.70 6.61 7.77
C ARG A 384 3.96 7.35 6.66
N LYS A 385 4.27 8.63 6.42
CA LYS A 385 3.54 9.40 5.41
C LYS A 385 3.95 9.05 3.98
N TYR A 386 5.23 8.84 3.73
CA TYR A 386 5.79 8.89 2.38
C TYR A 386 5.84 7.49 1.75
N ALA A 387 5.73 7.46 0.42
CA ALA A 387 5.59 6.19 -0.29
C ALA A 387 6.90 5.44 -0.39
N ASN A 388 7.98 6.14 -0.74
CA ASN A 388 9.22 5.45 -1.10
C ASN A 388 10.17 5.36 0.08
N MET A 389 9.73 5.77 1.27
CA MET A 389 10.51 5.58 2.49
C MET A 389 9.91 4.42 3.26
N ILE A 390 10.64 3.30 3.32
CA ILE A 390 10.17 2.14 4.06
C ILE A 390 10.21 2.38 5.56
N ASP A 391 11.27 3.01 6.05
CA ASP A 391 11.49 3.15 7.49
C ASP A 391 12.24 4.44 7.77
N ILE A 392 11.50 5.45 8.20
CA ILE A 392 12.04 6.71 8.71
C ILE A 392 12.20 6.51 10.21
N LEU A 393 13.33 6.97 10.76
CA LEU A 393 13.61 6.77 12.18
C LEU A 393 14.49 7.90 12.68
N THR A 394 14.46 8.13 13.99
CA THR A 394 15.39 9.05 14.61
C THR A 394 16.53 8.25 15.25
N TYR A 395 17.46 8.96 15.88
CA TYR A 395 18.54 8.28 16.58
C TYR A 395 18.05 7.76 17.92
N ASP A 396 17.14 8.49 18.58
CA ASP A 396 16.52 7.98 19.80
C ASP A 396 15.58 6.83 19.50
N ASP A 397 14.94 6.85 18.32
CA ASP A 397 14.14 5.71 17.88
C ASP A 397 15.02 4.51 17.59
N LEU A 398 16.22 4.74 17.05
CA LEU A 398 17.20 3.68 16.82
C LEU A 398 17.66 3.06 18.14
N LEU A 399 17.87 3.90 19.16
CA LEU A 399 18.23 3.39 20.49
C LEU A 399 17.06 2.64 21.12
N ARG A 400 15.82 3.05 20.82
CA ARG A 400 14.64 2.38 21.37
C ARG A 400 14.44 1.01 20.71
N ARG A 401 14.64 0.91 19.39
CA ARG A 401 14.59 -0.40 18.72
C ARG A 401 15.73 -1.31 19.14
N LEU A 402 16.91 -0.74 19.41
CA LEU A 402 18.03 -1.54 19.94
C LEU A 402 17.74 -2.06 21.34
N ASN A 403 17.13 -1.22 22.19
CA ASN A 403 16.80 -1.64 23.55
C ASN A 403 15.67 -2.68 23.56
N ASN A 404 14.71 -2.56 22.63
CA ASN A 404 13.65 -3.55 22.52
C ASN A 404 14.19 -4.88 22.00
N THR A 405 15.16 -4.83 21.07
CA THR A 405 15.79 -6.06 20.58
C THR A 405 16.62 -6.74 21.66
N ILE A 406 17.32 -5.95 22.50
CA ILE A 406 18.11 -6.51 23.61
C ILE A 406 17.19 -7.12 24.67
N GLU A 407 16.09 -6.44 25.01
CA GLU A 407 15.16 -6.97 26.00
C GLU A 407 14.38 -8.17 25.48
N ALA A 408 14.22 -8.27 24.16
CA ALA A 408 13.61 -9.48 23.58
C ALA A 408 14.58 -10.64 23.57
N LEU A 409 15.86 -10.38 23.28
CA LEU A 409 16.84 -11.46 23.22
C LEU A 409 17.22 -11.95 24.60
N LYS A 410 17.00 -11.12 25.63
CA LYS A 410 17.15 -11.58 27.00
C LYS A 410 16.10 -12.61 27.38
N GLY A 411 14.87 -12.43 26.90
CA GLY A 411 13.81 -13.38 27.18
C GLY A 411 12.47 -12.99 26.59
N MET B 4 0.55 -60.52 -21.30
CA MET B 4 1.02 -59.65 -22.42
C MET B 4 -0.19 -58.95 -23.04
N LEU B 5 -0.19 -57.61 -23.04
CA LEU B 5 -1.30 -56.84 -23.64
C LEU B 5 -0.76 -55.98 -24.79
N GLN B 6 -1.39 -56.05 -25.96
CA GLN B 6 -0.94 -55.27 -27.14
C GLN B 6 -2.12 -54.44 -27.65
N PHE B 7 -1.87 -53.20 -28.08
CA PHE B 7 -2.95 -52.34 -28.54
C PHE B 7 -2.79 -52.08 -30.04
N SER B 8 -3.91 -52.09 -30.76
CA SER B 8 -3.90 -51.89 -32.21
C SER B 8 -5.10 -51.06 -32.65
N PHE B 9 -4.95 -50.41 -33.79
CA PHE B 9 -5.95 -49.50 -34.35
C PHE B 9 -6.50 -50.08 -35.65
N VAL B 10 -7.69 -50.65 -35.60
CA VAL B 10 -8.45 -50.96 -36.83
C VAL B 10 -9.73 -50.12 -36.79
N SER B 11 -10.02 -49.47 -37.93
CA SER B 11 -11.19 -48.60 -38.19
C SER B 11 -11.36 -47.47 -37.18
N ASN B 12 -12.57 -47.32 -36.64
CA ASN B 12 -12.82 -46.30 -35.62
C ASN B 12 -12.53 -46.84 -34.21
N ASP B 13 -12.92 -48.08 -33.92
CA ASP B 13 -12.91 -48.60 -32.57
C ASP B 13 -11.54 -49.15 -32.18
N VAL B 14 -11.03 -48.72 -31.02
CA VAL B 14 -9.73 -49.18 -30.58
C VAL B 14 -9.86 -50.59 -30.00
N VAL B 15 -9.05 -51.51 -30.50
CA VAL B 15 -9.08 -52.90 -30.09
C VAL B 15 -7.78 -53.19 -29.33
N MET B 16 -7.80 -54.22 -28.49
CA MET B 16 -6.59 -54.76 -27.90
C MET B 16 -6.77 -56.27 -27.75
N THR B 17 -5.66 -57.00 -27.84
CA THR B 17 -5.69 -58.45 -27.84
C THR B 17 -5.03 -58.98 -26.58
N TYR B 18 -5.76 -59.84 -25.85
CA TYR B 18 -5.27 -60.43 -24.61
C TYR B 18 -4.47 -61.69 -24.95
N ASP B 19 -3.15 -61.56 -24.97
CA ASP B 19 -2.26 -62.70 -25.16
C ASP B 19 -1.88 -63.25 -23.79
N GLY B 20 -2.66 -64.21 -23.31
CA GLY B 20 -2.45 -64.72 -21.97
C GLY B 20 -1.30 -65.70 -21.90
N ASP B 21 -0.93 -66.09 -20.68
CA ASP B 21 0.25 -67.00 -20.51
C ASP B 21 -0.10 -68.39 -21.05
N SER B 22 0.89 -69.10 -21.60
CA SER B 22 0.65 -70.48 -22.08
C SER B 22 0.26 -71.37 -20.89
N GLY B 23 0.93 -71.21 -19.75
CA GLY B 23 0.56 -71.97 -18.53
C GLY B 23 -0.83 -71.59 -18.06
N GLU B 24 -1.17 -70.29 -18.11
CA GLU B 24 -2.52 -69.83 -17.72
C GLU B 24 -3.54 -70.41 -18.70
N GLN B 25 -4.72 -70.79 -18.21
CA GLN B 25 -5.77 -71.26 -19.16
C GLN B 25 -6.53 -70.03 -19.65
N ILE B 26 -6.50 -69.78 -20.97
CA ILE B 26 -7.20 -68.60 -21.57
C ILE B 26 -8.71 -68.82 -21.41
N ILE B 27 -9.13 -70.07 -21.22
CA ILE B 27 -10.58 -70.41 -21.12
C ILE B 27 -11.21 -69.66 -19.94
N TRP B 28 -10.41 -69.31 -18.91
CA TRP B 28 -10.99 -68.67 -17.70
C TRP B 28 -11.68 -67.36 -18.08
N VAL B 29 -11.11 -66.58 -18.99
CA VAL B 29 -11.73 -65.31 -19.45
C VAL B 29 -13.12 -65.62 -20.00
N TRP B 30 -13.26 -66.72 -20.74
CA TRP B 30 -14.53 -67.06 -21.38
C TRP B 30 -15.51 -67.69 -20.40
N GLU B 31 -15.03 -68.49 -19.44
CA GLU B 31 -16.00 -69.07 -18.49
C GLU B 31 -16.44 -68.03 -17.46
N SER B 32 -15.58 -67.05 -17.14
CA SER B 32 -16.00 -65.96 -16.28
C SER B 32 -16.98 -65.02 -16.99
N LEU B 33 -16.79 -64.84 -18.30
CA LEU B 33 -17.74 -64.07 -19.10
C LEU B 33 -19.06 -64.82 -19.26
N ASN B 34 -19.02 -66.15 -19.24
CA ASN B 34 -20.27 -66.93 -19.26
C ASN B 34 -20.97 -66.88 -17.91
N LYS B 35 -20.22 -66.88 -16.81
CA LYS B 35 -20.86 -66.92 -15.50
C LYS B 35 -21.38 -65.55 -15.08
N PHE B 36 -20.51 -64.54 -15.00
CA PHE B 36 -20.90 -63.28 -14.38
C PHE B 36 -21.22 -62.16 -15.36
N GLN B 37 -21.05 -62.38 -16.68
CA GLN B 37 -21.13 -61.43 -17.80
C GLN B 37 -20.12 -60.28 -17.73
N THR B 38 -19.14 -60.33 -16.82
CA THR B 38 -18.00 -59.42 -16.77
C THR B 38 -16.75 -60.24 -16.53
N VAL B 39 -15.62 -59.71 -16.95
CA VAL B 39 -14.33 -60.34 -16.69
C VAL B 39 -13.31 -59.25 -16.43
N CYS B 40 -12.40 -59.50 -15.49
CA CYS B 40 -11.34 -58.59 -15.13
C CYS B 40 -10.00 -59.21 -15.50
N ILE B 41 -9.35 -58.68 -16.52
CA ILE B 41 -8.03 -59.13 -16.95
C ILE B 41 -7.01 -58.05 -16.60
N SER B 42 -5.86 -58.48 -16.07
CA SER B 42 -4.77 -57.71 -15.48
C SER B 42 -5.20 -56.81 -14.33
N ARG B 43 -6.28 -57.15 -13.63
CA ARG B 43 -6.85 -56.56 -12.39
C ARG B 43 -7.41 -55.14 -12.56
N ILE B 44 -7.33 -54.51 -13.73
CA ILE B 44 -7.78 -53.14 -13.93
C ILE B 44 -8.88 -53.11 -14.99
N PHE B 45 -8.63 -53.77 -16.12
CA PHE B 45 -9.49 -53.69 -17.29
C PHE B 45 -10.68 -54.63 -17.12
N ASN B 46 -11.88 -54.07 -17.21
CA ASN B 46 -13.12 -54.82 -17.03
C ASN B 46 -13.91 -54.82 -18.34
N PHE B 47 -14.34 -56.01 -18.77
CA PHE B 47 -15.00 -56.16 -20.07
C PHE B 47 -16.26 -56.99 -19.94
N GLN B 48 -17.34 -56.52 -20.55
CA GLN B 48 -18.56 -57.30 -20.65
C GLN B 48 -18.54 -58.17 -21.91
N LEU B 49 -19.67 -58.84 -22.15
CA LEU B 49 -19.77 -59.72 -23.31
C LEU B 49 -19.97 -58.95 -24.60
N GLN B 50 -20.43 -57.70 -24.52
CA GLN B 50 -20.66 -56.90 -25.72
C GLN B 50 -19.34 -56.33 -26.26
N ASP B 51 -18.28 -56.37 -25.45
CA ASP B 51 -17.00 -55.83 -25.91
C ASP B 51 -16.20 -56.87 -26.67
N LEU B 52 -16.50 -58.15 -26.44
CA LEU B 52 -15.80 -59.22 -27.13
C LEU B 52 -16.31 -59.32 -28.57
N ARG B 53 -15.40 -59.09 -29.53
CA ARG B 53 -15.77 -59.10 -30.94
C ARG B 53 -16.05 -60.51 -31.44
N ASN B 54 -15.17 -61.45 -31.12
CA ASN B 54 -15.35 -62.85 -31.52
C ASN B 54 -15.54 -63.73 -30.30
N PRO B 55 -16.72 -64.33 -30.13
CA PRO B 55 -16.87 -65.39 -29.14
C PRO B 55 -16.07 -66.61 -29.53
N PRO B 56 -15.43 -67.29 -28.57
CA PRO B 56 -14.56 -68.40 -28.94
C PRO B 56 -15.35 -69.66 -29.28
N SER B 57 -14.93 -70.32 -30.36
CA SER B 57 -15.55 -71.58 -30.76
C SER B 57 -15.12 -72.69 -29.81
N THR B 58 -16.07 -73.59 -29.50
CA THR B 58 -15.76 -74.69 -28.60
C THR B 58 -14.92 -75.76 -29.31
N VAL B 59 -15.05 -75.86 -30.64
CA VAL B 59 -14.22 -76.77 -31.41
C VAL B 59 -12.80 -76.24 -31.51
N GLN B 60 -12.65 -74.92 -31.62
CA GLN B 60 -11.34 -74.32 -31.74
C GLN B 60 -10.63 -74.31 -30.38
N ASP B 61 -9.36 -74.70 -30.39
CA ASP B 61 -8.55 -74.69 -29.17
C ASP B 61 -8.27 -73.25 -28.72
N PHE B 62 -8.29 -73.04 -27.41
CA PHE B 62 -8.29 -71.68 -26.87
C PHE B 62 -6.90 -71.05 -26.91
N ASN B 63 -5.84 -71.86 -26.90
CA ASN B 63 -4.49 -71.32 -26.78
C ASN B 63 -4.02 -70.67 -28.07
N ASP B 64 -4.48 -71.17 -29.22
CA ASP B 64 -4.21 -70.48 -30.48
C ASP B 64 -5.10 -69.26 -30.64
N TYR B 65 -6.26 -69.25 -29.96
CA TYR B 65 -7.19 -68.14 -30.05
C TYR B 65 -6.70 -66.95 -29.22
N GLU B 66 -6.91 -65.75 -29.75
CA GLU B 66 -6.67 -64.51 -29.03
C GLU B 66 -7.99 -63.77 -28.89
N TYR B 67 -8.28 -63.30 -27.68
CA TYR B 67 -9.50 -62.53 -27.44
C TYR B 67 -9.35 -61.13 -28.03
N SER B 68 -10.46 -60.57 -28.51
CA SER B 68 -10.47 -59.23 -29.07
C SER B 68 -11.53 -58.40 -28.36
N PHE B 69 -11.11 -57.29 -27.76
CA PHE B 69 -11.99 -56.46 -26.95
C PHE B 69 -12.03 -55.03 -27.48
N ASN B 70 -13.24 -54.48 -27.59
CA ASN B 70 -13.45 -53.07 -27.93
C ASN B 70 -13.01 -52.24 -26.73
N PHE B 71 -11.77 -51.75 -26.77
CA PHE B 71 -11.24 -51.02 -25.63
C PHE B 71 -11.78 -49.59 -25.60
N GLY B 72 -11.98 -48.98 -26.76
CA GLY B 72 -12.50 -47.63 -26.83
C GLY B 72 -12.78 -47.23 -28.26
N THR B 73 -13.33 -46.04 -28.41
CA THR B 73 -13.63 -45.45 -29.72
C THR B 73 -12.74 -44.25 -29.96
N LEU B 74 -12.12 -44.19 -31.13
CA LEU B 74 -11.28 -43.06 -31.52
C LEU B 74 -12.14 -42.05 -32.29
N ASN B 75 -12.23 -40.83 -31.76
CA ASN B 75 -13.03 -39.78 -32.36
C ASN B 75 -12.36 -38.46 -32.00
N ASN B 76 -12.20 -37.59 -33.02
CA ASN B 76 -11.62 -36.24 -32.94
C ASN B 76 -10.20 -36.26 -32.37
N GLU B 77 -9.38 -37.20 -32.87
CA GLU B 77 -8.02 -37.51 -32.43
C GLU B 77 -7.92 -37.81 -30.93
N TYR B 78 -8.94 -38.47 -30.38
CA TYR B 78 -8.97 -38.84 -28.96
C TYR B 78 -9.56 -40.23 -28.83
N ILE B 79 -8.86 -41.11 -28.12
CA ILE B 79 -9.36 -42.44 -27.83
C ILE B 79 -10.22 -42.35 -26.57
N THR B 80 -11.53 -42.53 -26.72
CA THR B 80 -12.48 -42.38 -25.63
C THR B 80 -12.70 -43.74 -24.99
N VAL B 81 -11.94 -44.01 -23.93
CA VAL B 81 -12.12 -45.24 -23.16
C VAL B 81 -13.36 -45.09 -22.28
N PRO B 82 -14.27 -46.06 -22.27
CA PRO B 82 -15.40 -46.01 -21.33
C PRO B 82 -14.94 -46.19 -19.89
N GLY B 83 -15.75 -45.67 -18.97
CA GLY B 83 -15.39 -45.74 -17.56
C GLY B 83 -15.65 -47.10 -16.95
N ARG B 84 -16.45 -47.92 -17.63
CA ARG B 84 -16.71 -49.28 -17.16
C ARG B 84 -15.51 -50.19 -17.36
N ILE B 85 -14.60 -49.81 -18.27
CA ILE B 85 -13.36 -50.56 -18.46
C ILE B 85 -12.44 -50.38 -17.27
N LEU B 86 -12.29 -49.14 -16.80
CA LEU B 86 -11.40 -48.82 -15.69
C LEU B 86 -12.13 -48.81 -14.35
N SER B 87 -13.39 -49.28 -14.33
CA SER B 87 -14.26 -49.39 -13.15
C SER B 87 -14.48 -48.03 -12.46
N ILE B 88 -14.62 -46.98 -13.27
CA ILE B 88 -14.80 -45.62 -12.77
C ILE B 88 -16.08 -45.05 -13.33
N ASN B 89 -16.46 -43.87 -12.84
CA ASN B 89 -17.74 -43.29 -13.22
C ASN B 89 -17.63 -42.42 -14.47
N ARG B 90 -16.47 -41.83 -14.71
CA ARG B 90 -16.28 -40.91 -15.82
C ARG B 90 -15.49 -41.56 -16.95
N ASP B 91 -15.58 -40.96 -18.13
CA ASP B 91 -14.85 -41.45 -19.28
C ASP B 91 -13.39 -41.03 -19.21
N VAL B 92 -12.57 -41.66 -20.04
CA VAL B 92 -11.15 -41.32 -20.17
C VAL B 92 -10.84 -41.09 -21.64
N LEU B 93 -10.33 -39.90 -21.95
CA LEU B 93 -9.98 -39.53 -23.32
C LEU B 93 -8.46 -39.44 -23.42
N ILE B 94 -7.88 -40.23 -24.33
CA ILE B 94 -6.43 -40.31 -24.51
C ILE B 94 -6.12 -39.83 -25.92
N HIS B 95 -5.19 -38.87 -26.02
CA HIS B 95 -4.77 -38.33 -27.31
C HIS B 95 -3.96 -39.36 -28.10
N LYS B 96 -3.87 -39.13 -29.41
CA LYS B 96 -3.15 -40.05 -30.29
C LYS B 96 -1.64 -39.90 -30.14
N SER B 97 -1.16 -38.78 -29.58
CA SER B 97 0.27 -38.60 -29.35
C SER B 97 0.77 -39.50 -28.23
N ILE B 98 -0.09 -39.78 -27.25
CA ILE B 98 0.22 -40.74 -26.21
C ILE B 98 -0.12 -42.14 -26.75
N LYS B 99 0.90 -42.98 -26.89
CA LYS B 99 0.70 -44.31 -27.44
C LYS B 99 0.02 -45.22 -26.41
N LEU B 100 -0.80 -46.13 -26.91
CA LEU B 100 -1.64 -46.94 -26.03
C LEU B 100 -0.85 -48.14 -25.51
N GLU B 101 -0.78 -48.25 -24.19
CA GLU B 101 -0.08 -49.37 -23.55
C GLU B 101 -0.70 -49.61 -22.18
N ARG B 102 -0.15 -50.59 -21.47
CA ARG B 102 -0.61 -50.87 -20.12
C ARG B 102 -0.03 -49.87 -19.12
N LYS B 103 1.07 -49.22 -19.48
CA LYS B 103 1.74 -48.30 -18.54
C LYS B 103 0.98 -46.99 -18.40
N VAL B 104 0.09 -46.68 -19.34
CA VAL B 104 -0.78 -45.52 -19.23
C VAL B 104 -1.79 -45.72 -18.10
N PHE B 105 -2.35 -46.93 -18.01
CA PHE B 105 -3.42 -47.23 -17.07
C PHE B 105 -2.95 -47.97 -15.82
N ALA B 106 -1.64 -48.19 -15.66
CA ALA B 106 -1.15 -48.92 -14.50
C ALA B 106 0.14 -48.32 -13.99
N SER B 107 0.31 -48.39 -12.67
CA SER B 107 1.58 -48.21 -12.01
C SER B 107 2.14 -49.60 -11.66
N GLU B 108 3.18 -49.65 -10.84
CA GLU B 108 3.81 -50.91 -10.52
C GLU B 108 2.92 -51.74 -9.57
N ARG B 109 2.93 -53.06 -9.82
CA ARG B 109 2.11 -54.08 -9.14
C ARG B 109 0.61 -53.77 -9.21
N ASN B 110 0.15 -53.38 -10.40
CA ASN B 110 -1.27 -53.26 -10.79
C ASN B 110 -2.02 -52.21 -9.97
N VAL B 111 -1.50 -50.99 -9.94
CA VAL B 111 -2.16 -49.87 -9.29
C VAL B 111 -2.82 -49.02 -10.37
N SER B 112 -4.14 -48.82 -10.25
CA SER B 112 -4.89 -48.08 -11.24
C SER B 112 -4.68 -46.58 -11.06
N ILE B 113 -4.23 -45.90 -12.12
CA ILE B 113 -4.02 -44.46 -12.08
C ILE B 113 -5.36 -43.72 -12.11
N PHE B 114 -6.23 -44.13 -13.05
CA PHE B 114 -7.44 -43.37 -13.28
C PHE B 114 -8.52 -43.69 -12.26
N GLY B 115 -8.31 -44.76 -11.49
CA GLY B 115 -9.25 -45.05 -10.39
C GLY B 115 -9.06 -44.02 -9.28
N ARG B 116 -7.80 -43.81 -8.86
CA ARG B 116 -7.49 -42.79 -7.82
C ARG B 116 -7.85 -41.39 -8.32
N LEU B 117 -7.53 -41.08 -9.57
CA LEU B 117 -7.81 -39.73 -10.14
C LEU B 117 -9.32 -39.49 -10.15
N SER B 118 -10.09 -40.51 -10.54
CA SER B 118 -11.57 -40.38 -10.57
C SER B 118 -12.12 -40.13 -9.17
N LYS B 119 -11.55 -40.80 -8.16
CA LYS B 119 -12.02 -40.64 -6.76
C LYS B 119 -11.81 -39.19 -6.33
N LEU B 120 -10.69 -38.58 -6.72
CA LEU B 120 -10.39 -37.17 -6.34
C LEU B 120 -11.45 -36.24 -6.97
N LEU B 121 -11.85 -36.51 -8.21
CA LEU B 121 -12.82 -35.62 -8.91
C LEU B 121 -14.23 -35.84 -8.35
N ASP B 122 -14.86 -34.77 -7.84
CA ASP B 122 -16.22 -34.86 -7.30
C ASP B 122 -17.27 -34.82 -8.40
N HIS B 123 -16.92 -34.30 -9.57
CA HIS B 123 -17.91 -34.14 -10.62
C HIS B 123 -18.00 -35.40 -11.48
N THR B 124 -18.66 -35.23 -12.63
CA THR B 124 -19.00 -36.31 -13.54
C THR B 124 -18.14 -36.23 -14.82
N ASN B 125 -17.52 -35.06 -15.06
CA ASN B 125 -16.86 -34.72 -16.31
C ASN B 125 -15.62 -35.59 -16.54
N PRO B 126 -15.34 -35.98 -17.79
CA PRO B 126 -14.30 -37.00 -18.04
C PRO B 126 -12.88 -36.48 -17.91
N ILE B 127 -11.95 -37.43 -17.86
CA ILE B 127 -10.52 -37.12 -17.81
C ILE B 127 -9.96 -37.14 -19.23
N ILE B 128 -9.39 -36.02 -19.65
CA ILE B 128 -8.82 -35.88 -20.98
C ILE B 128 -7.31 -35.72 -20.83
N ILE B 129 -6.55 -36.58 -21.50
CA ILE B 129 -5.09 -36.59 -21.43
C ILE B 129 -4.53 -36.17 -22.77
N GLY B 130 -3.72 -35.11 -22.76
CA GLY B 130 -3.00 -34.70 -23.94
C GLY B 130 -3.84 -33.89 -24.92
N GLY B 131 -3.16 -33.31 -25.89
CA GLY B 131 -3.83 -32.60 -26.96
C GLY B 131 -4.05 -31.13 -26.68
N ASP B 132 -4.94 -30.55 -27.48
CA ASP B 132 -5.17 -29.11 -27.50
C ASP B 132 -6.47 -28.68 -26.83
N LYS B 133 -7.13 -29.57 -26.09
CA LYS B 133 -8.32 -29.17 -25.35
C LYS B 133 -7.90 -28.33 -24.13
N PRO B 134 -8.72 -27.34 -23.73
CA PRO B 134 -8.35 -26.54 -22.55
C PRO B 134 -8.48 -27.28 -21.23
N GLU B 135 -9.34 -28.30 -21.17
CA GLU B 135 -9.49 -29.07 -19.94
C GLU B 135 -8.50 -30.24 -19.87
N ALA B 136 -7.66 -30.40 -20.89
CA ALA B 136 -6.81 -31.58 -20.99
C ALA B 136 -5.58 -31.47 -20.10
N ILE B 137 -5.23 -32.58 -19.46
CA ILE B 137 -3.93 -32.69 -18.80
C ILE B 137 -2.86 -32.88 -19.86
N PRO B 138 -1.77 -32.10 -19.85
CA PRO B 138 -0.76 -32.21 -20.90
C PRO B 138 0.06 -33.49 -20.80
N LYS B 139 0.81 -33.76 -21.87
CA LYS B 139 1.53 -35.03 -22.00
C LYS B 139 2.75 -35.07 -21.08
N SER B 140 3.43 -33.93 -20.90
CA SER B 140 4.55 -33.88 -19.99
C SER B 140 4.09 -33.94 -18.54
N VAL B 141 2.92 -33.36 -18.26
CA VAL B 141 2.31 -33.46 -16.92
C VAL B 141 1.86 -34.90 -16.66
N PHE B 142 1.37 -35.59 -17.69
CA PHE B 142 0.98 -37.00 -17.53
C PHE B 142 2.19 -37.90 -17.37
N GLN B 143 3.32 -37.54 -18.00
CA GLN B 143 4.55 -38.31 -17.81
C GLN B 143 5.15 -38.07 -16.43
N GLU B 144 5.02 -36.84 -15.92
CA GLU B 144 5.41 -36.56 -14.54
C GLU B 144 4.50 -37.27 -13.55
N LEU B 145 3.21 -37.40 -13.90
CA LEU B 145 2.25 -38.14 -13.07
C LEU B 145 2.57 -39.63 -13.07
N GLN B 146 2.99 -40.18 -14.21
CA GLN B 146 3.37 -41.58 -14.29
C GLN B 146 4.69 -41.85 -13.56
N SER B 147 5.62 -40.88 -13.61
CA SER B 147 6.90 -41.07 -12.94
C SER B 147 6.78 -40.91 -11.43
N LYS B 148 5.94 -39.98 -10.98
CA LYS B 148 5.80 -39.69 -9.56
C LYS B 148 4.48 -40.20 -8.98
N PHE B 149 3.95 -41.31 -9.48
CA PHE B 149 2.72 -41.85 -8.93
C PHE B 149 2.99 -42.56 -7.62
N PRO B 150 2.07 -42.49 -6.65
CA PRO B 150 2.18 -43.31 -5.43
C PRO B 150 1.79 -44.77 -5.69
N ASN B 151 2.76 -45.51 -6.22
CA ASN B 151 2.60 -46.95 -6.42
C ASN B 151 3.02 -47.67 -5.15
N THR B 152 3.26 -48.98 -5.27
CA THR B 152 3.66 -49.78 -4.12
C THR B 152 5.10 -49.47 -3.70
N GLY B 153 5.91 -48.98 -4.64
CA GLY B 153 7.26 -48.56 -4.28
C GLY B 153 7.28 -47.25 -3.52
N GLU B 154 6.39 -46.32 -3.88
CA GLU B 154 6.39 -45.00 -3.26
C GLU B 154 5.75 -45.04 -1.87
N LEU B 155 4.68 -45.84 -1.71
CA LEU B 155 3.96 -45.90 -0.44
C LEU B 155 4.77 -46.65 0.61
N ASP B 156 5.53 -47.67 0.19
CA ASP B 156 6.43 -48.36 1.12
C ASP B 156 7.59 -47.47 1.53
N ARG B 157 8.10 -46.66 0.58
CA ARG B 157 9.16 -45.70 0.88
C ARG B 157 8.68 -44.59 1.80
N TYR B 158 7.43 -44.13 1.59
CA TYR B 158 6.83 -43.14 2.48
C TYR B 158 6.58 -43.68 3.87
N ALA B 159 6.14 -44.94 3.96
CA ALA B 159 5.90 -45.54 5.28
C ALA B 159 7.20 -45.82 6.01
N ASN B 160 8.26 -46.20 5.28
CA ASN B 160 9.58 -46.40 5.89
C ASN B 160 10.17 -45.08 6.37
N ALA B 161 10.01 -44.01 5.58
CA ALA B 161 10.50 -42.70 5.99
C ALA B 161 9.70 -42.13 7.15
N ARG B 162 8.39 -42.41 7.18
CA ARG B 162 7.54 -41.94 8.28
C ARG B 162 7.86 -42.68 9.58
N VAL B 163 8.06 -44.00 9.51
CA VAL B 163 8.39 -44.80 10.69
C VAL B 163 9.79 -44.44 11.20
N HIS B 164 10.73 -44.17 10.28
CA HIS B 164 12.06 -43.71 10.65
C HIS B 164 12.03 -42.32 11.28
N ALA B 165 11.14 -41.45 10.79
CA ALA B 165 11.00 -40.11 11.35
C ALA B 165 10.38 -40.14 12.74
N ILE B 166 9.38 -41.00 12.96
CA ILE B 166 8.73 -41.13 14.26
C ILE B 166 9.68 -41.73 15.29
N LEU B 167 10.40 -42.80 14.90
CA LEU B 167 11.36 -43.43 15.84
C LEU B 167 12.50 -42.45 16.13
N ALA B 168 12.94 -41.68 15.13
CA ALA B 168 13.99 -40.66 15.34
C ALA B 168 13.48 -39.56 16.29
N GLY B 169 12.21 -39.18 16.18
CA GLY B 169 11.66 -38.20 17.12
C GLY B 169 11.65 -38.73 18.55
N TYR B 170 11.29 -40.01 18.71
CA TYR B 170 11.25 -40.63 20.07
C TYR B 170 12.66 -40.72 20.66
N LEU B 171 13.65 -41.13 19.86
CA LEU B 171 15.01 -41.33 20.43
C LEU B 171 15.98 -40.30 19.86
N ASP B 172 16.61 -39.49 20.72
CA ASP B 172 17.64 -38.48 20.31
C ASP B 172 16.99 -37.21 19.77
N GLY B 173 15.66 -37.20 19.58
CA GLY B 173 14.97 -35.96 19.17
C GLY B 173 15.65 -35.33 17.97
N MET B 174 16.01 -34.04 18.06
CA MET B 174 16.78 -33.36 16.98
C MET B 174 18.26 -33.52 17.29
N LYS B 175 18.97 -34.39 16.56
CA LYS B 175 20.38 -34.67 16.90
C LYS B 175 21.30 -33.93 15.94
N ASP B 176 20.91 -33.83 14.66
CA ASP B 176 21.75 -33.16 13.68
C ASP B 176 21.87 -31.68 13.95
N ALA B 177 20.78 -31.05 14.43
CA ALA B 177 20.83 -29.65 14.81
C ALA B 177 21.66 -29.46 16.07
N ARG B 178 21.65 -30.44 16.98
CA ARG B 178 22.50 -30.37 18.16
C ARG B 178 23.97 -30.55 17.81
N GLU B 179 24.27 -31.39 16.82
CA GLU B 179 25.65 -31.55 16.36
C GLU B 179 26.15 -30.31 15.63
N ARG B 180 25.27 -29.67 14.86
CA ARG B 180 25.64 -28.41 14.19
C ARG B 180 25.79 -27.28 15.19
N TYR B 181 25.00 -27.30 16.27
CA TYR B 181 25.15 -26.30 17.33
C TYR B 181 26.44 -26.53 18.12
N GLU B 182 26.84 -27.79 18.29
CA GLU B 182 28.12 -28.09 18.95
C GLU B 182 29.30 -27.67 18.08
N HIS B 183 29.17 -27.82 16.76
CA HIS B 183 30.20 -27.32 15.84
C HIS B 183 30.26 -25.79 15.85
N TYR B 184 29.10 -25.13 15.97
CA TYR B 184 29.06 -23.68 16.10
C TYR B 184 29.69 -23.22 17.41
N LEU B 185 29.48 -23.96 18.50
CA LEU B 185 30.06 -23.60 19.78
C LEU B 185 31.57 -23.81 19.79
N ASN B 186 32.06 -24.85 19.10
CA ASN B 186 33.50 -25.06 18.95
C ASN B 186 34.14 -23.95 18.11
N ARG B 187 33.48 -23.54 17.02
CA ARG B 187 34.00 -22.47 16.18
C ARG B 187 33.93 -21.12 16.90
N LYS B 188 32.92 -20.93 17.75
CA LYS B 188 32.81 -19.72 18.56
C LYS B 188 33.90 -19.66 19.61
N THR B 189 34.24 -20.81 20.21
CA THR B 189 35.31 -20.84 21.21
C THR B 189 36.67 -20.66 20.55
N VAL B 190 36.81 -21.08 19.29
CA VAL B 190 38.03 -20.78 18.54
C VAL B 190 38.12 -19.29 18.22
N ILE B 191 37.01 -18.69 17.79
CA ILE B 191 37.03 -17.30 17.32
C ILE B 191 37.16 -16.30 18.47
N ARG B 192 36.35 -16.46 19.52
CA ARG B 192 36.34 -15.50 20.62
C ARG B 192 37.49 -15.79 21.60
N LYS B 193 38.68 -15.35 21.21
CA LYS B 193 39.85 -15.44 22.07
C LYS B 193 39.94 -14.29 23.06
N THR B 194 39.16 -13.23 22.88
CA THR B 194 39.25 -12.01 23.65
C THR B 194 37.87 -11.65 24.16
N ASP B 195 37.79 -11.23 25.43
CA ASP B 195 36.52 -10.81 26.02
C ASP B 195 36.01 -9.51 25.39
N LYS B 196 36.94 -8.66 24.93
CA LYS B 196 36.54 -7.45 24.20
C LYS B 196 36.05 -7.82 22.81
N LEU B 197 34.86 -7.33 22.47
CA LEU B 197 34.19 -7.64 21.21
C LEU B 197 34.57 -6.60 20.16
N ASP B 198 34.95 -7.07 18.98
CA ASP B 198 35.42 -6.22 17.90
C ASP B 198 34.56 -6.47 16.67
N LEU B 199 34.63 -5.55 15.71
CA LEU B 199 33.75 -5.62 14.53
C LEU B 199 34.18 -6.72 13.57
N GLU B 200 35.47 -7.06 13.54
CA GLU B 200 35.93 -8.18 12.74
C GLU B 200 35.50 -9.51 13.34
N VAL B 201 35.60 -9.61 14.68
CA VAL B 201 35.14 -10.78 15.42
C VAL B 201 33.63 -10.92 15.31
N LEU B 202 32.92 -9.80 15.27
CA LEU B 202 31.48 -9.80 15.07
C LEU B 202 31.09 -10.32 13.69
N ASN B 203 31.89 -9.97 12.67
CA ASN B 203 31.64 -10.48 11.32
C ASN B 203 31.91 -11.97 11.22
N LYS B 204 32.94 -12.45 11.92
CA LYS B 204 33.21 -13.89 11.95
C LYS B 204 32.14 -14.67 12.71
N LEU B 205 31.59 -14.08 13.77
CA LEU B 205 30.51 -14.72 14.51
C LEU B 205 29.21 -14.69 13.72
N GLU B 206 28.99 -13.65 12.90
CA GLU B 206 27.83 -13.62 12.02
C GLU B 206 27.95 -14.65 10.91
N ILE B 207 29.19 -14.89 10.44
CA ILE B 207 29.48 -15.97 9.48
C ILE B 207 29.15 -17.33 10.09
N GLU B 208 29.55 -17.54 11.35
CA GLU B 208 29.29 -18.83 12.02
C GLU B 208 27.81 -19.04 12.30
N LYS B 209 27.09 -17.97 12.67
CA LYS B 209 25.65 -18.05 12.90
C LYS B 209 24.88 -18.32 11.61
N TYR B 210 25.28 -17.68 10.51
CA TYR B 210 24.57 -17.87 9.25
C TYR B 210 24.88 -19.23 8.63
N THR B 211 26.10 -19.76 8.83
CA THR B 211 26.39 -21.13 8.40
C THR B 211 25.61 -22.15 9.23
N LEU B 212 25.41 -21.85 10.53
CA LEU B 212 24.61 -22.73 11.39
C LEU B 212 23.15 -22.78 10.94
N ILE B 213 22.56 -21.62 10.65
CA ILE B 213 21.17 -21.54 10.19
C ILE B 213 21.01 -22.17 8.81
N ARG B 214 21.99 -21.94 7.91
CA ARG B 214 21.96 -22.52 6.56
C ARG B 214 22.09 -24.04 6.59
N ASP B 215 22.98 -24.57 7.44
CA ASP B 215 23.17 -26.01 7.52
C ASP B 215 22.00 -26.70 8.20
N ILE B 216 21.37 -26.03 9.18
CA ILE B 216 20.20 -26.61 9.86
C ILE B 216 18.99 -26.64 8.93
N ILE B 217 18.80 -25.57 8.13
CA ILE B 217 17.70 -25.54 7.16
C ILE B 217 17.94 -26.53 6.02
N GLN B 218 19.20 -26.71 5.61
CA GLN B 218 19.54 -27.70 4.58
C GLN B 218 19.35 -29.14 5.09
N ASP B 219 19.70 -29.41 6.35
CA ASP B 219 19.48 -30.73 6.91
C ASP B 219 17.99 -31.03 7.12
N ALA B 220 17.21 -30.00 7.46
CA ALA B 220 15.77 -30.17 7.57
C ALA B 220 15.12 -30.39 6.20
N LEU B 221 15.68 -29.77 5.16
CA LEU B 221 15.20 -30.00 3.80
C LEU B 221 15.55 -31.39 3.32
N ASN B 222 16.72 -31.89 3.72
CA ASN B 222 17.15 -33.21 3.27
C ASN B 222 16.41 -34.33 3.99
N ASN B 223 16.26 -34.25 5.32
CA ASN B 223 15.77 -35.38 6.09
C ASN B 223 14.41 -35.19 6.76
N LYS B 224 13.94 -33.96 6.94
CA LYS B 224 12.72 -33.72 7.71
C LYS B 224 11.58 -33.22 6.85
N THR B 225 11.48 -33.68 5.60
CA THR B 225 10.41 -33.24 4.71
C THR B 225 9.09 -33.93 5.07
N ASN B 226 9.17 -35.18 5.54
CA ASN B 226 7.97 -36.00 5.75
C ASN B 226 7.22 -35.68 7.04
N LEU B 227 7.71 -34.72 7.83
CA LEU B 227 7.02 -34.31 9.05
C LEU B 227 5.81 -33.45 8.71
N SER B 228 4.97 -33.20 9.73
CA SER B 228 3.82 -32.33 9.57
C SER B 228 4.25 -30.86 9.62
N GLU B 229 3.29 -29.95 9.38
CA GLU B 229 3.64 -28.53 9.37
C GLU B 229 3.82 -28.00 10.78
N ASP B 230 3.20 -28.64 11.76
CA ASP B 230 3.46 -28.26 13.15
C ASP B 230 4.89 -28.61 13.54
N ASP B 231 5.36 -29.76 13.09
CA ASP B 231 6.74 -30.17 13.34
C ASP B 231 7.73 -29.34 12.51
N TRP B 232 7.37 -29.06 11.25
CA TRP B 232 8.23 -28.25 10.38
C TRP B 232 8.31 -26.81 10.86
N GLN B 233 7.18 -26.24 11.30
CA GLN B 233 7.18 -24.90 11.85
C GLN B 233 7.88 -24.85 13.19
N SER B 234 7.84 -25.94 13.97
CA SER B 234 8.61 -26.01 15.21
C SER B 234 10.11 -26.11 14.91
N LEU B 235 10.48 -26.69 13.77
CA LEU B 235 11.87 -26.66 13.34
C LEU B 235 12.29 -25.26 12.92
N MET B 236 11.43 -24.52 12.22
CA MET B 236 11.84 -23.24 11.64
C MET B 236 11.65 -22.03 12.56
N ILE B 237 10.80 -22.13 13.59
CA ILE B 237 10.52 -20.96 14.45
C ILE B 237 11.69 -20.41 15.26
N PRO B 238 12.59 -21.22 15.89
CA PRO B 238 13.74 -20.58 16.59
C PRO B 238 14.78 -19.89 15.69
N PHE B 239 14.69 -20.02 14.38
CA PHE B 239 15.60 -19.32 13.48
C PHE B 239 14.90 -18.27 12.62
N ILE B 240 13.60 -18.03 12.83
CA ILE B 240 12.88 -17.02 12.07
C ILE B 240 13.32 -15.61 12.49
N THR B 241 13.48 -15.41 13.80
CA THR B 241 13.94 -14.12 14.33
C THR B 241 15.39 -13.85 13.95
N LEU B 242 16.21 -14.91 13.89
CA LEU B 242 17.60 -14.73 13.50
C LEU B 242 17.75 -14.53 12.00
N LEU B 243 16.85 -15.13 11.20
CA LEU B 243 16.89 -14.91 9.75
C LEU B 243 16.42 -13.52 9.38
N PHE B 244 15.38 -13.02 10.05
CA PHE B 244 14.84 -11.68 9.82
C PHE B 244 14.94 -10.90 11.13
N PRO B 245 16.04 -10.20 11.38
CA PRO B 245 16.22 -9.53 12.68
C PRO B 245 15.49 -8.19 12.81
N LYS B 246 14.65 -7.81 11.85
CA LYS B 246 13.68 -6.74 12.07
C LYS B 246 12.64 -7.16 13.09
N TYR B 247 12.31 -8.45 13.13
CA TYR B 247 11.23 -8.96 13.98
C TYR B 247 11.79 -9.38 15.33
N ILE B 248 11.02 -9.07 16.38
CA ILE B 248 11.48 -9.17 17.76
C ILE B 248 10.86 -10.34 18.50
N LYS B 249 9.61 -10.69 18.19
CA LYS B 249 8.95 -11.74 18.94
C LYS B 249 8.15 -12.61 17.99
N VAL B 250 8.22 -13.92 18.20
CA VAL B 250 7.47 -14.89 17.42
C VAL B 250 6.25 -15.28 18.25
N LEU B 251 5.06 -15.04 17.69
CA LEU B 251 3.80 -15.36 18.35
C LEU B 251 3.10 -16.47 17.60
N GLU B 252 2.58 -17.44 18.36
CA GLU B 252 1.95 -18.62 17.79
C GLU B 252 0.50 -18.74 18.24
N LYS B 253 -0.35 -19.19 17.31
CA LYS B 253 -1.80 -19.37 17.47
C LYS B 253 -2.50 -18.09 17.90
N VAL B 254 -2.27 -17.02 17.12
CA VAL B 254 -2.81 -15.70 17.48
C VAL B 254 -4.26 -15.62 17.06
N LYS B 255 -5.14 -15.41 18.03
CA LYS B 255 -6.58 -15.43 17.80
C LYS B 255 -7.03 -14.11 17.17
N ILE B 256 -7.53 -14.18 15.93
CA ILE B 256 -7.99 -12.96 15.21
C ILE B 256 -9.52 -13.06 15.14
N PHE B 257 -10.21 -11.92 15.05
CA PHE B 257 -11.67 -11.93 14.94
C PHE B 257 -12.05 -11.64 13.48
N ASP B 258 -12.86 -12.51 12.88
CA ASP B 258 -13.27 -12.34 11.46
C ASP B 258 -14.77 -12.02 11.44
N TYR B 259 -15.15 -10.88 10.85
CA TYR B 259 -16.57 -10.45 10.82
C TYR B 259 -17.12 -10.56 9.40
N TYR B 260 -16.36 -11.17 8.49
CA TYR B 260 -16.80 -11.21 7.07
C TYR B 260 -17.29 -12.61 6.68
N SER B 261 -16.57 -13.67 7.07
CA SER B 261 -16.96 -15.01 6.67
C SER B 261 -18.39 -15.33 7.11
N ASN B 262 -18.80 -14.77 8.24
CA ASN B 262 -20.19 -14.82 8.68
C ASN B 262 -20.58 -13.42 9.13
N PRO B 263 -21.52 -12.76 8.46
CA PRO B 263 -21.89 -11.40 8.88
C PRO B 263 -22.73 -11.36 10.15
N SER B 264 -23.33 -12.49 10.55
CA SER B 264 -24.16 -12.50 11.74
C SER B 264 -23.34 -12.58 13.02
N ALA B 265 -22.30 -13.42 13.02
CA ALA B 265 -21.53 -13.68 14.22
C ALA B 265 -20.04 -13.67 13.92
N LYS B 266 -19.25 -13.34 14.94
CA LYS B 266 -17.81 -13.24 14.79
C LYS B 266 -17.16 -14.62 14.85
N THR B 267 -16.27 -14.89 13.88
CA THR B 267 -15.56 -16.15 13.78
C THR B 267 -14.14 -15.95 14.27
N ASN B 268 -13.62 -16.92 15.03
CA ASN B 268 -12.23 -16.88 15.46
C ASN B 268 -11.34 -17.47 14.38
N ARG B 269 -10.28 -16.74 14.01
CA ARG B 269 -9.25 -17.25 13.12
C ARG B 269 -7.91 -17.23 13.83
N PHE B 270 -7.01 -18.11 13.40
CA PHE B 270 -5.75 -18.32 14.09
C PHE B 270 -4.59 -18.26 13.09
N ILE B 271 -3.74 -17.25 13.26
CA ILE B 271 -2.49 -17.17 12.52
C ILE B 271 -1.50 -18.14 13.16
N ASP B 272 -0.86 -18.97 12.35
CA ASP B 272 0.05 -19.98 12.88
C ASP B 272 1.32 -19.37 13.45
N ILE B 273 2.01 -18.54 12.66
CA ILE B 273 3.15 -17.77 13.12
C ILE B 273 2.91 -16.29 12.82
N ALA B 274 3.06 -15.44 13.84
CA ALA B 274 2.98 -14.00 13.67
C ALA B 274 4.18 -13.36 14.35
N LEU B 275 4.64 -12.24 13.79
CA LEU B 275 5.90 -11.62 14.21
C LEU B 275 5.64 -10.19 14.67
N VAL B 276 6.41 -9.74 15.65
CA VAL B 276 6.30 -8.39 16.18
C VAL B 276 7.59 -7.64 15.85
N ASP B 277 7.47 -6.41 15.34
CA ASP B 277 8.63 -5.57 15.10
C ASP B 277 9.15 -4.97 16.40
N ALA B 278 10.23 -4.19 16.29
CA ALA B 278 10.76 -3.50 17.46
C ALA B 278 9.89 -2.29 17.82
N ASN B 279 9.16 -1.75 16.84
CA ASN B 279 8.22 -0.69 17.14
C ASN B 279 6.96 -1.24 17.80
N GLY B 280 6.68 -2.53 17.58
CA GLY B 280 5.44 -3.14 18.02
C GLY B 280 4.48 -3.47 16.91
N ASN B 281 4.84 -3.20 15.66
CA ASN B 281 3.98 -3.54 14.53
C ASN B 281 3.97 -5.04 14.31
N LEU B 282 2.81 -5.57 13.92
CA LEU B 282 2.61 -7.01 13.85
C LEU B 282 2.45 -7.43 12.39
N ASP B 283 3.41 -8.21 11.90
CA ASP B 283 3.39 -8.78 10.57
C ASP B 283 3.37 -10.29 10.71
N ILE B 284 2.90 -10.99 9.69
CA ILE B 284 2.82 -12.45 9.80
C ILE B 284 3.84 -13.09 8.89
N ILE B 285 4.05 -14.40 9.07
CA ILE B 285 4.90 -15.19 8.19
C ILE B 285 4.22 -16.53 7.95
N GLU B 286 4.25 -17.00 6.72
CA GLU B 286 3.73 -18.31 6.35
C GLU B 286 4.89 -19.22 6.01
N VAL B 287 5.26 -20.10 6.93
CA VAL B 287 6.29 -21.11 6.71
C VAL B 287 5.57 -22.39 6.32
N LYS B 288 5.63 -22.73 5.04
CA LYS B 288 4.91 -23.86 4.47
C LYS B 288 5.88 -25.02 4.29
N LYS B 289 5.40 -26.23 4.57
CA LYS B 289 6.23 -27.41 4.41
C LYS B 289 6.39 -27.74 2.93
N PRO B 290 7.62 -28.03 2.47
CA PRO B 290 7.85 -28.23 1.02
C PRO B 290 7.39 -29.61 0.54
N PHE B 291 6.08 -29.72 0.28
CA PHE B 291 5.52 -30.97 -0.22
C PHE B 291 5.85 -31.17 -1.70
N ASP B 292 5.84 -30.10 -2.48
CA ASP B 292 6.08 -30.16 -3.91
C ASP B 292 7.44 -29.59 -4.25
N ASP B 293 8.03 -30.08 -5.34
CA ASP B 293 9.37 -29.69 -5.75
C ASP B 293 9.39 -28.49 -6.67
N LYS B 294 8.23 -27.91 -7.00
CA LYS B 294 8.15 -26.78 -7.92
C LYS B 294 7.33 -25.68 -7.29
N ILE B 295 7.54 -24.45 -7.76
CA ILE B 295 6.73 -23.31 -7.34
C ILE B 295 6.02 -22.65 -8.53
N LEU B 296 6.44 -22.96 -9.76
CA LEU B 296 5.75 -22.52 -10.96
C LEU B 296 5.00 -23.71 -11.54
N ARG B 297 3.99 -23.44 -12.36
CA ARG B 297 3.36 -24.52 -13.09
C ARG B 297 4.30 -25.02 -14.19
N LYS B 298 4.18 -26.31 -14.51
CA LYS B 298 5.17 -26.96 -15.36
C LYS B 298 5.04 -26.53 -16.82
N THR B 299 3.80 -26.28 -17.27
CA THR B 299 3.58 -25.74 -18.60
C THR B 299 3.09 -24.30 -18.47
N PRO B 300 3.58 -23.38 -19.30
CA PRO B 300 3.09 -22.00 -19.23
C PRO B 300 1.71 -21.87 -19.83
N TYR B 301 0.92 -20.95 -19.26
CA TYR B 301 -0.38 -20.61 -19.80
C TYR B 301 -0.21 -19.41 -20.72
N ARG B 302 -0.25 -19.68 -22.04
CA ARG B 302 -0.16 -18.68 -23.13
C ARG B 302 1.12 -17.87 -23.05
N ASP B 303 2.27 -18.56 -23.01
CA ASP B 303 3.66 -18.11 -22.94
C ASP B 303 4.00 -17.35 -21.65
N ASN B 304 3.16 -17.42 -20.62
CA ASN B 304 3.48 -16.85 -19.31
C ASN B 304 3.41 -17.97 -18.28
N TYR B 305 4.38 -18.01 -17.38
CA TYR B 305 4.39 -19.04 -16.35
C TYR B 305 3.62 -18.55 -15.13
N ILE B 306 2.54 -19.26 -14.81
CA ILE B 306 1.61 -18.86 -13.74
C ILE B 306 2.07 -19.53 -12.45
N PRO B 307 1.75 -18.99 -11.27
CA PRO B 307 2.17 -19.66 -10.03
C PRO B 307 1.39 -20.93 -9.74
N THR B 308 1.92 -21.74 -8.83
CA THR B 308 1.27 -22.97 -8.45
C THR B 308 0.10 -22.71 -7.51
N SER B 309 -0.66 -23.78 -7.24
CA SER B 309 -1.78 -23.67 -6.33
C SER B 309 -1.32 -23.60 -4.87
N GLU B 310 -0.15 -24.18 -4.58
CA GLU B 310 0.44 -24.12 -3.24
C GLU B 310 0.85 -22.69 -2.89
N LEU B 311 1.51 -22.02 -3.83
CA LEU B 311 1.96 -20.65 -3.63
C LEU B 311 0.78 -19.69 -3.53
N SER B 312 -0.22 -19.85 -4.43
CA SER B 312 -1.40 -18.99 -4.43
C SER B 312 -2.26 -19.23 -3.20
N GLY B 313 -2.29 -20.47 -2.70
CA GLY B 313 -2.97 -20.75 -1.44
C GLY B 313 -2.29 -20.12 -0.24
N GLY B 314 -0.95 -20.10 -0.23
CA GLY B 314 -0.22 -19.42 0.83
C GLY B 314 -0.40 -17.90 0.81
N ILE B 315 -0.39 -17.31 -0.40
CA ILE B 315 -0.63 -15.88 -0.57
C ILE B 315 -2.05 -15.52 -0.15
N MET B 316 -3.02 -16.36 -0.49
CA MET B 316 -4.43 -16.08 -0.17
C MET B 316 -4.70 -16.25 1.33
N GLN B 317 -4.04 -17.22 1.99
CA GLN B 317 -4.20 -17.37 3.43
C GLN B 317 -3.57 -16.21 4.20
N ALA B 318 -2.39 -15.75 3.73
CA ALA B 318 -1.75 -14.57 4.33
C ALA B 318 -2.56 -13.31 4.06
N GLU B 319 -3.27 -13.26 2.94
CA GLU B 319 -4.12 -12.10 2.63
C GLU B 319 -5.41 -12.11 3.45
N LYS B 320 -5.95 -13.30 3.77
CA LYS B 320 -6.99 -13.39 4.80
C LYS B 320 -6.53 -12.87 6.15
N TYR B 321 -5.31 -13.22 6.56
CA TYR B 321 -4.79 -12.77 7.85
C TYR B 321 -4.58 -11.26 7.88
N ILE B 322 -4.06 -10.70 6.78
CA ILE B 322 -3.84 -9.26 6.66
C ILE B 322 -5.17 -8.51 6.59
N PHE B 323 -6.16 -9.07 5.87
CA PHE B 323 -7.48 -8.46 5.76
C PHE B 323 -8.23 -8.44 7.08
N HIS B 324 -8.15 -9.54 7.84
CA HIS B 324 -8.85 -9.58 9.13
C HIS B 324 -8.15 -8.71 10.18
N LEU B 325 -6.82 -8.60 10.09
CA LEU B 325 -6.09 -7.70 10.99
C LEU B 325 -6.36 -6.24 10.66
N SER B 326 -6.51 -5.91 9.38
CA SER B 326 -6.79 -4.52 9.00
C SER B 326 -8.24 -4.15 9.28
N LYS B 327 -9.16 -5.12 9.15
CA LYS B 327 -10.56 -4.85 9.44
C LYS B 327 -10.82 -4.83 10.94
N TRP B 328 -9.94 -5.48 11.72
CA TRP B 328 -10.12 -5.56 13.17
C TRP B 328 -9.90 -4.21 13.84
N GLY B 329 -8.87 -3.48 13.43
CA GLY B 329 -8.77 -2.07 13.81
C GLY B 329 -8.07 -1.85 15.14
N VAL B 330 -8.58 -0.90 15.90
CA VAL B 330 -7.94 -0.51 17.16
C VAL B 330 -8.37 -1.45 18.29
N LYS B 331 -9.52 -2.11 18.12
CA LYS B 331 -9.94 -3.17 19.04
C LYS B 331 -9.01 -4.37 18.93
N GLY B 332 -8.48 -4.60 17.73
CA GLY B 332 -7.47 -5.63 17.57
C GLY B 332 -6.16 -5.30 18.24
N GLU B 333 -5.78 -4.02 18.24
CA GLU B 333 -4.56 -3.60 18.92
C GLU B 333 -4.72 -3.71 20.43
N LYS B 334 -5.89 -3.36 20.96
CA LYS B 334 -6.14 -3.51 22.40
C LYS B 334 -6.22 -4.98 22.82
N GLU B 335 -6.84 -5.82 21.98
CA GLU B 335 -7.00 -7.24 22.31
C GLU B 335 -5.68 -7.98 22.19
N LEU B 336 -4.88 -7.67 21.16
CA LEU B 336 -3.59 -8.34 21.01
C LEU B 336 -2.55 -7.77 21.97
N THR B 337 -2.76 -6.55 22.47
CA THR B 337 -1.91 -6.04 23.53
C THR B 337 -2.24 -6.72 24.86
N ASN B 338 -3.53 -6.91 25.15
CA ASN B 338 -3.92 -7.54 26.41
C ASN B 338 -3.64 -9.04 26.40
N ALA B 339 -3.67 -9.67 25.23
CA ALA B 339 -3.41 -11.10 25.16
C ALA B 339 -1.92 -11.41 25.26
N TYR B 340 -1.07 -10.54 24.71
CA TYR B 340 0.37 -10.77 24.66
C TYR B 340 1.16 -9.67 25.36
N LYS B 341 0.74 -9.25 26.55
CA LYS B 341 1.47 -8.20 27.26
C LYS B 341 2.73 -8.75 27.91
N ASN B 342 2.68 -9.98 28.43
CA ASN B 342 3.81 -10.52 29.18
C ASN B 342 4.89 -11.05 28.25
N SER B 343 4.54 -11.37 27.00
CA SER B 343 5.53 -11.88 26.06
C SER B 343 6.42 -10.77 25.52
N LEU B 344 5.87 -9.57 25.38
CA LEU B 344 6.60 -8.45 24.81
C LEU B 344 7.56 -7.86 25.83
N PRO B 345 8.53 -7.05 25.38
CA PRO B 345 9.25 -6.17 26.32
C PRO B 345 8.35 -5.12 26.95
N ALA B 346 8.81 -4.56 28.06
CA ALA B 346 8.02 -3.61 28.83
C ALA B 346 7.88 -2.27 28.11
N GLY B 347 6.69 -1.68 28.23
CA GLY B 347 6.40 -0.42 27.57
C GLY B 347 6.09 -0.55 26.09
N MET B 348 5.76 -1.74 25.62
CA MET B 348 5.63 -2.04 24.19
C MET B 348 4.29 -2.71 23.93
N CYS B 349 3.60 -2.27 22.87
CA CYS B 349 2.25 -2.72 22.57
C CYS B 349 2.15 -3.20 21.12
N ILE B 350 1.20 -4.10 20.87
CA ILE B 350 0.94 -4.56 19.52
C ILE B 350 0.16 -3.49 18.76
N ARG B 351 0.64 -3.13 17.57
CA ARG B 351 -0.04 -2.19 16.70
C ARG B 351 -0.25 -2.83 15.34
N ILE B 352 -1.43 -2.65 14.77
CA ILE B 352 -1.73 -3.13 13.42
C ILE B 352 -1.74 -1.92 12.50
N SER B 353 -0.60 -1.65 11.87
CA SER B 353 -0.45 -0.52 10.96
C SER B 353 0.13 -1.03 9.65
N ASN B 354 -0.77 -1.33 8.71
CA ASN B 354 -0.46 -1.95 7.42
C ASN B 354 0.36 -3.24 7.53
N PRO B 355 -0.26 -4.35 7.95
CA PRO B 355 0.53 -5.58 8.14
C PRO B 355 0.88 -6.24 6.81
N LYS B 356 2.07 -6.81 6.76
CA LYS B 356 2.58 -7.49 5.57
C LYS B 356 2.90 -8.93 5.93
N ALA B 357 3.34 -9.69 4.93
CA ALA B 357 3.56 -11.12 5.10
C ALA B 357 4.83 -11.58 4.39
N ILE B 358 5.42 -12.65 4.93
CA ILE B 358 6.57 -13.32 4.34
C ILE B 358 6.17 -14.76 4.05
N ILE B 359 6.40 -15.23 2.83
CA ILE B 359 6.00 -16.56 2.40
C ILE B 359 7.23 -17.37 2.08
N ILE B 360 7.41 -18.50 2.77
CA ILE B 360 8.39 -19.52 2.40
C ILE B 360 7.63 -20.80 2.09
N VAL B 361 7.62 -21.20 0.81
CA VAL B 361 6.66 -22.22 0.39
C VAL B 361 7.36 -23.53 0.03
N GLY B 362 8.19 -23.52 -1.00
CA GLY B 362 8.79 -24.76 -1.49
C GLY B 362 9.67 -24.48 -2.68
N ARG B 363 10.45 -25.51 -3.04
CA ARG B 363 11.65 -25.37 -3.87
C ARG B 363 11.33 -24.98 -5.31
N ASP B 364 12.35 -24.45 -6.00
CA ASP B 364 12.16 -23.81 -7.30
C ASP B 364 13.08 -24.30 -8.41
N GLN B 365 13.98 -25.25 -8.12
CA GLN B 365 14.89 -25.97 -9.05
C GLN B 365 15.76 -25.05 -9.95
N ILE B 366 16.16 -23.88 -9.41
CA ILE B 366 17.02 -22.96 -10.16
C ILE B 366 18.44 -23.52 -10.29
N ALA B 367 18.94 -24.17 -9.23
CA ALA B 367 20.35 -24.56 -9.18
C ALA B 367 20.64 -25.79 -10.04
N ASN B 368 19.60 -26.49 -10.51
CA ASN B 368 19.80 -27.54 -11.49
C ASN B 368 20.12 -26.95 -12.86
N GLY B 369 19.55 -25.78 -13.17
CA GLY B 369 19.77 -25.14 -14.46
C GLY B 369 18.78 -25.50 -15.54
N ASN B 370 17.65 -26.12 -15.19
CA ASN B 370 16.69 -26.54 -16.21
C ASN B 370 15.79 -25.39 -16.65
N MET B 371 15.73 -24.31 -15.87
CA MET B 371 14.84 -23.20 -16.18
C MET B 371 15.42 -22.34 -17.30
N THR B 372 14.55 -21.87 -18.19
CA THR B 372 14.94 -20.95 -19.25
C THR B 372 14.96 -19.51 -18.73
N ASP B 373 15.23 -18.58 -19.65
CA ASP B 373 15.31 -17.17 -19.28
C ASP B 373 13.93 -16.59 -18.99
N GLY B 374 12.92 -17.02 -19.76
CA GLY B 374 11.56 -16.57 -19.51
C GLY B 374 10.98 -17.14 -18.23
N GLN B 375 11.44 -18.33 -17.83
CA GLN B 375 11.00 -18.95 -16.59
C GLN B 375 11.57 -18.21 -15.38
N LEU B 376 12.84 -17.78 -15.47
CA LEU B 376 13.43 -16.92 -14.45
C LEU B 376 12.75 -15.55 -14.38
N LEU B 377 12.44 -14.98 -15.55
CA LEU B 377 11.79 -13.67 -15.61
C LEU B 377 10.40 -13.71 -15.00
N ASP B 378 9.62 -14.75 -15.30
CA ASP B 378 8.32 -14.93 -14.69
C ASP B 378 8.42 -15.26 -13.21
N PHE B 379 9.52 -15.91 -12.80
CA PHE B 379 9.72 -16.23 -11.38
C PHE B 379 9.97 -14.97 -10.54
N GLU B 380 10.83 -14.06 -11.03
CA GLU B 380 11.01 -12.78 -10.32
C GLU B 380 9.77 -11.89 -10.38
N ILE B 381 9.00 -11.98 -11.48
CA ILE B 381 7.76 -11.18 -11.57
C ILE B 381 6.70 -11.71 -10.59
N ILE B 382 6.62 -13.03 -10.40
CA ILE B 382 5.75 -13.62 -9.38
C ILE B 382 6.23 -13.26 -7.97
N LYS B 383 7.55 -13.23 -7.76
CA LYS B 383 8.10 -12.87 -6.45
C LYS B 383 7.84 -11.41 -6.07
N ARG B 384 7.82 -10.52 -7.06
CA ARG B 384 7.52 -9.11 -6.78
C ARG B 384 6.11 -8.71 -7.19
N LYS B 385 5.23 -9.67 -7.48
CA LYS B 385 3.92 -9.38 -8.06
C LYS B 385 2.90 -8.85 -7.07
N TYR B 386 2.93 -9.28 -5.81
CA TYR B 386 1.80 -9.14 -4.90
C TYR B 386 1.96 -7.91 -4.03
N ALA B 387 0.84 -7.41 -3.50
CA ALA B 387 0.83 -6.10 -2.84
C ALA B 387 1.33 -6.18 -1.41
N ASN B 388 0.72 -7.04 -0.60
CA ASN B 388 0.97 -7.09 0.83
C ASN B 388 2.04 -8.08 1.22
N MET B 389 2.88 -8.53 0.29
CA MET B 389 3.95 -9.48 0.59
C MET B 389 5.29 -8.81 0.34
N ILE B 390 6.00 -8.51 1.43
CA ILE B 390 7.30 -7.85 1.33
C ILE B 390 8.36 -8.82 0.83
N ASP B 391 8.21 -10.11 1.13
CA ASP B 391 9.18 -11.12 0.74
C ASP B 391 8.45 -12.41 0.38
N ILE B 392 8.72 -12.91 -0.82
CA ILE B 392 8.28 -14.23 -1.24
C ILE B 392 9.52 -15.07 -1.45
N LEU B 393 9.62 -16.19 -0.73
CA LEU B 393 10.82 -16.98 -0.68
C LEU B 393 10.51 -18.41 -1.05
N THR B 394 11.48 -19.08 -1.66
CA THR B 394 11.51 -20.53 -1.65
C THR B 394 12.44 -20.93 -0.52
N TYR B 395 12.65 -22.22 -0.36
CA TYR B 395 13.69 -22.64 0.59
C TYR B 395 15.07 -22.52 -0.04
N ASP B 396 15.14 -22.69 -1.36
CA ASP B 396 16.40 -22.51 -2.06
C ASP B 396 16.76 -21.03 -2.19
N ASP B 397 15.75 -20.14 -2.23
CA ASP B 397 16.04 -18.71 -2.15
C ASP B 397 16.54 -18.31 -0.78
N LEU B 398 16.04 -18.96 0.27
CA LEU B 398 16.53 -18.74 1.62
C LEU B 398 17.97 -19.22 1.76
N LEU B 399 18.29 -20.38 1.18
CA LEU B 399 19.68 -20.87 1.22
C LEU B 399 20.60 -20.03 0.36
N ARG B 400 20.10 -19.51 -0.77
CA ARG B 400 20.89 -18.65 -1.65
C ARG B 400 21.16 -17.29 -1.00
N ARG B 401 20.16 -16.75 -0.29
CA ARG B 401 20.34 -15.48 0.40
C ARG B 401 21.25 -15.64 1.61
N LEU B 402 21.18 -16.80 2.29
CA LEU B 402 22.09 -17.10 3.39
C LEU B 402 23.53 -17.22 2.88
N ASN B 403 23.72 -17.87 1.73
CA ASN B 403 25.05 -17.99 1.12
C ASN B 403 25.57 -16.64 0.64
N ASN B 404 24.68 -15.77 0.18
CA ASN B 404 25.08 -14.42 -0.21
C ASN B 404 25.48 -13.56 0.99
N THR B 405 24.78 -13.72 2.12
CA THR B 405 25.19 -13.02 3.34
C THR B 405 26.51 -13.55 3.88
N ILE B 406 26.75 -14.85 3.76
CA ILE B 406 28.02 -15.46 4.19
C ILE B 406 29.17 -14.96 3.31
N GLU B 407 28.97 -14.94 1.99
CA GLU B 407 30.04 -14.50 1.09
C GLU B 407 30.22 -12.99 1.13
N ALA B 408 29.20 -12.23 1.54
CA ALA B 408 29.37 -10.80 1.73
C ALA B 408 30.10 -10.49 3.03
N LEU B 409 29.81 -11.27 4.08
CA LEU B 409 30.48 -11.04 5.36
C LEU B 409 31.92 -11.55 5.34
N LYS B 410 32.22 -12.51 4.46
CA LYS B 410 33.59 -12.98 4.33
C LYS B 410 34.47 -11.94 3.64
N GLY B 411 33.93 -11.24 2.65
CA GLY B 411 34.67 -10.20 1.96
C GLY B 411 35.66 -10.74 0.95
N MET C 4 -15.73 64.47 13.16
CA MET C 4 -16.91 64.02 13.94
C MET C 4 -18.18 64.33 13.14
N LEU C 5 -19.05 63.33 12.95
CA LEU C 5 -20.31 63.54 12.17
C LEU C 5 -21.51 63.30 13.09
N GLN C 6 -22.46 64.24 13.11
CA GLN C 6 -23.69 64.07 13.93
C GLN C 6 -24.90 64.00 12.99
N PHE C 7 -25.79 63.04 13.21
CA PHE C 7 -26.95 62.86 12.34
C PHE C 7 -28.18 63.40 13.05
N SER C 8 -28.87 64.33 12.41
CA SER C 8 -30.07 64.94 12.97
C SER C 8 -30.97 65.38 11.84
N PHE C 9 -32.25 65.59 12.15
CA PHE C 9 -33.22 66.06 11.17
C PHE C 9 -34.14 67.08 11.81
N VAL C 10 -34.33 68.21 11.13
CA VAL C 10 -35.36 69.19 11.48
C VAL C 10 -36.28 69.36 10.26
N SER C 11 -37.59 69.30 10.51
CA SER C 11 -38.72 69.34 9.54
C SER C 11 -38.54 68.18 8.55
N ASN C 12 -38.59 68.45 7.24
CA ASN C 12 -38.33 67.40 6.26
C ASN C 12 -36.84 67.22 6.01
N ASP C 13 -36.03 68.24 6.32
CA ASP C 13 -34.62 68.20 5.99
C ASP C 13 -33.83 67.37 7.02
N VAL C 14 -32.67 66.89 6.60
CA VAL C 14 -31.76 66.13 7.45
C VAL C 14 -30.42 66.86 7.48
N VAL C 15 -29.95 67.20 8.68
CA VAL C 15 -28.80 68.11 8.84
C VAL C 15 -27.59 67.32 9.32
N MET C 16 -26.49 67.41 8.55
CA MET C 16 -25.18 66.95 8.96
C MET C 16 -24.44 68.06 9.70
N THR C 17 -23.77 67.71 10.79
CA THR C 17 -22.84 68.60 11.47
C THR C 17 -21.45 67.97 11.45
N TYR C 18 -20.45 68.74 11.07
CA TYR C 18 -19.06 68.31 11.11
C TYR C 18 -18.28 69.18 12.09
N ASP C 19 -17.67 68.54 13.08
CA ASP C 19 -16.91 69.26 14.10
C ASP C 19 -15.41 69.21 13.80
N GLU C 24 -10.53 74.52 13.08
CA GLU C 24 -9.46 73.57 12.83
C GLU C 24 -9.33 73.30 11.33
N GLN C 25 -9.92 72.20 10.87
CA GLN C 25 -9.97 71.87 9.45
C GLN C 25 -11.29 72.28 8.80
N ILE C 26 -12.12 73.04 9.52
CA ILE C 26 -13.40 73.52 8.99
C ILE C 26 -13.16 74.55 7.89
N ILE C 27 -12.12 75.38 8.06
CA ILE C 27 -11.73 76.38 7.06
C ILE C 27 -11.21 75.71 5.80
N TRP C 28 -10.51 74.57 5.95
CA TRP C 28 -9.95 73.84 4.81
C TRP C 28 -11.03 73.18 3.96
N VAL C 29 -12.15 72.78 4.58
CA VAL C 29 -13.29 72.25 3.84
C VAL C 29 -13.97 73.35 3.04
N TRP C 30 -14.11 74.54 3.64
CA TRP C 30 -14.73 75.66 2.94
C TRP C 30 -13.79 76.23 1.86
N GLU C 31 -12.48 76.15 2.08
CA GLU C 31 -11.53 76.59 1.06
C GLU C 31 -11.51 75.64 -0.14
N SER C 32 -11.66 74.33 0.13
CA SER C 32 -11.66 73.36 -0.96
C SER C 32 -12.98 73.36 -1.72
N LEU C 33 -14.04 73.88 -1.09
CA LEU C 33 -15.31 74.04 -1.80
C LEU C 33 -15.26 75.22 -2.77
N ASN C 34 -14.36 76.19 -2.52
CA ASN C 34 -14.23 77.31 -3.44
C ASN C 34 -13.30 76.98 -4.60
N LYS C 35 -12.44 75.98 -4.43
CA LYS C 35 -11.47 75.67 -5.48
C LYS C 35 -12.10 74.82 -6.58
N PHE C 36 -12.55 73.61 -6.24
CA PHE C 36 -13.00 72.64 -7.22
C PHE C 36 -14.51 72.49 -7.30
N GLN C 37 -15.27 73.28 -6.52
CA GLN C 37 -16.72 73.26 -6.35
C GLN C 37 -17.27 71.93 -5.84
N THR C 38 -16.44 71.11 -5.18
CA THR C 38 -16.87 69.86 -4.56
C THR C 38 -15.86 69.51 -3.46
N VAL C 39 -16.37 68.90 -2.39
CA VAL C 39 -15.54 68.41 -1.30
C VAL C 39 -15.95 66.98 -0.97
N CYS C 40 -15.05 66.28 -0.28
CA CYS C 40 -15.34 64.96 0.26
C CYS C 40 -15.09 64.98 1.76
N ILE C 41 -16.13 64.72 2.54
CA ILE C 41 -16.04 64.74 4.00
C ILE C 41 -16.18 63.31 4.50
N SER C 42 -15.26 62.91 5.39
CA SER C 42 -15.06 61.58 5.97
C SER C 42 -14.83 60.50 4.91
N ARG C 43 -14.32 60.85 3.72
CA ARG C 43 -13.91 60.07 2.53
C ARG C 43 -15.14 59.53 1.76
N ILE C 44 -16.36 59.63 2.31
CA ILE C 44 -17.50 58.93 1.77
C ILE C 44 -18.66 59.85 1.37
N PHE C 45 -18.78 61.05 1.94
CA PHE C 45 -19.88 61.94 1.63
C PHE C 45 -19.38 63.12 0.81
N ASN C 46 -20.04 63.40 -0.30
CA ASN C 46 -19.69 64.49 -1.18
C ASN C 46 -20.72 65.60 -1.04
N PHE C 47 -20.25 66.83 -0.83
CA PHE C 47 -21.13 67.97 -0.66
C PHE C 47 -20.71 69.10 -1.59
N GLN C 48 -21.67 69.92 -1.97
CA GLN C 48 -21.48 71.00 -2.93
C GLN C 48 -21.72 72.34 -2.25
N LEU C 49 -21.65 73.40 -3.06
CA LEU C 49 -21.93 74.74 -2.56
C LEU C 49 -23.42 74.96 -2.33
N GLN C 50 -24.26 74.22 -3.05
CA GLN C 50 -25.70 74.26 -2.80
C GLN C 50 -26.04 73.48 -1.54
N ASP C 51 -25.19 72.51 -1.17
CA ASP C 51 -25.45 71.62 -0.05
C ASP C 51 -25.26 72.26 1.32
N LEU C 52 -24.76 73.49 1.39
CA LEU C 52 -24.68 74.19 2.67
C LEU C 52 -26.06 74.74 3.03
N ARG C 53 -26.56 74.37 4.21
CA ARG C 53 -27.81 74.95 4.71
C ARG C 53 -27.61 76.41 5.07
N ASN C 54 -26.48 76.75 5.67
CA ASN C 54 -26.06 78.12 5.86
C ASN C 54 -24.61 78.22 5.39
N PRO C 55 -24.20 79.32 4.77
CA PRO C 55 -22.82 79.42 4.28
C PRO C 55 -21.85 79.73 5.41
N PRO C 56 -20.61 79.25 5.32
CA PRO C 56 -19.59 79.66 6.28
C PRO C 56 -19.18 81.10 6.08
N SER C 57 -18.77 81.74 7.16
CA SER C 57 -18.37 83.15 7.15
C SER C 57 -16.92 83.27 7.59
N THR C 58 -16.17 84.15 6.92
CA THR C 58 -14.75 84.27 7.19
C THR C 58 -14.47 85.05 8.48
N VAL C 59 -15.32 86.03 8.79
CA VAL C 59 -15.14 86.81 10.02
C VAL C 59 -15.53 85.97 11.24
N GLN C 60 -16.52 85.09 11.07
CA GLN C 60 -16.86 84.10 12.10
C GLN C 60 -15.75 83.05 12.20
N ASP C 61 -15.35 82.74 13.43
CA ASP C 61 -14.29 81.76 13.67
C ASP C 61 -14.74 80.37 13.27
N PHE C 62 -13.88 79.66 12.53
CA PHE C 62 -14.26 78.38 11.93
C PHE C 62 -14.30 77.27 12.98
N ASN C 63 -13.56 77.43 14.08
CA ASN C 63 -13.68 76.48 15.18
C ASN C 63 -15.00 76.65 15.91
N ASP C 64 -15.48 77.89 16.05
CA ASP C 64 -16.78 78.12 16.66
C ASP C 64 -17.91 77.85 15.68
N TYR C 65 -17.63 77.91 14.37
CA TYR C 65 -18.66 77.66 13.37
C TYR C 65 -18.94 76.18 13.25
N GLU C 66 -20.22 75.84 13.15
CA GLU C 66 -20.66 74.46 13.02
C GLU C 66 -21.26 74.27 11.62
N TYR C 67 -20.84 73.22 10.94
CA TYR C 67 -21.30 72.95 9.58
C TYR C 67 -22.75 72.48 9.58
N SER C 68 -23.47 72.83 8.51
CA SER C 68 -24.84 72.40 8.30
C SER C 68 -24.99 71.96 6.84
N PHE C 69 -25.53 70.76 6.63
CA PHE C 69 -25.64 70.17 5.31
C PHE C 69 -26.99 69.48 5.17
N ASN C 70 -27.81 69.95 4.22
CA ASN C 70 -29.12 69.33 3.99
C ASN C 70 -28.93 68.01 3.26
N PHE C 71 -28.97 66.93 4.05
CA PHE C 71 -28.63 65.61 3.54
C PHE C 71 -29.75 65.03 2.68
N GLY C 72 -31.00 65.20 3.10
CA GLY C 72 -32.11 64.64 2.34
C GLY C 72 -33.44 65.15 2.83
N THR C 73 -34.48 64.82 2.05
CA THR C 73 -35.85 65.22 2.36
C THR C 73 -36.61 64.01 2.92
N LEU C 74 -37.58 64.30 3.78
CA LEU C 74 -38.37 63.25 4.45
C LEU C 74 -39.76 63.23 3.83
N ASN C 75 -40.00 62.28 2.94
CA ASN C 75 -41.31 62.08 2.33
C ASN C 75 -41.76 60.66 2.57
N ASN C 76 -42.94 60.51 3.19
CA ASN C 76 -43.59 59.23 3.55
C ASN C 76 -42.68 58.34 4.40
N GLU C 77 -42.05 58.96 5.41
CA GLU C 77 -41.07 58.36 6.33
C GLU C 77 -39.88 57.73 5.59
N TYR C 78 -39.40 58.38 4.54
CA TYR C 78 -38.25 57.94 3.79
C TYR C 78 -37.29 59.11 3.62
N ILE C 79 -36.02 58.89 3.97
CA ILE C 79 -35.00 59.91 3.78
C ILE C 79 -34.36 59.72 2.40
N THR C 80 -34.55 60.69 1.53
CA THR C 80 -34.16 60.57 0.12
C THR C 80 -32.77 61.18 -0.06
N VAL C 81 -31.77 60.32 -0.18
CA VAL C 81 -30.37 60.73 -0.35
C VAL C 81 -30.09 60.80 -1.84
N PRO C 82 -29.63 61.94 -2.37
CA PRO C 82 -29.26 62.00 -3.79
C PRO C 82 -27.97 61.25 -4.06
N GLY C 83 -27.80 60.86 -5.32
CA GLY C 83 -26.69 59.98 -5.67
C GLY C 83 -25.37 60.72 -5.83
N ARG C 84 -25.41 62.05 -5.88
CA ARG C 84 -24.19 62.83 -6.02
C ARG C 84 -23.39 62.84 -4.72
N ILE C 85 -24.06 62.63 -3.58
CA ILE C 85 -23.37 62.57 -2.30
C ILE C 85 -22.56 61.28 -2.18
N LEU C 86 -23.14 60.16 -2.57
CA LEU C 86 -22.48 58.87 -2.50
C LEU C 86 -21.76 58.50 -3.78
N SER C 87 -21.70 59.43 -4.76
CA SER C 87 -21.01 59.30 -6.05
C SER C 87 -21.52 58.12 -6.87
N ILE C 88 -22.84 57.90 -6.82
CA ILE C 88 -23.47 56.77 -7.50
C ILE C 88 -24.59 57.30 -8.38
N ASN C 89 -24.98 56.50 -9.37
CA ASN C 89 -26.03 56.92 -10.29
C ASN C 89 -27.41 56.83 -9.64
N ARG C 90 -27.60 55.85 -8.75
CA ARG C 90 -28.93 55.55 -8.25
C ARG C 90 -29.20 56.33 -6.97
N ASP C 91 -30.49 56.55 -6.69
CA ASP C 91 -30.88 57.24 -5.47
C ASP C 91 -30.95 56.25 -4.30
N VAL C 92 -30.81 56.78 -3.09
CA VAL C 92 -30.85 56.00 -1.86
C VAL C 92 -32.00 56.49 -0.99
N LEU C 93 -32.90 55.60 -0.63
CA LEU C 93 -34.00 55.88 0.29
C LEU C 93 -33.87 55.01 1.52
N ILE C 94 -33.98 55.61 2.70
CA ILE C 94 -33.86 54.91 3.98
C ILE C 94 -35.09 55.23 4.81
N HIS C 95 -35.73 54.19 5.34
CA HIS C 95 -36.89 54.33 6.22
C HIS C 95 -36.51 55.00 7.54
N LYS C 96 -37.52 55.58 8.19
CA LYS C 96 -37.28 56.33 9.43
C LYS C 96 -37.05 55.41 10.62
N SER C 97 -37.38 54.12 10.50
CA SER C 97 -37.10 53.16 11.56
C SER C 97 -35.61 52.86 11.66
N ILE C 98 -34.91 52.90 10.53
CA ILE C 98 -33.46 52.75 10.53
C ILE C 98 -32.82 54.04 11.01
N LYS C 99 -31.99 53.94 12.05
CA LYS C 99 -31.30 55.11 12.57
C LYS C 99 -30.19 55.54 11.60
N LEU C 100 -30.16 56.82 11.29
CA LEU C 100 -29.17 57.36 10.36
C LEU C 100 -27.82 57.47 11.07
N GLU C 101 -26.81 56.85 10.49
CA GLU C 101 -25.49 56.82 11.12
C GLU C 101 -24.41 56.64 10.07
N ARG C 102 -23.17 56.91 10.48
CA ARG C 102 -22.02 56.69 9.62
C ARG C 102 -21.75 55.20 9.42
N LYS C 103 -22.07 54.40 10.44
CA LYS C 103 -21.90 52.94 10.36
C LYS C 103 -22.92 52.32 9.40
N VAL C 104 -24.08 52.98 9.24
CA VAL C 104 -25.06 52.55 8.25
C VAL C 104 -24.54 52.78 6.83
N PHE C 105 -23.95 53.95 6.58
CA PHE C 105 -23.43 54.24 5.25
C PHE C 105 -22.07 53.59 4.98
N ALA C 106 -21.22 53.49 6.00
CA ALA C 106 -19.84 53.07 5.81
C ALA C 106 -19.50 51.89 6.71
N SER C 107 -18.77 50.93 6.17
CA SER C 107 -18.18 49.87 6.98
C SER C 107 -16.78 50.31 7.41
N GLU C 108 -16.01 49.36 7.93
CA GLU C 108 -14.62 49.63 8.30
C GLU C 108 -13.78 49.73 7.03
N ARG C 109 -12.71 50.53 7.11
CA ARG C 109 -11.79 51.02 6.06
C ARG C 109 -12.49 51.95 5.08
N ASN C 110 -13.63 52.55 5.48
CA ASN C 110 -14.35 53.59 4.75
C ASN C 110 -14.82 53.15 3.36
N VAL C 111 -15.21 51.89 3.25
CA VAL C 111 -15.77 51.39 2.00
C VAL C 111 -17.23 51.82 1.92
N SER C 112 -17.75 51.88 0.70
CA SER C 112 -19.08 52.41 0.45
C SER C 112 -20.07 51.24 0.38
N ILE C 113 -21.02 51.23 1.31
CA ILE C 113 -22.01 50.14 1.37
C ILE C 113 -22.97 50.25 0.19
N PHE C 114 -23.46 51.46 -0.08
CA PHE C 114 -24.32 51.67 -1.24
C PHE C 114 -23.52 51.93 -2.51
N GLY C 115 -22.20 52.05 -2.38
CA GLY C 115 -21.37 52.18 -3.59
C GLY C 115 -21.27 50.84 -4.30
N ARG C 116 -20.83 49.81 -3.57
CA ARG C 116 -20.74 48.44 -4.14
C ARG C 116 -22.14 47.94 -4.53
N LEU C 117 -23.15 48.25 -3.70
CA LEU C 117 -24.53 47.76 -3.97
C LEU C 117 -25.02 48.32 -5.31
N SER C 118 -24.74 49.60 -5.57
CA SER C 118 -25.16 50.24 -6.84
C SER C 118 -24.49 49.52 -8.02
N LYS C 119 -23.20 49.20 -7.88
CA LYS C 119 -22.46 48.51 -8.97
C LYS C 119 -23.10 47.13 -9.21
N LEU C 120 -23.44 46.42 -8.13
CA LEU C 120 -24.05 45.06 -8.26
C LEU C 120 -25.43 45.16 -8.94
N LEU C 121 -26.22 46.19 -8.60
CA LEU C 121 -27.60 46.31 -9.15
C LEU C 121 -27.59 46.56 -10.66
N ASP C 122 -28.56 45.99 -11.38
CA ASP C 122 -28.67 46.27 -12.81
C ASP C 122 -29.84 47.20 -13.12
N HIS C 123 -30.90 47.14 -12.30
CA HIS C 123 -32.09 47.94 -12.56
C HIS C 123 -31.86 49.40 -12.17
N THR C 124 -32.57 50.30 -12.85
CA THR C 124 -32.48 51.73 -12.58
C THR C 124 -33.44 52.18 -11.49
N ASN C 125 -34.19 51.26 -10.88
CA ASN C 125 -34.96 51.55 -9.68
C ASN C 125 -34.01 51.88 -8.54
N PRO C 126 -34.31 52.89 -7.72
CA PRO C 126 -33.38 53.27 -6.66
C PRO C 126 -33.37 52.29 -5.50
N ILE C 127 -32.43 52.50 -4.58
CA ILE C 127 -32.25 51.58 -3.45
C ILE C 127 -33.07 52.07 -2.27
N ILE C 128 -34.09 51.30 -1.90
CA ILE C 128 -34.91 51.58 -0.73
C ILE C 128 -34.48 50.60 0.37
N ILE C 129 -34.22 51.12 1.56
CA ILE C 129 -33.90 50.31 2.73
C ILE C 129 -35.02 50.47 3.74
N GLY C 130 -35.66 49.37 4.10
CA GLY C 130 -36.71 49.38 5.10
C GLY C 130 -38.06 49.77 4.53
N GLY C 131 -39.08 49.60 5.38
CA GLY C 131 -40.44 49.94 5.00
C GLY C 131 -41.19 48.77 4.39
N ASP C 132 -42.38 49.08 3.89
CA ASP C 132 -43.29 48.08 3.35
C ASP C 132 -43.27 48.02 1.82
N LYS C 133 -42.29 48.64 1.18
CA LYS C 133 -42.20 48.59 -0.28
C LYS C 133 -41.70 47.22 -0.73
N PRO C 134 -42.23 46.65 -1.82
CA PRO C 134 -41.74 45.34 -2.27
C PRO C 134 -40.34 45.37 -2.86
N GLU C 135 -39.91 46.52 -3.39
CA GLU C 135 -38.55 46.62 -3.91
C GLU C 135 -37.55 47.01 -2.83
N ALA C 136 -38.04 47.26 -1.60
CA ALA C 136 -37.18 47.72 -0.53
C ALA C 136 -36.36 46.58 0.05
N ILE C 137 -35.12 46.89 0.41
CA ILE C 137 -34.33 45.98 1.24
C ILE C 137 -34.91 45.97 2.65
N PRO C 138 -35.16 44.80 3.25
CA PRO C 138 -35.67 44.78 4.63
C PRO C 138 -34.64 45.25 5.65
N LYS C 139 -35.14 45.77 6.77
CA LYS C 139 -34.29 46.34 7.81
C LYS C 139 -33.50 45.26 8.54
N SER C 140 -34.14 44.11 8.81
CA SER C 140 -33.52 43.06 9.61
C SER C 140 -32.43 42.32 8.83
N VAL C 141 -32.54 42.31 7.49
CA VAL C 141 -31.48 41.70 6.70
C VAL C 141 -30.38 42.72 6.39
N PHE C 142 -30.66 44.00 6.60
CA PHE C 142 -29.62 45.02 6.46
C PHE C 142 -28.71 45.02 7.66
N GLN C 143 -29.24 44.67 8.84
CA GLN C 143 -28.39 44.47 10.01
C GLN C 143 -27.62 43.16 9.89
N GLU C 144 -28.18 42.18 9.18
CA GLU C 144 -27.46 40.94 8.92
C GLU C 144 -26.33 41.16 7.93
N LEU C 145 -26.56 42.04 6.94
CA LEU C 145 -25.49 42.40 6.01
C LEU C 145 -24.42 43.24 6.69
N GLN C 146 -24.80 44.07 7.66
CA GLN C 146 -23.83 44.91 8.36
C GLN C 146 -23.00 44.10 9.34
N SER C 147 -23.56 43.01 9.87
CA SER C 147 -22.80 42.13 10.75
C SER C 147 -21.82 41.28 9.95
N LYS C 148 -22.15 40.98 8.69
CA LYS C 148 -21.25 40.18 7.86
C LYS C 148 -20.06 41.01 7.37
N PHE C 149 -20.22 42.33 7.32
CA PHE C 149 -19.19 43.24 6.82
C PHE C 149 -17.98 43.23 7.75
N PRO C 150 -16.76 43.37 7.22
CA PRO C 150 -15.56 43.16 8.06
C PRO C 150 -15.33 44.27 9.06
N ASN C 151 -15.25 43.89 10.33
CA ASN C 151 -14.86 44.81 11.39
C ASN C 151 -13.35 44.83 11.53
N THR C 152 -12.89 45.42 12.64
CA THR C 152 -11.45 45.58 12.85
C THR C 152 -10.80 44.24 13.23
N GLY C 153 -11.59 43.30 13.76
CA GLY C 153 -11.04 42.00 14.08
C GLY C 153 -10.79 41.13 12.86
N GLU C 154 -11.55 41.35 11.78
CA GLU C 154 -11.35 40.55 10.57
C GLU C 154 -10.15 41.03 9.79
N LEU C 155 -9.93 42.35 9.74
CA LEU C 155 -8.78 42.88 9.00
C LEU C 155 -7.49 42.66 9.76
N ASP C 156 -7.56 42.57 11.09
CA ASP C 156 -6.39 42.18 11.87
C ASP C 156 -6.07 40.70 11.66
N ARG C 157 -7.12 39.87 11.55
CA ARG C 157 -6.91 38.44 11.33
C ARG C 157 -6.46 38.15 9.91
N TYR C 158 -6.87 38.98 8.95
CA TYR C 158 -6.41 38.80 7.58
C TYR C 158 -4.97 39.27 7.43
N ALA C 159 -4.58 40.31 8.17
CA ALA C 159 -3.22 40.82 8.09
C ALA C 159 -2.23 39.88 8.76
N ASN C 160 -2.66 39.18 9.81
CA ASN C 160 -1.80 38.20 10.45
C ASN C 160 -1.67 36.95 9.60
N ALA C 161 -2.73 36.58 8.86
CA ALA C 161 -2.69 35.36 8.06
C ALA C 161 -1.91 35.56 6.78
N ARG C 162 -1.87 36.79 6.26
CA ARG C 162 -1.16 37.07 5.01
C ARG C 162 0.34 37.05 5.22
N VAL C 163 0.80 37.55 6.37
CA VAL C 163 2.22 37.46 6.72
C VAL C 163 2.60 36.02 7.02
N HIS C 164 1.68 35.27 7.65
CA HIS C 164 1.92 33.85 7.93
C HIS C 164 1.93 33.02 6.66
N ALA C 165 1.20 33.46 5.62
CA ALA C 165 1.25 32.78 4.33
C ALA C 165 2.57 33.04 3.62
N ILE C 166 3.16 34.22 3.82
CA ILE C 166 4.43 34.53 3.16
C ILE C 166 5.58 33.87 3.90
N LEU C 167 5.67 34.09 5.21
CA LEU C 167 6.83 33.66 5.99
C LEU C 167 6.64 32.26 6.57
N ALA C 168 6.25 31.30 5.74
CA ALA C 168 5.99 29.93 6.18
C ALA C 168 7.17 29.05 5.78
N GLY C 169 7.69 28.29 6.75
CA GLY C 169 8.90 27.54 6.56
C GLY C 169 10.17 28.30 6.90
N TYR C 170 10.05 29.56 7.31
CA TYR C 170 11.18 30.39 7.69
C TYR C 170 11.15 30.81 9.16
N LEU C 171 9.95 30.99 9.71
CA LEU C 171 9.77 31.26 11.13
C LEU C 171 8.98 30.13 11.74
N ASP C 172 9.64 29.29 12.53
CA ASP C 172 9.01 28.13 13.14
C ASP C 172 8.24 28.46 14.40
N GLY C 173 8.42 29.65 14.95
CA GLY C 173 7.77 30.06 16.18
C GLY C 173 6.62 31.03 16.05
N MET C 174 6.06 31.21 14.84
CA MET C 174 4.94 32.11 14.68
C MET C 174 3.66 31.50 15.22
N LYS C 175 2.72 32.36 15.62
CA LYS C 175 1.41 31.91 16.03
C LYS C 175 0.61 31.43 14.83
N ASP C 176 -0.35 30.55 15.09
CA ASP C 176 -1.21 30.01 14.04
C ASP C 176 -2.26 31.07 13.68
N ALA C 177 -1.95 31.83 12.62
CA ALA C 177 -2.83 32.91 12.20
C ALA C 177 -3.74 32.48 11.06
N ARG C 178 -3.32 31.47 10.29
CA ARG C 178 -4.16 31.01 9.18
C ARG C 178 -5.33 30.18 9.70
N GLU C 179 -5.15 29.50 10.83
CA GLU C 179 -6.27 28.80 11.45
C GLU C 179 -7.25 29.78 12.10
N ARG C 180 -6.72 30.85 12.71
CA ARG C 180 -7.58 31.82 13.39
C ARG C 180 -8.36 32.66 12.40
N TYR C 181 -7.80 32.88 11.21
CA TYR C 181 -8.51 33.67 10.20
C TYR C 181 -9.64 32.88 9.56
N GLU C 182 -9.40 31.61 9.25
CA GLU C 182 -10.39 30.84 8.50
C GLU C 182 -11.50 30.31 9.41
N HIS C 183 -11.21 30.19 10.72
CA HIS C 183 -12.25 29.76 11.65
C HIS C 183 -13.24 30.89 11.91
N TYR C 184 -12.76 32.14 11.86
CA TYR C 184 -13.66 33.27 12.00
C TYR C 184 -14.43 33.49 10.70
N LEU C 185 -13.81 33.18 9.56
CA LEU C 185 -14.45 33.46 8.27
C LEU C 185 -15.52 32.42 7.95
N ASN C 186 -15.47 31.25 8.61
CA ASN C 186 -16.51 30.25 8.41
C ASN C 186 -17.80 30.62 9.13
N ARG C 187 -17.73 31.55 10.09
CA ARG C 187 -18.92 32.01 10.79
C ARG C 187 -19.78 32.89 9.91
N LYS C 188 -19.16 33.64 9.00
CA LYS C 188 -19.87 34.52 8.08
C LYS C 188 -19.82 33.94 6.67
N THR C 189 -20.92 33.36 6.22
CA THR C 189 -21.01 32.72 4.91
C THR C 189 -21.79 33.63 3.98
N VAL C 190 -21.22 33.89 2.80
CA VAL C 190 -21.87 34.81 1.86
C VAL C 190 -22.86 34.06 0.98
N ILE C 191 -22.81 32.73 0.98
CA ILE C 191 -23.64 31.94 0.09
C ILE C 191 -24.94 31.58 0.81
N ARG C 192 -26.07 31.93 0.18
CA ARG C 192 -27.37 31.71 0.81
C ARG C 192 -27.76 30.24 0.79
N LYS C 193 -27.18 29.46 -0.13
CA LYS C 193 -27.23 28.00 -0.39
C LYS C 193 -28.57 27.53 -0.97
N THR C 194 -29.59 28.38 -1.01
CA THR C 194 -30.82 28.10 -1.76
C THR C 194 -30.71 28.55 -3.21
N ASP C 195 -29.65 29.28 -3.57
CA ASP C 195 -29.39 29.68 -4.94
C ASP C 195 -28.31 28.82 -5.58
N LYS C 196 -28.29 27.52 -5.26
CA LYS C 196 -27.30 26.62 -5.83
C LYS C 196 -27.61 26.32 -7.28
N LEU C 197 -26.60 25.91 -8.03
CA LEU C 197 -26.80 25.60 -9.44
C LEU C 197 -27.49 24.25 -9.59
N ASP C 198 -28.65 24.26 -10.24
CA ASP C 198 -29.41 23.06 -10.51
C ASP C 198 -28.85 22.43 -11.78
N LEU C 199 -28.04 21.39 -11.61
CA LEU C 199 -27.37 20.72 -12.72
C LEU C 199 -28.11 19.47 -13.16
N GLU C 200 -29.45 19.49 -13.12
CA GLU C 200 -30.21 18.28 -13.42
C GLU C 200 -30.21 17.96 -14.91
N VAL C 201 -30.02 18.97 -15.76
CA VAL C 201 -30.06 18.72 -17.21
C VAL C 201 -28.75 18.11 -17.66
N LEU C 202 -27.65 18.43 -16.97
CA LEU C 202 -26.40 17.73 -17.19
C LEU C 202 -26.47 16.29 -16.68
N ASN C 203 -27.23 16.06 -15.61
CA ASN C 203 -27.22 14.75 -14.95
C ASN C 203 -28.02 13.71 -15.74
N LYS C 204 -29.03 14.14 -16.51
CA LYS C 204 -29.72 13.19 -17.37
C LYS C 204 -28.87 12.79 -18.57
N LEU C 205 -27.97 13.68 -19.01
CA LEU C 205 -27.05 13.31 -20.07
C LEU C 205 -25.99 12.35 -19.57
N GLU C 206 -25.59 12.47 -18.30
CA GLU C 206 -24.70 11.49 -17.72
C GLU C 206 -25.42 10.17 -17.46
N ILE C 207 -26.73 10.23 -17.21
CA ILE C 207 -27.55 9.01 -17.15
C ILE C 207 -27.67 8.41 -18.55
N GLU C 208 -27.91 9.24 -19.57
CA GLU C 208 -28.05 8.75 -20.95
C GLU C 208 -26.72 8.26 -21.52
N LYS C 209 -25.60 8.79 -21.02
CA LYS C 209 -24.30 8.25 -21.43
C LYS C 209 -24.06 6.88 -20.79
N TYR C 210 -24.33 6.77 -19.49
CA TYR C 210 -23.98 5.56 -18.76
C TYR C 210 -24.97 4.43 -19.05
N THR C 211 -26.20 4.77 -19.46
CA THR C 211 -27.13 3.72 -19.89
C THR C 211 -26.77 3.21 -21.28
N LEU C 212 -26.24 4.08 -22.13
CA LEU C 212 -25.83 3.68 -23.48
C LEU C 212 -24.61 2.78 -23.44
N ILE C 213 -23.70 3.01 -22.49
CA ILE C 213 -22.58 2.10 -22.29
C ILE C 213 -23.07 0.78 -21.70
N ARG C 214 -24.03 0.85 -20.77
CA ARG C 214 -24.51 -0.35 -20.08
C ARG C 214 -25.36 -1.23 -20.99
N ASP C 215 -26.11 -0.63 -21.92
CA ASP C 215 -26.97 -1.42 -22.79
C ASP C 215 -26.17 -2.10 -23.89
N ILE C 216 -25.08 -1.48 -24.34
CA ILE C 216 -24.26 -2.07 -25.40
C ILE C 216 -23.45 -3.23 -24.86
N ILE C 217 -22.90 -3.08 -23.65
CA ILE C 217 -22.09 -4.13 -23.01
C ILE C 217 -22.95 -5.33 -22.63
N GLN C 218 -24.16 -5.08 -22.11
CA GLN C 218 -25.07 -6.17 -21.76
C GLN C 218 -25.63 -6.87 -22.99
N ASP C 219 -25.74 -6.16 -24.11
CA ASP C 219 -26.09 -6.82 -25.36
C ASP C 219 -24.89 -7.58 -25.92
N ALA C 220 -23.68 -7.14 -25.58
CA ALA C 220 -22.48 -7.84 -26.04
C ALA C 220 -22.26 -9.12 -25.27
N LEU C 221 -22.70 -9.16 -24.01
CA LEU C 221 -22.50 -10.36 -23.18
C LEU C 221 -23.44 -11.48 -23.58
N ASN C 222 -24.56 -11.13 -24.23
CA ASN C 222 -25.56 -12.15 -24.55
C ASN C 222 -25.43 -12.62 -26.00
N ASN C 223 -25.09 -11.70 -26.93
CA ASN C 223 -25.06 -12.04 -28.34
C ASN C 223 -23.68 -11.98 -28.99
N LYS C 224 -22.79 -11.09 -28.53
CA LYS C 224 -21.52 -10.89 -29.20
C LYS C 224 -20.39 -11.72 -28.60
N THR C 225 -20.71 -12.84 -27.95
CA THR C 225 -19.66 -13.70 -27.41
C THR C 225 -19.07 -14.61 -28.48
N ASN C 226 -19.73 -14.71 -29.65
CA ASN C 226 -19.20 -15.51 -30.74
C ASN C 226 -18.11 -14.79 -31.53
N LEU C 227 -17.91 -13.50 -31.27
CA LEU C 227 -16.85 -12.75 -31.94
C LEU C 227 -15.48 -13.13 -31.38
N SER C 228 -14.44 -12.67 -32.08
CA SER C 228 -13.08 -13.02 -31.70
C SER C 228 -12.60 -12.20 -30.50
N GLU C 229 -11.39 -12.49 -30.05
CA GLU C 229 -10.79 -11.77 -28.93
C GLU C 229 -10.43 -10.34 -29.34
N ASP C 230 -9.91 -10.17 -30.55
CA ASP C 230 -9.64 -8.83 -31.05
C ASP C 230 -10.94 -8.11 -31.43
N ASP C 231 -11.97 -8.87 -31.80
CA ASP C 231 -13.26 -8.27 -32.10
C ASP C 231 -14.01 -7.91 -30.82
N TRP C 232 -13.67 -8.56 -29.71
CA TRP C 232 -14.21 -8.14 -28.42
C TRP C 232 -13.50 -6.89 -27.91
N GLN C 233 -12.21 -6.78 -28.21
CA GLN C 233 -11.44 -5.61 -27.78
C GLN C 233 -11.83 -4.37 -28.57
N SER C 234 -12.11 -4.56 -29.86
CA SER C 234 -12.51 -3.42 -30.74
C SER C 234 -13.84 -2.85 -30.26
N LEU C 235 -14.75 -3.71 -29.80
CA LEU C 235 -16.09 -3.26 -29.33
C LEU C 235 -15.94 -2.37 -28.09
N MET C 236 -15.02 -2.72 -27.17
CA MET C 236 -14.92 -1.96 -25.89
C MET C 236 -14.03 -0.72 -26.02
N ILE C 237 -13.15 -0.66 -27.03
CA ILE C 237 -12.22 0.49 -27.11
C ILE C 237 -12.88 1.87 -27.13
N PRO C 238 -13.98 2.16 -27.88
CA PRO C 238 -14.59 3.51 -27.74
C PRO C 238 -15.26 3.81 -26.41
N PHE C 239 -15.50 2.81 -25.56
CA PHE C 239 -16.13 3.07 -24.26
C PHE C 239 -15.14 3.09 -23.11
N ILE C 240 -13.84 2.92 -23.34
CA ILE C 240 -12.87 2.85 -22.24
C ILE C 240 -12.66 4.23 -21.62
N THR C 241 -12.52 5.26 -22.47
CA THR C 241 -12.27 6.60 -21.96
C THR C 241 -13.53 7.23 -21.39
N LEU C 242 -14.70 6.69 -21.72
CA LEU C 242 -15.94 7.13 -21.07
C LEU C 242 -16.16 6.40 -19.75
N LEU C 243 -15.77 5.13 -19.68
CA LEU C 243 -15.88 4.39 -18.42
C LEU C 243 -14.83 4.83 -17.41
N PHE C 244 -13.61 5.08 -17.88
CA PHE C 244 -12.51 5.55 -17.05
C PHE C 244 -12.09 6.91 -17.57
N PRO C 245 -12.66 8.00 -17.06
CA PRO C 245 -12.36 9.33 -17.63
C PRO C 245 -11.07 9.95 -17.11
N LYS C 246 -10.32 9.25 -16.24
CA LYS C 246 -8.96 9.65 -15.92
C LYS C 246 -8.07 9.56 -17.17
N TYR C 247 -8.28 8.54 -17.99
CA TYR C 247 -7.49 8.31 -19.19
C TYR C 247 -8.16 9.01 -20.36
N ILE C 248 -7.37 9.74 -21.16
CA ILE C 248 -7.90 10.56 -22.23
C ILE C 248 -7.52 10.06 -23.61
N LYS C 249 -6.60 9.10 -23.72
CA LYS C 249 -6.14 8.62 -25.01
C LYS C 249 -6.00 7.10 -24.96
N VAL C 250 -6.46 6.45 -26.03
CA VAL C 250 -6.34 5.01 -26.19
C VAL C 250 -5.32 4.75 -27.29
N LEU C 251 -4.27 4.00 -26.94
CA LEU C 251 -3.19 3.66 -27.88
C LEU C 251 -3.21 2.17 -28.13
N GLU C 252 -3.03 1.78 -29.38
CA GLU C 252 -3.12 0.39 -29.80
C GLU C 252 -1.81 -0.05 -30.45
N LYS C 253 -1.43 -1.30 -30.15
CA LYS C 253 -0.21 -1.98 -30.63
C LYS C 253 1.05 -1.19 -30.29
N VAL C 254 1.22 -0.89 -29.01
CA VAL C 254 2.35 -0.08 -28.57
C VAL C 254 3.58 -0.95 -28.40
N LYS C 255 4.64 -0.64 -29.15
CA LYS C 255 5.84 -1.46 -29.18
C LYS C 255 6.70 -1.16 -27.96
N ILE C 256 7.00 -2.19 -27.18
CA ILE C 256 7.78 -2.09 -25.95
C ILE C 256 9.07 -2.89 -26.14
N PHE C 257 10.20 -2.31 -25.74
CA PHE C 257 11.47 -3.01 -25.86
C PHE C 257 11.68 -3.93 -24.66
N ASP C 258 12.11 -5.16 -24.95
CA ASP C 258 12.36 -6.18 -23.93
C ASP C 258 13.84 -6.48 -23.90
N TYR C 259 14.44 -6.42 -22.71
CA TYR C 259 15.85 -6.71 -22.51
C TYR C 259 16.10 -7.86 -21.56
N TYR C 260 15.06 -8.56 -21.12
CA TYR C 260 15.20 -9.56 -20.07
C TYR C 260 14.90 -10.99 -20.52
N SER C 261 13.99 -11.17 -21.49
CA SER C 261 13.69 -12.52 -21.95
C SER C 261 14.80 -13.06 -22.83
N ASN C 262 15.45 -12.18 -23.58
CA ASN C 262 16.67 -12.51 -24.30
C ASN C 262 17.76 -11.54 -23.87
N PRO C 263 18.79 -11.99 -23.14
CA PRO C 263 19.80 -11.03 -22.67
C PRO C 263 20.77 -10.57 -23.76
N SER C 264 20.83 -11.30 -24.88
CA SER C 264 21.79 -10.94 -25.93
C SER C 264 21.28 -9.81 -26.80
N ALA C 265 19.98 -9.78 -27.10
CA ALA C 265 19.42 -8.83 -28.05
C ALA C 265 18.06 -8.35 -27.58
N LYS C 266 17.65 -7.19 -28.10
CA LYS C 266 16.37 -6.60 -27.73
C LYS C 266 15.22 -7.34 -28.43
N THR C 267 14.12 -7.52 -27.69
CA THR C 267 12.91 -8.15 -28.20
C THR C 267 11.80 -7.11 -28.21
N ASN C 268 11.00 -7.10 -29.27
CA ASN C 268 9.85 -6.21 -29.37
C ASN C 268 8.62 -6.89 -28.79
N ARG C 269 8.00 -6.24 -27.81
CA ARG C 269 6.75 -6.69 -27.23
C ARG C 269 5.68 -5.64 -27.48
N PHE C 270 4.42 -6.07 -27.54
CA PHE C 270 3.32 -5.21 -27.96
C PHE C 270 2.20 -5.23 -26.93
N ILE C 271 1.91 -4.07 -26.36
CA ILE C 271 0.72 -3.88 -25.53
C ILE C 271 -0.46 -3.69 -26.47
N ASP C 272 -1.54 -4.44 -26.24
CA ASP C 272 -2.70 -4.38 -27.14
C ASP C 272 -3.45 -3.07 -26.98
N ILE C 273 -3.87 -2.74 -25.76
CA ILE C 273 -4.51 -1.45 -25.47
C ILE C 273 -3.72 -0.76 -24.36
N ALA C 274 -3.33 0.48 -24.60
CA ALA C 274 -2.61 1.28 -23.61
C ALA C 274 -3.32 2.61 -23.41
N LEU C 275 -3.16 3.17 -22.21
CA LEU C 275 -3.93 4.32 -21.77
C LEU C 275 -3.01 5.45 -21.34
N VAL C 276 -3.37 6.68 -21.71
CA VAL C 276 -2.61 7.89 -21.37
C VAL C 276 -3.49 8.78 -20.50
N ASP C 277 -2.94 9.20 -19.35
CA ASP C 277 -3.65 10.12 -18.45
C ASP C 277 -3.64 11.55 -19.01
N ALA C 278 -4.28 12.44 -18.26
CA ALA C 278 -4.26 13.86 -18.62
C ALA C 278 -2.91 14.49 -18.29
N ASN C 279 -2.21 13.94 -17.30
CA ASN C 279 -0.84 14.37 -17.04
C ASN C 279 0.14 13.81 -18.06
N GLY C 280 -0.19 12.67 -18.66
CA GLY C 280 0.67 12.03 -19.63
C GLY C 280 1.23 10.69 -19.20
N ASN C 281 0.83 10.18 -18.04
CA ASN C 281 1.32 8.89 -17.58
C ASN C 281 0.70 7.75 -18.39
N LEU C 282 1.48 6.71 -18.63
CA LEU C 282 1.07 5.61 -19.48
C LEU C 282 0.61 4.43 -18.64
N ASP C 283 -0.61 3.95 -18.91
CA ASP C 283 -1.19 2.80 -18.24
C ASP C 283 -1.60 1.76 -19.28
N ILE C 284 -2.01 0.60 -18.78
CA ILE C 284 -2.40 -0.55 -19.59
C ILE C 284 -3.82 -0.93 -19.19
N ILE C 285 -4.66 -1.28 -20.17
CA ILE C 285 -5.91 -1.98 -19.90
C ILE C 285 -5.89 -3.30 -20.65
N GLU C 286 -6.26 -4.38 -19.96
CA GLU C 286 -6.38 -5.71 -20.56
C GLU C 286 -7.86 -6.05 -20.64
N VAL C 287 -8.42 -5.96 -21.85
CA VAL C 287 -9.80 -6.32 -22.10
C VAL C 287 -9.82 -7.74 -22.62
N LYS C 288 -10.43 -8.64 -21.86
CA LYS C 288 -10.42 -10.07 -22.15
C LYS C 288 -11.82 -10.55 -22.50
N LYS C 289 -11.87 -11.73 -23.11
CA LYS C 289 -13.15 -12.34 -23.44
C LYS C 289 -13.81 -12.89 -22.18
N PRO C 290 -15.11 -12.68 -21.99
CA PRO C 290 -15.78 -13.25 -20.82
C PRO C 290 -16.20 -14.71 -21.04
N PHE C 291 -15.90 -15.54 -20.05
CA PHE C 291 -16.45 -16.88 -19.95
C PHE C 291 -17.14 -17.01 -18.60
N ASP C 292 -17.52 -18.24 -18.25
CA ASP C 292 -18.41 -18.45 -17.12
C ASP C 292 -17.70 -18.26 -15.78
N ASP C 293 -16.64 -19.03 -15.54
CA ASP C 293 -15.88 -18.96 -14.29
C ASP C 293 -14.41 -18.69 -14.63
N LYS C 294 -14.02 -17.41 -14.57
CA LYS C 294 -12.69 -16.99 -14.94
C LYS C 294 -11.95 -16.27 -13.83
N ILE C 295 -12.50 -16.25 -12.62
CA ILE C 295 -11.87 -15.56 -11.49
C ILE C 295 -11.45 -16.55 -10.41
N LEU C 296 -12.36 -17.42 -9.99
CA LEU C 296 -12.11 -18.35 -8.90
C LEU C 296 -12.10 -19.78 -9.43
N ARG C 297 -11.24 -20.61 -8.87
CA ARG C 297 -11.29 -22.03 -9.15
C ARG C 297 -12.48 -22.66 -8.44
N LYS C 298 -12.91 -23.83 -8.93
CA LYS C 298 -14.16 -24.42 -8.47
C LYS C 298 -14.01 -25.03 -7.08
N THR C 299 -12.84 -25.56 -6.77
CA THR C 299 -12.57 -26.14 -5.46
C THR C 299 -11.52 -25.31 -4.74
N PRO C 300 -11.69 -25.02 -3.45
CA PRO C 300 -10.67 -24.22 -2.75
C PRO C 300 -9.42 -25.03 -2.48
N TYR C 301 -8.30 -24.30 -2.35
CA TYR C 301 -7.02 -24.86 -1.95
C TYR C 301 -6.76 -24.43 -0.52
N ARG C 302 -6.74 -25.42 0.40
CA ARG C 302 -6.48 -25.26 1.83
C ARG C 302 -7.48 -24.29 2.47
N ASP C 303 -8.76 -24.50 2.15
CA ASP C 303 -9.96 -23.72 2.52
C ASP C 303 -9.93 -22.28 2.02
N ASN C 304 -9.10 -21.96 1.03
CA ASN C 304 -9.10 -20.65 0.38
C ASN C 304 -9.28 -20.85 -1.11
N TYR C 305 -10.18 -20.08 -1.71
CA TYR C 305 -10.36 -20.12 -3.15
C TYR C 305 -9.25 -19.34 -3.85
N ILE C 306 -8.61 -20.00 -4.80
CA ILE C 306 -7.37 -19.52 -5.41
C ILE C 306 -7.74 -18.95 -6.77
N PRO C 307 -6.90 -18.06 -7.34
CA PRO C 307 -7.17 -17.61 -8.71
C PRO C 307 -6.95 -18.73 -9.73
N THR C 308 -7.73 -18.67 -10.81
CA THR C 308 -7.64 -19.69 -11.84
C THR C 308 -6.47 -19.40 -12.77
N SER C 309 -6.20 -20.35 -13.67
CA SER C 309 -5.06 -20.24 -14.57
C SER C 309 -5.31 -19.21 -15.66
N GLU C 310 -6.58 -18.98 -16.01
CA GLU C 310 -6.91 -17.99 -17.02
C GLU C 310 -6.76 -16.57 -16.47
N LEU C 311 -7.07 -16.38 -15.19
CA LEU C 311 -6.87 -15.09 -14.56
C LEU C 311 -5.39 -14.83 -14.27
N SER C 312 -4.67 -15.85 -13.80
CA SER C 312 -3.28 -15.68 -13.42
C SER C 312 -2.37 -15.51 -14.64
N GLY C 313 -2.81 -16.03 -15.79
CA GLY C 313 -2.12 -15.70 -17.03
C GLY C 313 -2.46 -14.31 -17.53
N GLY C 314 -3.61 -13.78 -17.11
CA GLY C 314 -3.99 -12.43 -17.50
C GLY C 314 -3.28 -11.37 -16.68
N ILE C 315 -3.03 -11.65 -15.40
CA ILE C 315 -2.25 -10.74 -14.57
C ILE C 315 -0.79 -10.75 -15.00
N MET C 316 -0.27 -11.93 -15.34
CA MET C 316 1.14 -12.05 -15.72
C MET C 316 1.43 -11.46 -17.09
N GLN C 317 0.42 -11.40 -17.96
CA GLN C 317 0.61 -10.71 -19.23
C GLN C 317 0.67 -9.21 -19.04
N ALA C 318 -0.10 -8.69 -18.08
CA ALA C 318 -0.04 -7.27 -17.77
C ALA C 318 1.18 -6.93 -16.93
N GLU C 319 1.61 -7.85 -16.06
CA GLU C 319 2.75 -7.57 -15.19
C GLU C 319 4.06 -7.62 -15.96
N LYS C 320 4.10 -8.37 -17.06
CA LYS C 320 5.26 -8.34 -17.92
C LYS C 320 5.33 -7.05 -18.72
N TYR C 321 4.16 -6.45 -19.01
CA TYR C 321 4.15 -5.16 -19.70
C TYR C 321 4.58 -4.04 -18.77
N ILE C 322 4.22 -4.15 -17.49
CA ILE C 322 4.61 -3.15 -16.49
C ILE C 322 6.10 -3.25 -16.20
N PHE C 323 6.64 -4.47 -16.18
CA PHE C 323 8.06 -4.71 -15.93
C PHE C 323 8.92 -4.16 -17.07
N HIS C 324 8.49 -4.36 -18.32
CA HIS C 324 9.31 -3.92 -19.44
C HIS C 324 9.14 -2.42 -19.70
N LEU C 325 8.07 -1.83 -19.16
CA LEU C 325 7.93 -0.37 -19.21
C LEU C 325 8.77 0.30 -18.14
N SER C 326 8.83 -0.31 -16.94
CA SER C 326 9.59 0.27 -15.85
C SER C 326 11.10 0.09 -16.06
N LYS C 327 11.49 -1.00 -16.73
CA LYS C 327 12.91 -1.23 -16.99
C LYS C 327 13.38 -0.41 -18.19
N TRP C 328 12.43 0.08 -19.00
CA TRP C 328 12.77 0.91 -20.15
C TRP C 328 13.27 2.28 -19.70
N GLY C 329 12.58 2.90 -18.75
CA GLY C 329 13.13 4.08 -18.10
C GLY C 329 12.92 5.34 -18.91
N VAL C 330 13.96 6.17 -18.95
CA VAL C 330 13.87 7.47 -19.62
C VAL C 330 14.07 7.30 -21.12
N LYS C 331 14.64 6.16 -21.55
CA LYS C 331 14.82 5.92 -22.98
C LYS C 331 13.51 5.49 -23.63
N GLY C 332 12.55 5.03 -22.82
CA GLY C 332 11.26 4.65 -23.37
C GLY C 332 10.25 5.77 -23.34
N GLU C 333 10.45 6.75 -22.47
CA GLU C 333 9.59 7.93 -22.48
C GLU C 333 9.89 8.82 -23.68
N LYS C 334 11.16 8.84 -24.12
CA LYS C 334 11.50 9.57 -25.34
C LYS C 334 11.04 8.81 -26.58
N GLU C 335 11.02 7.47 -26.50
CA GLU C 335 10.63 6.67 -27.65
C GLU C 335 9.12 6.69 -27.86
N LEU C 336 8.36 6.60 -26.77
CA LEU C 336 6.90 6.55 -26.88
C LEU C 336 6.31 7.92 -27.19
N THR C 337 7.01 9.00 -26.79
CA THR C 337 6.56 10.33 -27.16
C THR C 337 6.77 10.59 -28.64
N ASN C 338 7.91 10.14 -29.18
CA ASN C 338 8.23 10.36 -30.59
C ASN C 338 7.33 9.52 -31.49
N ALA C 339 6.91 8.34 -31.03
CA ALA C 339 5.98 7.53 -31.81
C ALA C 339 4.56 8.07 -31.74
N TYR C 340 4.20 8.76 -30.65
CA TYR C 340 2.83 9.15 -30.41
C TYR C 340 2.67 10.65 -30.08
N LYS C 341 3.45 11.52 -30.73
CA LYS C 341 3.28 12.95 -30.50
C LYS C 341 2.06 13.48 -31.25
N ASN C 342 1.78 12.91 -32.42
CA ASN C 342 0.65 13.40 -33.22
C ASN C 342 -0.69 12.91 -32.65
N SER C 343 -0.68 11.77 -31.96
CA SER C 343 -1.90 11.25 -31.37
C SER C 343 -2.27 12.01 -30.10
N LEU C 344 -1.28 12.46 -29.36
CA LEU C 344 -1.51 13.14 -28.10
C LEU C 344 -1.90 14.60 -28.32
N PRO C 345 -2.53 15.24 -27.32
CA PRO C 345 -2.62 16.70 -27.33
C PRO C 345 -1.26 17.37 -27.23
N ALA C 346 -1.18 18.60 -27.74
CA ALA C 346 0.08 19.32 -27.81
C ALA C 346 0.55 19.76 -26.43
N GLY C 347 1.85 19.63 -26.20
CA GLY C 347 2.44 19.94 -24.92
C GLY C 347 2.42 18.82 -23.90
N MET C 348 2.15 17.59 -24.33
CA MET C 348 2.06 16.44 -23.44
C MET C 348 2.98 15.33 -23.95
N CYS C 349 3.81 14.79 -23.05
CA CYS C 349 4.72 13.70 -23.37
C CYS C 349 4.32 12.47 -22.58
N ILE C 350 4.57 11.28 -23.15
CA ILE C 350 4.27 10.04 -22.45
C ILE C 350 5.37 9.81 -21.41
N ARG C 351 4.96 9.64 -20.16
CA ARG C 351 5.87 9.40 -19.06
C ARG C 351 5.55 8.06 -18.43
N ILE C 352 6.59 7.27 -18.14
CA ILE C 352 6.43 5.98 -17.47
C ILE C 352 6.81 6.20 -16.01
N SER C 353 5.82 6.55 -15.20
CA SER C 353 6.01 6.81 -13.78
C SER C 353 5.07 5.90 -12.99
N ASN C 354 5.60 4.73 -12.60
CA ASN C 354 4.85 3.65 -11.97
C ASN C 354 3.58 3.24 -12.73
N PRO C 355 3.72 2.51 -13.85
CA PRO C 355 2.52 2.14 -14.62
C PRO C 355 1.74 1.02 -13.95
N LYS C 356 0.42 1.12 -14.03
CA LYS C 356 -0.48 0.15 -13.43
C LYS C 356 -1.44 -0.36 -14.49
N ALA C 357 -2.11 -1.47 -14.21
CA ALA C 357 -2.94 -2.14 -15.20
C ALA C 357 -4.37 -2.34 -14.71
N ILE C 358 -5.30 -2.32 -15.66
CA ILE C 358 -6.72 -2.58 -15.42
C ILE C 358 -7.09 -3.85 -16.17
N ILE C 359 -7.65 -4.83 -15.48
CA ILE C 359 -8.07 -6.09 -16.10
C ILE C 359 -9.59 -6.19 -15.99
N ILE C 360 -10.25 -6.36 -17.13
CA ILE C 360 -11.67 -6.67 -17.19
C ILE C 360 -11.79 -8.09 -17.73
N VAL C 361 -11.94 -9.07 -16.85
CA VAL C 361 -11.86 -10.48 -17.22
C VAL C 361 -13.05 -11.24 -16.61
N GLY C 362 -13.73 -12.03 -17.44
CA GLY C 362 -14.73 -12.97 -16.99
C GLY C 362 -16.02 -12.40 -16.46
N ARG C 363 -16.88 -13.28 -15.91
CA ARG C 363 -18.15 -12.84 -15.28
C ARG C 363 -18.21 -13.42 -13.87
N ASP C 364 -18.48 -12.61 -12.85
CA ASP C 364 -18.48 -13.09 -11.45
C ASP C 364 -19.58 -14.12 -11.20
N GLN C 365 -20.77 -13.92 -11.79
CA GLN C 365 -21.92 -14.83 -11.54
C GLN C 365 -22.21 -14.88 -10.03
N ILE C 366 -22.24 -13.71 -9.38
CA ILE C 366 -22.54 -13.64 -7.91
C ILE C 366 -24.01 -14.01 -7.67
N ALA C 367 -24.93 -13.51 -8.51
CA ALA C 367 -26.37 -13.73 -8.27
C ALA C 367 -26.83 -15.13 -8.71
N ASN C 368 -26.89 -15.39 -10.02
CA ASN C 368 -27.39 -16.66 -10.53
C ASN C 368 -26.58 -17.84 -10.01
N GLY C 369 -25.29 -17.61 -9.72
CA GLY C 369 -24.46 -18.69 -9.21
C GLY C 369 -24.72 -18.97 -7.74
N ASN C 370 -25.12 -17.92 -6.99
CA ASN C 370 -25.35 -17.93 -5.53
C ASN C 370 -24.13 -18.41 -4.75
N MET C 371 -23.02 -17.68 -4.90
CA MET C 371 -21.80 -18.02 -4.18
C MET C 371 -21.93 -17.65 -2.71
N THR C 372 -21.19 -18.36 -1.86
CA THR C 372 -21.31 -18.20 -0.42
C THR C 372 -20.57 -16.96 0.06
N ASP C 373 -20.65 -16.73 1.38
CA ASP C 373 -19.91 -15.62 1.97
C ASP C 373 -18.42 -15.91 2.04
N GLY C 374 -18.05 -17.19 2.05
CA GLY C 374 -16.64 -17.53 1.89
C GLY C 374 -16.12 -17.24 0.49
N GLN C 375 -16.93 -17.55 -0.53
CA GLN C 375 -16.53 -17.28 -1.91
C GLN C 375 -16.58 -15.78 -2.21
N LEU C 376 -17.51 -15.06 -1.59
CA LEU C 376 -17.56 -13.61 -1.76
C LEU C 376 -16.43 -12.91 -1.01
N LEU C 377 -15.91 -13.55 0.04
CA LEU C 377 -14.74 -13.01 0.71
C LEU C 377 -13.48 -13.19 -0.13
N ASP C 378 -13.33 -14.36 -0.77
CA ASP C 378 -12.16 -14.60 -1.61
C ASP C 378 -12.20 -13.77 -2.89
N PHE C 379 -13.41 -13.44 -3.37
CA PHE C 379 -13.54 -12.72 -4.62
C PHE C 379 -13.06 -11.27 -4.51
N GLU C 380 -13.24 -10.64 -3.34
CA GLU C 380 -12.81 -9.26 -3.16
C GLU C 380 -11.31 -9.18 -2.89
N ILE C 381 -10.71 -10.24 -2.35
CA ILE C 381 -9.30 -10.25 -1.99
C ILE C 381 -8.40 -10.30 -3.23
N ILE C 382 -8.82 -11.07 -4.26
CA ILE C 382 -8.03 -11.27 -5.49
C ILE C 382 -7.88 -9.96 -6.27
N LYS C 383 -8.93 -9.13 -6.25
CA LYS C 383 -8.90 -7.85 -6.96
C LYS C 383 -7.94 -6.86 -6.30
N ARG C 384 -7.73 -6.99 -4.99
CA ARG C 384 -6.78 -6.17 -4.25
C ARG C 384 -5.54 -6.95 -3.83
N LYS C 385 -5.25 -8.10 -4.44
CA LYS C 385 -4.09 -8.93 -4.00
C LYS C 385 -2.86 -8.55 -4.82
N TYR C 386 -3.02 -7.72 -5.85
CA TYR C 386 -1.88 -7.46 -6.77
C TYR C 386 -1.39 -6.02 -6.66
N ALA C 387 -0.08 -5.84 -6.56
CA ALA C 387 0.50 -4.49 -6.33
C ALA C 387 0.27 -3.58 -7.54
N ASN C 388 0.39 -4.11 -8.76
CA ASN C 388 0.33 -3.23 -9.92
C ASN C 388 -1.01 -3.25 -10.62
N MET C 389 -2.04 -3.82 -10.01
CA MET C 389 -3.39 -3.82 -10.58
C MET C 389 -4.26 -2.87 -9.75
N ILE C 390 -4.57 -1.71 -10.33
CA ILE C 390 -5.48 -0.76 -9.67
C ILE C 390 -6.91 -1.28 -9.69
N ASP C 391 -7.30 -1.99 -10.75
CA ASP C 391 -8.67 -2.44 -10.90
C ASP C 391 -8.68 -3.79 -11.61
N ILE C 392 -9.17 -4.81 -10.91
CA ILE C 392 -9.50 -6.09 -11.53
C ILE C 392 -11.01 -6.18 -11.56
N LEU C 393 -11.57 -6.36 -12.75
CA LEU C 393 -13.00 -6.30 -12.94
C LEU C 393 -13.50 -7.55 -13.63
N THR C 394 -14.75 -7.90 -13.35
CA THR C 394 -15.52 -8.78 -14.20
C THR C 394 -16.45 -7.90 -15.03
N TYR C 395 -17.10 -8.51 -16.02
CA TYR C 395 -18.05 -7.75 -16.82
C TYR C 395 -19.35 -7.55 -16.06
N ASP C 396 -19.65 -8.41 -15.10
CA ASP C 396 -20.79 -8.20 -14.22
C ASP C 396 -20.49 -7.10 -13.20
N ASP C 397 -19.22 -6.96 -12.81
CA ASP C 397 -18.85 -5.89 -11.89
C ASP C 397 -18.82 -4.55 -12.62
N LEU C 398 -18.50 -4.56 -13.91
CA LEU C 398 -18.57 -3.35 -14.73
C LEU C 398 -20.00 -2.91 -14.94
N LEU C 399 -20.94 -3.86 -15.05
CA LEU C 399 -22.35 -3.52 -15.13
C LEU C 399 -22.89 -3.10 -13.77
N ARG C 400 -22.31 -3.62 -12.69
CA ARG C 400 -22.73 -3.22 -11.34
C ARG C 400 -22.26 -1.81 -11.02
N ARG C 401 -21.06 -1.46 -11.47
CA ARG C 401 -20.54 -0.12 -11.23
C ARG C 401 -21.23 0.90 -12.14
N LEU C 402 -21.67 0.47 -13.32
CA LEU C 402 -22.44 1.36 -14.20
C LEU C 402 -23.84 1.59 -13.66
N ASN C 403 -24.41 0.60 -12.98
CA ASN C 403 -25.74 0.77 -12.40
C ASN C 403 -25.69 1.65 -11.15
N ASN C 404 -24.55 1.65 -10.46
CA ASN C 404 -24.41 2.48 -9.27
C ASN C 404 -24.18 3.95 -9.64
N THR C 405 -23.63 4.20 -10.85
CA THR C 405 -23.53 5.57 -11.34
C THR C 405 -24.92 6.13 -11.67
N ILE C 406 -25.77 5.30 -12.28
CA ILE C 406 -27.07 5.74 -12.77
C ILE C 406 -28.02 6.03 -11.60
N GLU C 407 -27.96 5.19 -10.55
CA GLU C 407 -28.80 5.39 -9.38
C GLU C 407 -28.32 6.58 -8.54
N ALA C 408 -27.03 6.90 -8.63
CA ALA C 408 -26.52 8.07 -7.91
C ALA C 408 -26.90 9.37 -8.61
N LEU C 409 -26.88 9.37 -9.94
CA LEU C 409 -27.17 10.58 -10.69
C LEU C 409 -28.66 10.87 -10.72
N LYS C 410 -29.49 9.84 -10.48
CA LYS C 410 -30.93 10.04 -10.39
C LYS C 410 -31.31 10.80 -9.13
N GLY C 411 -30.67 10.47 -8.01
CA GLY C 411 -30.95 11.13 -6.74
C GLY C 411 -29.71 11.41 -5.93
N MET D 4 13.35 63.39 3.73
CA MET D 4 13.82 62.06 3.37
C MET D 4 14.87 61.55 4.35
N LEU D 5 14.58 60.40 4.95
CA LEU D 5 15.49 59.83 5.94
C LEU D 5 16.68 59.18 5.25
N GLN D 6 17.88 59.54 5.69
CA GLN D 6 19.12 59.07 5.08
C GLN D 6 19.89 58.23 6.10
N PHE D 7 20.26 57.01 5.71
CA PHE D 7 20.89 56.05 6.59
C PHE D 7 22.36 55.88 6.22
N SER D 8 23.21 55.76 7.24
CA SER D 8 24.64 55.56 7.05
C SER D 8 25.19 54.84 8.27
N PHE D 9 26.47 54.48 8.21
CA PHE D 9 27.16 53.85 9.32
C PHE D 9 28.54 54.47 9.49
N VAL D 10 28.86 54.88 10.72
CA VAL D 10 30.16 55.44 11.06
C VAL D 10 30.81 54.48 12.06
N SER D 11 31.84 53.78 11.59
CA SER D 11 32.64 52.76 12.32
C SER D 11 31.69 51.64 12.77
N ASN D 12 31.70 51.28 14.06
CA ASN D 12 30.87 50.19 14.55
C ASN D 12 29.40 50.58 14.64
N ASP D 13 29.13 51.79 15.16
CA ASP D 13 27.75 52.22 15.36
C ASP D 13 27.12 52.66 14.03
N VAL D 14 25.78 52.65 14.01
CA VAL D 14 25.00 53.00 12.83
C VAL D 14 24.28 54.31 13.11
N VAL D 15 24.70 55.37 12.42
CA VAL D 15 24.12 56.72 12.70
C VAL D 15 23.27 57.18 11.52
N MET D 16 21.95 57.14 11.64
CA MET D 16 21.06 57.67 10.58
C MET D 16 21.04 59.20 10.66
N THR D 17 20.75 59.87 9.54
CA THR D 17 20.66 61.35 9.54
C THR D 17 19.23 61.78 9.20
N TYR D 18 18.63 62.64 10.04
CA TYR D 18 17.24 63.10 9.82
C TYR D 18 17.20 64.62 9.69
N ASP D 19 16.52 65.14 8.67
CA ASP D 19 16.38 66.62 8.52
C ASP D 19 14.90 67.00 8.50
N GLU D 24 7.36 71.14 8.69
CA GLU D 24 8.22 70.36 9.57
C GLU D 24 9.27 71.26 10.21
N GLN D 25 9.22 71.38 11.54
CA GLN D 25 10.14 72.22 12.30
C GLN D 25 11.05 71.32 13.13
N ILE D 26 12.36 71.51 12.97
CA ILE D 26 13.36 70.72 13.70
C ILE D 26 13.38 71.12 15.18
N ILE D 27 13.10 72.40 15.44
CA ILE D 27 13.07 72.97 16.80
C ILE D 27 11.93 72.34 17.61
N TRP D 28 10.79 72.08 16.96
CA TRP D 28 9.67 71.43 17.62
C TRP D 28 9.98 69.96 17.94
N VAL D 29 10.78 69.30 17.09
CA VAL D 29 11.25 67.94 17.37
C VAL D 29 12.19 67.93 18.57
N TRP D 30 13.03 68.97 18.69
CA TRP D 30 13.91 69.11 19.85
C TRP D 30 13.13 69.40 21.13
N GLU D 31 12.05 70.19 21.02
CA GLU D 31 11.21 70.48 22.18
C GLU D 31 10.43 69.26 22.62
N SER D 32 9.97 68.43 21.67
CA SER D 32 9.29 67.19 22.01
C SER D 32 10.25 66.17 22.63
N LEU D 33 11.50 66.15 22.14
CA LEU D 33 12.52 65.25 22.69
C LEU D 33 12.93 65.68 24.10
N ASN D 34 12.96 66.98 24.37
CA ASN D 34 13.20 67.43 25.73
C ASN D 34 11.98 67.24 26.62
N LYS D 35 10.78 67.27 26.04
CA LYS D 35 9.56 67.23 26.84
C LYS D 35 9.25 65.82 27.30
N PHE D 36 9.08 64.88 26.36
CA PHE D 36 8.63 63.54 26.72
C PHE D 36 9.75 62.59 27.10
N GLN D 37 11.02 62.96 26.84
CA GLN D 37 12.29 62.19 26.83
C GLN D 37 12.31 61.11 25.73
N THR D 38 11.30 61.03 24.86
CA THR D 38 11.25 60.14 23.73
C THR D 38 10.72 60.93 22.54
N VAL D 39 11.16 60.56 21.34
CA VAL D 39 10.69 61.21 20.12
C VAL D 39 10.39 60.12 19.10
N CYS D 40 9.44 60.42 18.20
CA CYS D 40 9.03 59.50 17.15
C CYS D 40 9.26 60.15 15.79
N ILE D 41 9.96 59.45 14.91
CA ILE D 41 10.23 59.93 13.55
C ILE D 41 9.42 59.08 12.59
N SER D 42 8.54 59.73 11.82
CA SER D 42 7.62 59.16 10.84
C SER D 42 6.69 58.10 11.42
N ARG D 43 6.31 58.23 12.71
CA ARG D 43 5.35 57.43 13.46
C ARG D 43 5.75 55.95 13.63
N ILE D 44 6.99 55.58 13.31
CA ILE D 44 7.50 54.23 13.49
C ILE D 44 8.81 54.24 14.29
N PHE D 45 9.79 55.01 13.83
CA PHE D 45 11.12 55.06 14.42
C PHE D 45 11.06 55.86 15.71
N ASN D 46 10.78 55.17 16.81
CA ASN D 46 10.88 55.80 18.13
C ASN D 46 12.34 55.97 18.50
N PHE D 47 12.66 57.10 19.13
CA PHE D 47 14.03 57.40 19.51
C PHE D 47 14.04 58.05 20.88
N GLN D 48 15.23 58.12 21.46
CA GLN D 48 15.41 58.71 22.79
C GLN D 48 16.54 59.73 22.75
N LEU D 49 16.78 60.37 23.90
CA LEU D 49 17.91 61.28 24.00
C LEU D 49 19.22 60.52 24.12
N GLN D 50 19.17 59.28 24.62
CA GLN D 50 20.37 58.44 24.62
C GLN D 50 20.67 57.91 23.23
N ASP D 51 19.64 57.76 22.39
CA ASP D 51 19.86 57.35 21.01
C ASP D 51 20.41 58.49 20.17
N LEU D 52 20.17 59.73 20.59
CA LEU D 52 20.78 60.88 19.94
C LEU D 52 22.25 60.97 20.34
N ARG D 53 23.13 61.07 19.33
CA ARG D 53 24.57 61.02 19.59
C ARG D 53 25.06 62.32 20.22
N ASN D 54 24.63 63.46 19.68
CA ASN D 54 25.05 64.74 20.22
C ASN D 54 23.87 65.70 20.20
N PRO D 55 23.66 66.48 21.27
CA PRO D 55 22.52 67.42 21.30
C PRO D 55 22.81 68.64 20.45
N PRO D 56 21.83 69.12 19.68
CA PRO D 56 22.01 70.38 18.96
C PRO D 56 21.90 71.58 19.90
N SER D 57 22.79 72.54 19.70
CA SER D 57 22.75 73.76 20.50
C SER D 57 21.71 74.73 19.94
N THR D 58 21.21 75.60 20.81
CA THR D 58 20.15 76.52 20.39
C THR D 58 20.73 77.73 19.64
N VAL D 59 22.04 77.96 19.78
CA VAL D 59 22.66 79.13 19.14
C VAL D 59 22.81 78.91 17.64
N GLN D 60 23.21 77.70 17.23
CA GLN D 60 23.40 77.43 15.82
C GLN D 60 22.06 77.20 15.12
N ASP D 61 22.08 77.28 13.79
CA ASP D 61 20.87 77.09 13.01
C ASP D 61 20.49 75.61 12.97
N PHE D 62 19.22 75.32 13.26
CA PHE D 62 18.78 73.93 13.32
C PHE D 62 18.57 73.34 11.94
N ASN D 63 18.33 74.20 10.93
CA ASN D 63 18.11 73.72 9.58
C ASN D 63 19.43 73.30 8.92
N ASP D 64 20.54 73.91 9.35
CA ASP D 64 21.85 73.48 8.85
C ASP D 64 22.28 72.17 9.47
N TYR D 65 21.80 71.88 10.69
CA TYR D 65 22.20 70.67 11.39
C TYR D 65 21.30 69.50 10.98
N GLU D 66 21.92 68.33 10.83
CA GLU D 66 21.21 67.09 10.55
C GLU D 66 21.18 66.25 11.82
N TYR D 67 20.03 65.63 12.09
CA TYR D 67 19.85 64.91 13.35
C TYR D 67 20.48 63.54 13.27
N SER D 68 21.42 63.28 14.18
CA SER D 68 22.19 62.04 14.21
C SER D 68 21.66 61.15 15.33
N PHE D 69 21.05 60.02 14.94
CA PHE D 69 20.47 59.09 15.90
C PHE D 69 21.17 57.74 15.77
N ASN D 70 21.39 57.07 16.90
CA ASN D 70 22.00 55.71 16.88
C ASN D 70 20.93 54.67 16.54
N PHE D 71 21.18 53.85 15.52
CA PHE D 71 20.20 52.80 15.09
C PHE D 71 20.59 51.45 15.71
N GLY D 72 21.60 51.44 16.58
CA GLY D 72 22.08 50.18 17.18
C GLY D 72 23.43 49.77 16.61
N THR D 73 24.18 48.92 17.34
CA THR D 73 25.55 48.52 16.92
C THR D 73 25.53 47.53 15.75
N LEU D 74 26.62 47.46 14.99
CA LEU D 74 26.73 46.46 13.90
C LEU D 74 27.65 45.34 14.40
N ASN D 75 27.15 44.10 14.47
CA ASN D 75 27.96 42.98 15.03
C ASN D 75 27.83 41.75 14.13
N ASN D 76 28.88 40.95 14.03
CA ASN D 76 28.84 39.69 13.23
C ASN D 76 28.21 39.95 11.87
N GLU D 77 28.60 41.04 11.20
CA GLU D 77 28.08 41.38 9.87
C GLU D 77 26.55 41.46 9.88
N TYR D 78 26.01 42.25 10.80
CA TYR D 78 24.57 42.39 10.98
C TYR D 78 24.27 43.75 11.60
N ILE D 79 23.47 44.56 10.92
CA ILE D 79 22.99 45.81 11.53
C ILE D 79 21.88 45.47 12.51
N THR D 80 22.19 45.52 13.80
CA THR D 80 21.28 45.12 14.85
C THR D 80 20.50 46.33 15.34
N VAL D 81 19.17 46.25 15.23
CA VAL D 81 18.25 47.31 15.64
C VAL D 81 17.48 46.80 16.85
N PRO D 82 17.55 47.45 18.00
CA PRO D 82 16.85 46.92 19.18
C PRO D 82 15.35 47.20 19.19
N GLY D 83 14.68 46.61 20.18
CA GLY D 83 13.23 46.59 20.16
C GLY D 83 12.59 47.89 20.60
N ARG D 84 13.33 48.71 21.35
CA ARG D 84 12.76 49.96 21.84
C ARG D 84 12.70 51.01 20.75
N ILE D 85 13.55 50.88 19.73
CA ILE D 85 13.51 51.81 18.59
C ILE D 85 12.27 51.54 17.75
N LEU D 86 11.96 50.28 17.49
CA LEU D 86 10.81 49.90 16.68
C LEU D 86 9.54 49.72 17.50
N SER D 87 9.61 49.97 18.81
CA SER D 87 8.52 49.81 19.79
C SER D 87 7.96 48.39 19.81
N ILE D 88 8.86 47.41 19.66
CA ILE D 88 8.49 46.00 19.62
C ILE D 88 9.25 45.27 20.73
N ASN D 89 9.04 43.96 20.79
CA ASN D 89 9.57 43.18 21.90
C ASN D 89 11.04 42.87 21.63
N ARG D 90 11.35 42.22 20.52
CA ARG D 90 12.66 41.66 20.25
C ARG D 90 13.47 42.59 19.36
N ASP D 91 14.77 42.31 19.27
CA ASP D 91 15.63 43.03 18.35
C ASP D 91 15.42 42.51 16.93
N VAL D 92 15.95 43.26 15.95
CA VAL D 92 15.85 42.84 14.52
C VAL D 92 17.24 43.00 13.88
N LEU D 93 17.71 41.98 13.16
CA LEU D 93 19.08 42.02 12.58
C LEU D 93 18.96 42.11 11.05
N ILE D 94 19.65 43.08 10.42
CA ILE D 94 19.57 43.27 8.95
C ILE D 94 20.97 43.06 8.35
N HIS D 95 21.07 42.29 7.28
CA HIS D 95 22.39 42.02 6.62
C HIS D 95 22.79 43.22 5.76
N LYS D 96 24.10 43.34 5.44
CA LYS D 96 24.58 44.45 4.63
C LYS D 96 24.05 44.39 3.20
N SER D 97 23.56 43.23 2.77
CA SER D 97 23.06 43.10 1.40
C SER D 97 21.70 43.78 1.24
N ILE D 98 20.94 43.89 2.33
CA ILE D 98 19.74 44.72 2.34
C ILE D 98 20.17 46.15 2.67
N LYS D 99 19.83 47.08 1.78
CA LYS D 99 20.23 48.47 1.97
C LYS D 99 19.33 49.10 3.03
N LEU D 100 19.94 49.82 3.97
CA LEU D 100 19.19 50.45 5.04
C LEU D 100 18.41 51.65 4.52
N GLU D 101 17.08 51.54 4.58
CA GLU D 101 16.21 52.46 3.85
C GLU D 101 14.90 52.52 4.64
N ARG D 102 14.17 53.64 4.48
CA ARG D 102 12.91 53.86 5.17
C ARG D 102 11.84 52.84 4.77
N LYS D 103 11.85 52.41 3.50
CA LYS D 103 10.86 51.45 3.01
C LYS D 103 11.09 50.04 3.54
N VAL D 104 12.27 49.76 4.08
CA VAL D 104 12.54 48.46 4.69
C VAL D 104 11.74 48.30 5.99
N PHE D 105 11.75 49.32 6.84
CA PHE D 105 11.08 49.25 8.14
C PHE D 105 9.64 49.72 8.10
N ALA D 106 9.16 50.26 6.97
CA ALA D 106 7.84 50.89 6.92
C ALA D 106 7.11 50.48 5.65
N SER D 107 5.80 50.25 5.77
CA SER D 107 4.92 50.07 4.64
C SER D 107 4.25 51.40 4.30
N GLU D 108 3.25 51.36 3.43
CA GLU D 108 2.56 52.57 3.02
C GLU D 108 1.61 53.05 4.11
N ARG D 109 1.49 54.40 4.19
CA ARG D 109 0.74 55.14 5.23
C ARG D 109 1.18 54.77 6.65
N ASN D 110 2.51 54.68 6.83
CA ASN D 110 3.19 54.55 8.12
C ASN D 110 2.81 53.28 8.88
N VAL D 111 2.81 52.15 8.18
CA VAL D 111 2.54 50.84 8.78
C VAL D 111 3.88 50.18 9.09
N SER D 112 4.08 49.82 10.35
CA SER D 112 5.32 49.16 10.77
C SER D 112 5.33 47.73 10.27
N ILE D 113 6.39 47.35 9.58
CA ILE D 113 6.49 45.99 9.02
C ILE D 113 6.77 44.98 10.13
N PHE D 114 7.73 45.28 11.00
CA PHE D 114 8.16 44.33 12.02
C PHE D 114 7.26 44.30 13.24
N GLY D 115 6.31 45.24 13.36
CA GLY D 115 5.38 45.20 14.49
C GLY D 115 4.40 44.04 14.41
N ARG D 116 3.89 43.76 13.20
CA ARG D 116 3.04 42.59 12.98
C ARG D 116 3.82 41.30 13.10
N LEU D 117 5.10 41.32 12.70
CA LEU D 117 5.97 40.16 12.84
C LEU D 117 6.28 39.87 14.31
N SER D 118 6.47 40.91 15.12
CA SER D 118 6.72 40.72 16.55
C SER D 118 5.46 40.31 17.28
N LYS D 119 4.29 40.78 16.81
CA LYS D 119 3.02 40.33 17.40
C LYS D 119 2.71 38.90 17.02
N LEU D 120 3.30 38.42 15.92
CA LEU D 120 3.00 37.04 15.43
C LEU D 120 3.94 36.02 16.09
N LEU D 121 5.07 36.44 16.66
CA LEU D 121 6.06 35.46 17.19
C LEU D 121 5.95 35.33 18.70
N ASP D 122 5.60 34.14 19.21
CA ASP D 122 5.55 33.91 20.68
C ASP D 122 6.95 33.96 21.30
N HIS D 123 7.94 33.35 20.64
CA HIS D 123 9.32 33.28 21.21
C HIS D 123 9.97 34.67 21.21
N THR D 124 10.81 34.98 22.20
CA THR D 124 11.43 36.33 22.30
C THR D 124 12.71 36.39 21.46
N ASN D 125 13.05 35.30 20.75
CA ASN D 125 14.23 35.28 19.89
C ASN D 125 14.12 36.30 18.77
N PRO D 126 15.24 36.95 18.38
CA PRO D 126 15.14 38.09 17.46
C PRO D 126 14.87 37.68 16.02
N ILE D 127 14.39 38.65 15.24
CA ILE D 127 14.12 38.45 13.81
C ILE D 127 15.38 38.79 13.03
N ILE D 128 15.84 37.85 12.20
CA ILE D 128 17.07 38.01 11.44
C ILE D 128 16.74 38.01 9.96
N ILE D 129 17.13 39.07 9.26
CA ILE D 129 16.87 39.25 7.84
C ILE D 129 18.18 39.11 7.09
N GLY D 130 18.24 38.14 6.18
CA GLY D 130 19.40 37.96 5.33
C GLY D 130 20.56 37.25 6.02
N GLY D 131 21.56 36.93 5.21
CA GLY D 131 22.78 36.32 5.72
C GLY D 131 22.70 34.81 5.82
N ASP D 132 23.69 34.25 6.50
CA ASP D 132 23.90 32.81 6.58
C ASP D 132 23.46 32.21 7.91
N LYS D 133 22.64 32.91 8.68
CA LYS D 133 22.16 32.37 9.94
C LYS D 133 21.11 31.29 9.67
N PRO D 134 21.00 30.26 10.53
CA PRO D 134 20.02 29.19 10.28
C PRO D 134 18.57 29.62 10.45
N GLU D 135 18.30 30.56 11.35
CA GLU D 135 16.95 31.07 11.56
C GLU D 135 16.69 32.35 10.78
N ALA D 136 17.55 32.70 9.82
CA ALA D 136 17.39 33.94 9.08
C ALA D 136 16.34 33.80 7.98
N ILE D 137 15.68 34.91 7.70
CA ILE D 137 14.79 35.04 6.54
C ILE D 137 15.64 35.45 5.34
N PRO D 138 15.51 34.80 4.19
CA PRO D 138 16.29 35.20 3.01
C PRO D 138 15.84 36.55 2.43
N LYS D 139 16.62 37.04 1.46
CA LYS D 139 16.41 38.38 0.93
C LYS D 139 15.15 38.45 0.07
N SER D 140 14.97 37.48 -0.83
CA SER D 140 13.85 37.52 -1.78
C SER D 140 12.52 37.27 -1.09
N VAL D 141 12.55 36.52 0.02
CA VAL D 141 11.37 36.37 0.87
C VAL D 141 11.03 37.70 1.54
N PHE D 142 12.05 38.51 1.88
CA PHE D 142 11.78 39.80 2.50
C PHE D 142 11.27 40.82 1.48
N GLN D 143 11.74 40.75 0.23
CA GLN D 143 11.13 41.60 -0.81
C GLN D 143 9.73 41.14 -1.17
N GLU D 144 9.46 39.84 -1.08
CA GLU D 144 8.10 39.33 -1.26
C GLU D 144 7.18 39.80 -0.12
N LEU D 145 7.71 39.85 1.10
CA LEU D 145 6.95 40.36 2.25
C LEU D 145 6.72 41.86 2.12
N GLN D 146 7.71 42.60 1.59
CA GLN D 146 7.55 44.03 1.38
C GLN D 146 6.56 44.34 0.26
N SER D 147 6.54 43.50 -0.78
CA SER D 147 5.60 43.70 -1.89
C SER D 147 4.19 43.32 -1.49
N LYS D 148 4.02 42.21 -0.78
CA LYS D 148 2.70 41.73 -0.40
C LYS D 148 2.38 41.96 1.07
N PHE D 149 2.80 43.07 1.65
CA PHE D 149 2.44 43.36 3.02
C PHE D 149 0.99 43.83 3.10
N PRO D 150 0.27 43.49 4.17
CA PRO D 150 -1.07 44.08 4.36
C PRO D 150 -1.00 45.50 4.89
N ASN D 151 -0.75 46.43 3.98
CA ASN D 151 -0.71 47.85 4.32
C ASN D 151 -2.12 48.43 4.21
N THR D 152 -2.23 49.75 4.18
CA THR D 152 -3.54 50.40 4.10
C THR D 152 -4.16 50.23 2.72
N GLY D 153 -3.35 50.14 1.68
CA GLY D 153 -3.88 49.89 0.35
C GLY D 153 -4.37 48.46 0.17
N GLU D 154 -3.71 47.51 0.82
CA GLU D 154 -4.15 46.11 0.73
C GLU D 154 -5.38 45.87 1.60
N LEU D 155 -5.43 46.48 2.78
CA LEU D 155 -6.56 46.27 3.68
C LEU D 155 -7.81 46.98 3.20
N ASP D 156 -7.65 48.07 2.44
CA ASP D 156 -8.80 48.69 1.81
C ASP D 156 -9.24 47.88 0.59
N ARG D 157 -8.31 47.21 -0.07
CA ARG D 157 -8.66 46.36 -1.20
C ARG D 157 -9.35 45.08 -0.74
N TYR D 158 -8.95 44.56 0.42
CA TYR D 158 -9.59 43.37 0.97
C TYR D 158 -10.99 43.69 1.49
N ALA D 159 -11.16 44.87 2.09
CA ALA D 159 -12.46 45.26 2.61
C ALA D 159 -13.43 45.61 1.49
N ASN D 160 -12.91 46.15 0.38
CA ASN D 160 -13.76 46.42 -0.77
C ASN D 160 -14.16 45.14 -1.48
N ALA D 161 -13.26 44.15 -1.52
CA ALA D 161 -13.57 42.89 -2.19
C ALA D 161 -14.49 42.03 -1.34
N ARG D 162 -14.41 42.16 -0.01
CA ARG D 162 -15.28 41.37 0.86
C ARG D 162 -16.70 41.90 0.85
N VAL D 163 -16.86 43.22 0.91
CA VAL D 163 -18.18 43.87 0.90
C VAL D 163 -18.88 43.66 -0.43
N HIS D 164 -18.10 43.64 -1.52
CA HIS D 164 -18.62 43.24 -2.83
C HIS D 164 -19.01 41.77 -2.84
N ALA D 165 -18.29 40.91 -2.11
CA ALA D 165 -18.61 39.50 -2.09
C ALA D 165 -19.83 39.21 -1.21
N ILE D 166 -20.02 40.00 -0.14
CA ILE D 166 -21.20 39.83 0.72
C ILE D 166 -22.45 40.31 0.00
N LEU D 167 -22.35 41.45 -0.67
CA LEU D 167 -23.52 42.05 -1.33
C LEU D 167 -23.90 41.29 -2.60
N ALA D 168 -22.93 40.67 -3.27
CA ALA D 168 -23.28 39.83 -4.41
C ALA D 168 -23.85 38.49 -3.96
N GLY D 169 -23.55 38.08 -2.73
CA GLY D 169 -24.15 36.87 -2.20
C GLY D 169 -25.61 37.06 -1.81
N TYR D 170 -26.02 38.30 -1.58
CA TYR D 170 -27.40 38.58 -1.21
C TYR D 170 -28.29 38.67 -2.45
N LEU D 171 -27.77 39.22 -3.54
CA LEU D 171 -28.50 39.31 -4.80
C LEU D 171 -27.70 38.62 -5.90
N ASP D 172 -28.25 37.51 -6.42
CA ASP D 172 -27.67 36.68 -7.49
C ASP D 172 -26.27 36.15 -7.12
N GLY D 173 -26.25 35.24 -6.14
CA GLY D 173 -24.98 34.72 -5.64
C GLY D 173 -24.21 33.88 -6.64
N MET D 174 -24.92 33.14 -7.48
CA MET D 174 -24.29 32.28 -8.47
C MET D 174 -24.60 32.72 -9.90
N LYS D 175 -24.55 34.03 -10.17
CA LYS D 175 -24.94 34.54 -11.49
C LYS D 175 -23.85 34.28 -12.53
N ASP D 176 -22.59 34.13 -12.09
CA ASP D 176 -21.52 33.84 -13.04
C ASP D 176 -21.56 32.38 -13.48
N ALA D 177 -22.00 31.49 -12.59
CA ALA D 177 -22.13 30.08 -12.96
C ALA D 177 -23.46 29.82 -13.67
N ARG D 178 -24.47 30.65 -13.40
CA ARG D 178 -25.75 30.48 -14.08
C ARG D 178 -25.68 30.92 -15.53
N GLU D 179 -24.86 31.93 -15.81
CA GLU D 179 -24.67 32.41 -17.19
C GLU D 179 -23.91 31.36 -18.00
N ARG D 180 -22.90 30.72 -17.38
CA ARG D 180 -22.16 29.65 -18.04
C ARG D 180 -23.02 28.40 -18.20
N TYR D 181 -23.90 28.12 -17.25
CA TYR D 181 -24.79 26.98 -17.37
C TYR D 181 -25.86 27.23 -18.43
N GLU D 182 -26.30 28.48 -18.59
CA GLU D 182 -27.22 28.82 -19.67
C GLU D 182 -26.55 28.75 -21.03
N HIS D 183 -25.26 29.09 -21.08
CA HIS D 183 -24.50 28.92 -22.32
C HIS D 183 -24.28 27.44 -22.64
N TYR D 184 -24.11 26.61 -21.60
CA TYR D 184 -24.04 25.16 -21.79
C TYR D 184 -25.37 24.60 -22.28
N LEU D 185 -26.49 25.12 -21.76
CA LEU D 185 -27.80 24.65 -22.20
C LEU D 185 -28.13 25.12 -23.61
N ASN D 186 -27.60 26.29 -24.00
CA ASN D 186 -27.74 26.73 -25.39
C ASN D 186 -26.85 25.90 -26.32
N ARG D 187 -25.68 25.47 -25.83
CA ARG D 187 -24.81 24.62 -26.63
C ARG D 187 -25.30 23.18 -26.64
N LYS D 188 -26.17 22.81 -25.68
CA LYS D 188 -26.69 21.46 -25.60
C LYS D 188 -27.70 21.17 -26.72
N THR D 189 -28.61 22.12 -26.98
CA THR D 189 -29.67 21.89 -27.95
C THR D 189 -29.16 22.01 -29.38
N VAL D 190 -28.04 22.72 -29.57
CA VAL D 190 -27.40 22.80 -30.88
C VAL D 190 -26.76 21.46 -31.23
N ILE D 191 -26.09 20.84 -30.26
CA ILE D 191 -25.45 19.54 -30.50
C ILE D 191 -26.48 18.43 -30.61
N ARG D 192 -27.45 18.38 -29.68
CA ARG D 192 -28.46 17.33 -29.67
C ARG D 192 -29.60 17.67 -30.63
N LYS D 193 -29.33 17.49 -31.93
CA LYS D 193 -30.38 17.66 -32.93
C LYS D 193 -31.34 16.47 -32.92
N THR D 194 -30.81 15.27 -32.73
CA THR D 194 -31.62 14.05 -32.77
C THR D 194 -31.66 13.42 -31.39
N ASP D 195 -32.71 12.64 -31.14
CA ASP D 195 -32.84 11.99 -29.83
C ASP D 195 -31.96 10.75 -29.73
N LYS D 196 -31.52 10.23 -30.88
CA LYS D 196 -30.59 9.09 -30.88
C LYS D 196 -29.20 9.56 -30.50
N LEU D 197 -28.58 8.84 -29.56
CA LEU D 197 -27.28 9.21 -29.02
C LEU D 197 -26.20 8.29 -29.58
N ASP D 198 -25.19 8.86 -30.20
CA ASP D 198 -24.05 8.12 -30.72
C ASP D 198 -22.78 8.62 -30.04
N LEU D 199 -21.64 8.12 -30.52
CA LEU D 199 -20.38 8.36 -29.82
C LEU D 199 -19.82 9.75 -30.12
N GLU D 200 -20.11 10.29 -31.30
CA GLU D 200 -19.60 11.61 -31.66
C GLU D 200 -20.36 12.72 -30.91
N VAL D 201 -21.69 12.57 -30.82
CA VAL D 201 -22.53 13.53 -30.11
C VAL D 201 -22.24 13.47 -28.61
N LEU D 202 -21.94 12.27 -28.09
CA LEU D 202 -21.50 12.10 -26.71
C LEU D 202 -20.17 12.79 -26.45
N ASN D 203 -19.24 12.72 -27.42
CA ASN D 203 -17.94 13.37 -27.25
C ASN D 203 -18.07 14.89 -27.29
N LYS D 204 -18.97 15.43 -28.11
CA LYS D 204 -19.25 16.86 -28.11
C LYS D 204 -19.92 17.30 -26.80
N LEU D 205 -20.76 16.44 -26.22
CA LEU D 205 -21.37 16.77 -24.93
C LEU D 205 -20.36 16.71 -23.78
N GLU D 206 -19.39 15.78 -23.85
CA GLU D 206 -18.31 15.76 -22.86
C GLU D 206 -17.41 16.99 -23.00
N ILE D 207 -17.20 17.45 -24.24
CA ILE D 207 -16.46 18.69 -24.50
C ILE D 207 -17.17 19.89 -23.87
N GLU D 208 -18.50 19.96 -24.03
CA GLU D 208 -19.27 21.07 -23.46
C GLU D 208 -19.33 21.00 -21.93
N LYS D 209 -19.38 19.79 -21.37
CA LYS D 209 -19.41 19.63 -19.91
C LYS D 209 -18.08 20.02 -19.28
N TYR D 210 -16.97 19.57 -19.87
CA TYR D 210 -15.65 19.89 -19.32
C TYR D 210 -15.29 21.35 -19.53
N THR D 211 -15.79 21.96 -20.63
CA THR D 211 -15.63 23.39 -20.85
C THR D 211 -16.42 24.20 -19.82
N LEU D 212 -17.63 23.74 -19.47
CA LEU D 212 -18.44 24.40 -18.45
C LEU D 212 -17.78 24.33 -17.07
N ILE D 213 -17.24 23.15 -16.72
CA ILE D 213 -16.59 22.94 -15.42
C ILE D 213 -15.30 23.77 -15.34
N ARG D 214 -14.53 23.79 -16.43
CA ARG D 214 -13.29 24.57 -16.49
C ARG D 214 -13.56 26.07 -16.41
N ASP D 215 -14.62 26.55 -17.06
CA ASP D 215 -14.95 27.98 -17.02
C ASP D 215 -15.51 28.39 -15.67
N ILE D 216 -16.28 27.51 -15.01
CA ILE D 216 -16.80 27.81 -13.68
C ILE D 216 -15.67 27.83 -12.64
N ILE D 217 -14.71 26.90 -12.75
CA ILE D 217 -13.57 26.85 -11.83
C ILE D 217 -12.64 28.05 -12.06
N GLN D 218 -12.45 28.46 -13.32
CA GLN D 218 -11.63 29.63 -13.63
C GLN D 218 -12.29 30.94 -13.16
N ASP D 219 -13.62 31.04 -13.30
CA ASP D 219 -14.32 32.24 -12.82
C ASP D 219 -14.39 32.27 -11.30
N ALA D 220 -14.36 31.10 -10.66
CA ALA D 220 -14.29 31.07 -9.20
C ALA D 220 -12.88 31.44 -8.72
N LEU D 221 -11.86 31.08 -9.49
CA LEU D 221 -10.49 31.43 -9.13
C LEU D 221 -10.23 32.92 -9.33
N ASN D 222 -10.87 33.52 -10.34
CA ASN D 222 -10.65 34.93 -10.60
C ASN D 222 -11.36 35.83 -9.59
N ASN D 223 -12.60 35.49 -9.23
CA ASN D 223 -13.45 36.43 -8.50
C ASN D 223 -13.85 35.98 -7.10
N LYS D 224 -13.85 34.68 -6.82
CA LYS D 224 -14.39 34.17 -5.56
C LYS D 224 -13.30 33.71 -4.59
N THR D 225 -12.10 34.30 -4.67
CA THR D 225 -11.01 33.86 -3.81
C THR D 225 -11.13 34.44 -2.41
N ASN D 226 -11.85 35.56 -2.26
CA ASN D 226 -12.03 36.22 -0.97
C ASN D 226 -13.31 35.76 -0.28
N LEU D 227 -13.42 34.44 -0.16
CA LEU D 227 -14.59 33.79 0.44
C LEU D 227 -14.15 32.97 1.63
N SER D 228 -15.12 32.32 2.27
CA SER D 228 -14.81 31.38 3.33
C SER D 228 -14.29 30.07 2.74
N GLU D 229 -13.71 29.24 3.62
CA GLU D 229 -13.31 27.90 3.20
C GLU D 229 -14.53 27.02 2.97
N ASP D 230 -15.57 27.21 3.78
CA ASP D 230 -16.83 26.50 3.59
C ASP D 230 -17.56 26.99 2.35
N ASP D 231 -17.45 28.29 2.04
CA ASP D 231 -18.09 28.83 0.83
C ASP D 231 -17.36 28.37 -0.43
N TRP D 232 -16.03 28.30 -0.39
CA TRP D 232 -15.26 27.77 -1.51
C TRP D 232 -15.53 26.27 -1.70
N GLN D 233 -15.68 25.54 -0.60
CA GLN D 233 -16.04 24.14 -0.67
C GLN D 233 -17.46 23.95 -1.22
N SER D 234 -18.40 24.83 -0.85
CA SER D 234 -19.74 24.71 -1.39
C SER D 234 -19.81 25.16 -2.85
N LEU D 235 -18.85 25.97 -3.28
CA LEU D 235 -18.67 26.20 -4.71
C LEU D 235 -18.17 24.95 -5.43
N MET D 236 -17.26 24.20 -4.80
CA MET D 236 -16.63 23.08 -5.52
C MET D 236 -17.32 21.72 -5.36
N ILE D 237 -18.30 21.59 -4.44
CA ILE D 237 -19.07 20.33 -4.33
C ILE D 237 -19.83 19.83 -5.56
N PRO D 238 -20.58 20.63 -6.35
CA PRO D 238 -21.35 19.99 -7.43
C PRO D 238 -20.54 19.58 -8.66
N PHE D 239 -19.23 19.74 -8.67
CA PHE D 239 -18.39 19.32 -9.78
C PHE D 239 -17.35 18.28 -9.42
N ILE D 240 -17.34 17.79 -8.16
CA ILE D 240 -16.34 16.81 -7.75
C ILE D 240 -16.60 15.46 -8.40
N THR D 241 -17.87 15.06 -8.45
CA THR D 241 -18.22 13.77 -9.06
C THR D 241 -18.25 13.84 -10.58
N LEU D 242 -18.12 15.05 -11.15
CA LEU D 242 -17.97 15.17 -12.59
C LEU D 242 -16.51 15.25 -13.00
N LEU D 243 -15.66 15.92 -12.19
CA LEU D 243 -14.22 15.87 -12.41
C LEU D 243 -13.65 14.49 -12.13
N PHE D 244 -14.16 13.82 -11.09
CA PHE D 244 -13.74 12.47 -10.73
C PHE D 244 -14.95 11.57 -10.78
N PRO D 245 -15.26 10.99 -11.96
CA PRO D 245 -16.49 10.19 -12.09
C PRO D 245 -16.38 8.77 -11.55
N LYS D 246 -15.25 8.39 -10.96
CA LYS D 246 -15.16 7.17 -10.18
C LYS D 246 -16.08 7.23 -8.96
N TYR D 247 -16.15 8.39 -8.32
CA TYR D 247 -16.88 8.56 -7.08
C TYR D 247 -18.36 8.85 -7.34
N ILE D 248 -19.21 8.37 -6.44
CA ILE D 248 -20.65 8.30 -6.67
C ILE D 248 -21.39 9.32 -5.80
N LYS D 249 -20.91 9.57 -4.59
CA LYS D 249 -21.61 10.42 -3.65
C LYS D 249 -20.62 11.28 -2.89
N VAL D 250 -20.97 12.56 -2.72
CA VAL D 250 -20.22 13.50 -1.93
C VAL D 250 -20.88 13.56 -0.55
N LEU D 251 -20.12 13.23 0.49
CA LEU D 251 -20.61 13.24 1.86
C LEU D 251 -19.90 14.32 2.65
N GLU D 252 -20.67 15.16 3.33
CA GLU D 252 -20.15 16.31 4.05
C GLU D 252 -20.37 16.16 5.55
N LYS D 253 -19.37 16.64 6.31
CA LYS D 253 -19.30 16.57 7.79
C LYS D 253 -19.42 15.14 8.29
N VAL D 254 -18.58 14.25 7.76
CA VAL D 254 -18.64 12.84 8.12
C VAL D 254 -17.97 12.62 9.46
N LYS D 255 -18.76 12.25 10.46
CA LYS D 255 -18.27 12.05 11.81
C LYS D 255 -17.52 10.72 11.91
N ILE D 256 -16.23 10.79 12.19
CA ILE D 256 -15.41 9.61 12.40
C ILE D 256 -14.92 9.61 13.84
N PHE D 257 -14.47 8.44 14.28
CA PHE D 257 -14.11 8.22 15.67
C PHE D 257 -12.60 8.17 15.80
N ASP D 258 -12.06 8.91 16.76
CA ASP D 258 -10.63 9.01 17.00
C ASP D 258 -10.30 8.42 18.36
N TYR D 259 -9.31 7.52 18.40
CA TYR D 259 -8.92 6.87 19.63
C TYR D 259 -7.46 7.11 20.02
N TYR D 260 -6.71 7.89 19.24
CA TYR D 260 -5.27 7.98 19.47
C TYR D 260 -4.85 9.30 20.09
N SER D 261 -5.62 10.38 19.83
CA SER D 261 -5.27 11.66 20.43
C SER D 261 -5.62 11.70 21.91
N ASN D 262 -6.72 11.06 22.29
CA ASN D 262 -7.05 10.86 23.70
C ASN D 262 -7.19 9.37 23.94
N PRO D 263 -6.28 8.73 24.68
CA PRO D 263 -6.39 7.27 24.88
C PRO D 263 -7.49 6.88 25.86
N SER D 264 -7.91 7.80 26.73
CA SER D 264 -8.93 7.47 27.72
C SER D 264 -10.32 7.41 27.09
N ALA D 265 -10.64 8.36 26.22
CA ALA D 265 -11.99 8.47 25.68
C ALA D 265 -11.93 8.79 24.19
N LYS D 266 -12.98 8.39 23.48
CA LYS D 266 -13.07 8.60 22.04
C LYS D 266 -13.39 10.07 21.74
N THR D 267 -12.64 10.62 20.79
CA THR D 267 -12.86 11.97 20.29
C THR D 267 -13.54 11.88 18.93
N ASN D 268 -14.48 12.80 18.68
CA ASN D 268 -15.15 12.85 17.39
C ASN D 268 -14.38 13.77 16.43
N ARG D 269 -14.10 13.27 15.24
CA ARG D 269 -13.47 14.05 14.19
C ARG D 269 -14.38 14.07 12.97
N PHE D 270 -14.27 15.11 12.17
CA PHE D 270 -15.20 15.36 11.07
C PHE D 270 -14.43 15.57 9.78
N ILE D 271 -14.57 14.62 8.86
CA ILE D 271 -14.07 14.79 7.49
C ILE D 271 -14.99 15.80 6.81
N ASP D 272 -14.40 16.84 6.21
CA ASP D 272 -15.19 17.91 5.63
C ASP D 272 -15.89 17.45 4.35
N ILE D 273 -15.14 16.84 3.43
CA ILE D 273 -15.69 16.24 2.22
C ILE D 273 -15.18 14.81 2.13
N ALA D 274 -16.10 13.86 1.93
CA ALA D 274 -15.72 12.46 1.75
C ALA D 274 -16.45 11.89 0.53
N LEU D 275 -15.81 10.91 -0.11
CA LEU D 275 -16.26 10.39 -1.39
C LEU D 275 -16.46 8.88 -1.32
N VAL D 276 -17.55 8.41 -1.93
CA VAL D 276 -17.86 6.99 -2.07
C VAL D 276 -17.81 6.66 -3.54
N ASP D 277 -17.04 5.64 -3.92
CA ASP D 277 -17.11 5.21 -5.31
C ASP D 277 -18.16 4.12 -5.49
N ALA D 278 -18.15 3.51 -6.68
CA ALA D 278 -19.25 2.63 -7.09
C ALA D 278 -19.19 1.28 -6.38
N ASN D 279 -17.99 0.86 -5.95
CA ASN D 279 -17.89 -0.36 -5.15
C ASN D 279 -18.31 -0.12 -3.70
N GLY D 280 -18.31 1.13 -3.25
CA GLY D 280 -18.69 1.46 -1.89
C GLY D 280 -17.55 1.90 -1.01
N ASN D 281 -16.32 1.97 -1.53
CA ASN D 281 -15.17 2.34 -0.71
C ASN D 281 -15.17 3.84 -0.43
N LEU D 282 -14.72 4.21 0.77
CA LEU D 282 -14.76 5.60 1.20
C LEU D 282 -13.40 6.25 0.99
N ASP D 283 -13.39 7.40 0.33
CA ASP D 283 -12.19 8.20 0.12
C ASP D 283 -12.45 9.63 0.58
N ILE D 284 -11.38 10.42 0.62
CA ILE D 284 -11.39 11.78 1.15
C ILE D 284 -10.91 12.70 0.02
N ILE D 285 -11.55 13.86 -0.13
CA ILE D 285 -10.98 14.93 -0.95
C ILE D 285 -10.82 16.16 -0.06
N GLU D 286 -9.66 16.82 -0.17
CA GLU D 286 -9.39 18.07 0.51
C GLU D 286 -9.38 19.18 -0.52
N VAL D 287 -10.46 19.95 -0.58
CA VAL D 287 -10.54 21.12 -1.44
C VAL D 287 -10.18 22.32 -0.57
N LYS D 288 -8.99 22.85 -0.77
CA LYS D 288 -8.44 23.92 0.05
C LYS D 288 -8.58 25.24 -0.69
N LYS D 289 -8.91 26.30 0.04
CA LYS D 289 -9.06 27.61 -0.56
C LYS D 289 -7.69 28.18 -0.92
N PRO D 290 -7.50 28.66 -2.17
CA PRO D 290 -6.17 29.17 -2.58
C PRO D 290 -5.86 30.54 -1.99
N PHE D 291 -5.34 30.53 -0.76
CA PHE D 291 -4.98 31.79 -0.10
C PHE D 291 -3.71 32.38 -0.68
N ASP D 292 -2.69 31.56 -0.89
CA ASP D 292 -1.43 32.02 -1.47
C ASP D 292 -1.17 31.31 -2.79
N ASP D 293 -0.33 31.93 -3.61
CA ASP D 293 -0.13 31.52 -5.00
C ASP D 293 1.08 30.63 -5.19
N LYS D 294 1.53 29.94 -4.16
CA LYS D 294 2.70 29.07 -4.25
C LYS D 294 2.34 27.66 -3.79
N ILE D 295 2.96 26.67 -4.41
CA ILE D 295 2.90 25.29 -3.95
C ILE D 295 4.24 24.85 -3.38
N LEU D 296 5.32 25.56 -3.74
CA LEU D 296 6.65 25.27 -3.25
C LEU D 296 7.12 26.46 -2.43
N ARG D 297 8.03 26.20 -1.49
CA ARG D 297 8.74 27.28 -0.85
C ARG D 297 9.67 27.94 -1.86
N LYS D 298 9.76 29.28 -1.82
CA LYS D 298 10.36 30.01 -2.93
C LYS D 298 11.88 29.92 -2.92
N THR D 299 12.47 29.50 -1.81
CA THR D 299 13.89 29.17 -1.80
C THR D 299 14.07 27.69 -1.54
N PRO D 300 14.98 27.02 -2.25
CA PRO D 300 15.25 25.61 -1.94
C PRO D 300 16.04 25.48 -0.64
N TYR D 301 15.91 24.32 0.01
CA TYR D 301 16.64 24.10 1.25
C TYR D 301 18.11 23.80 0.99
N ARG D 302 18.39 22.69 0.31
CA ARG D 302 19.75 22.23 0.04
C ARG D 302 19.81 21.83 -1.44
N ASP D 303 19.38 22.78 -2.27
CA ASP D 303 19.09 22.68 -3.71
C ASP D 303 17.97 21.69 -4.02
N ASN D 304 17.06 21.48 -3.06
CA ASN D 304 15.83 20.75 -3.30
C ASN D 304 14.68 21.63 -2.83
N TYR D 305 13.68 21.81 -3.67
CA TYR D 305 12.53 22.63 -3.29
C TYR D 305 11.58 21.79 -2.44
N ILE D 306 11.24 22.31 -1.27
CA ILE D 306 10.45 21.58 -0.27
C ILE D 306 9.01 22.06 -0.40
N PRO D 307 8.03 21.23 0.01
CA PRO D 307 6.64 21.70 -0.03
C PRO D 307 6.36 22.75 1.03
N THR D 308 5.27 23.49 0.84
CA THR D 308 4.93 24.58 1.73
C THR D 308 4.30 24.06 3.00
N SER D 309 4.01 25.00 3.91
CA SER D 309 3.22 24.65 5.09
C SER D 309 1.76 24.43 4.72
N GLU D 310 1.29 25.09 3.65
CA GLU D 310 -0.09 24.92 3.22
C GLU D 310 -0.32 23.56 2.57
N LEU D 311 0.67 23.09 1.82
CA LEU D 311 0.57 21.76 1.22
C LEU D 311 0.72 20.68 2.27
N SER D 312 1.70 20.83 3.17
CA SER D 312 1.97 19.79 4.17
C SER D 312 0.92 19.77 5.27
N GLY D 313 0.15 20.85 5.41
CA GLY D 313 -0.98 20.83 6.34
C GLY D 313 -2.16 20.02 5.82
N GLY D 314 -2.39 20.06 4.51
CA GLY D 314 -3.53 19.33 3.96
C GLY D 314 -3.28 17.85 3.82
N ILE D 315 -2.03 17.48 3.47
CA ILE D 315 -1.60 16.08 3.41
C ILE D 315 -1.69 15.44 4.78
N MET D 316 -1.33 16.18 5.83
CA MET D 316 -1.28 15.58 7.16
C MET D 316 -2.68 15.46 7.76
N GLN D 317 -3.57 16.41 7.42
CA GLN D 317 -4.97 16.30 7.83
C GLN D 317 -5.67 15.15 7.13
N ALA D 318 -5.37 14.95 5.83
CA ALA D 318 -5.92 13.81 5.11
C ALA D 318 -5.33 12.50 5.61
N GLU D 319 -4.07 12.52 6.05
CA GLU D 319 -3.45 11.31 6.60
C GLU D 319 -4.00 10.98 7.98
N LYS D 320 -4.37 12.01 8.76
CA LYS D 320 -5.08 11.77 10.01
C LYS D 320 -6.46 11.18 9.78
N TYR D 321 -7.15 11.64 8.73
CA TYR D 321 -8.45 11.07 8.38
C TYR D 321 -8.32 9.62 7.91
N ILE D 322 -7.29 9.32 7.13
CA ILE D 322 -7.03 7.97 6.63
C ILE D 322 -6.63 7.04 7.78
N PHE D 323 -5.83 7.55 8.72
CA PHE D 323 -5.45 6.81 9.92
C PHE D 323 -6.64 6.49 10.81
N HIS D 324 -7.54 7.47 11.03
CA HIS D 324 -8.67 7.23 11.90
C HIS D 324 -9.70 6.31 11.25
N LEU D 325 -9.82 6.36 9.92
CA LEU D 325 -10.69 5.40 9.23
C LEU D 325 -10.12 3.98 9.27
N SER D 326 -8.81 3.84 9.09
CA SER D 326 -8.18 2.52 9.09
C SER D 326 -8.14 1.92 10.50
N LYS D 327 -8.02 2.75 11.52
CA LYS D 327 -8.11 2.24 12.89
C LYS D 327 -9.56 2.01 13.28
N TRP D 328 -10.50 2.73 12.66
CA TRP D 328 -11.90 2.61 13.01
C TRP D 328 -12.52 1.35 12.43
N GLY D 329 -12.01 0.88 11.29
CA GLY D 329 -12.18 -0.50 10.86
C GLY D 329 -13.60 -0.94 10.47
N VAL D 330 -13.97 -2.16 10.87
CA VAL D 330 -15.24 -2.73 10.46
C VAL D 330 -16.38 -2.16 11.32
N LYS D 331 -16.06 -1.72 12.54
CA LYS D 331 -17.02 -0.96 13.36
C LYS D 331 -17.34 0.36 12.71
N GLY D 332 -16.34 0.98 12.07
CA GLY D 332 -16.59 2.18 11.31
C GLY D 332 -17.33 1.94 10.01
N GLU D 333 -17.12 0.78 9.40
CA GLU D 333 -17.89 0.41 8.21
C GLU D 333 -19.37 0.26 8.54
N LYS D 334 -19.70 -0.40 9.65
CA LYS D 334 -21.09 -0.51 10.07
C LYS D 334 -21.67 0.83 10.53
N GLU D 335 -20.87 1.66 11.20
CA GLU D 335 -21.35 2.97 11.64
C GLU D 335 -21.58 3.93 10.47
N LEU D 336 -20.70 3.91 9.47
CA LEU D 336 -20.87 4.78 8.32
C LEU D 336 -21.94 4.26 7.38
N THR D 337 -22.21 2.95 7.38
CA THR D 337 -23.31 2.46 6.55
C THR D 337 -24.65 2.55 7.30
N ASN D 338 -24.61 2.79 8.61
CA ASN D 338 -25.84 3.12 9.32
C ASN D 338 -26.14 4.60 9.25
N ALA D 339 -25.09 5.43 9.16
CA ALA D 339 -25.29 6.87 9.08
C ALA D 339 -25.75 7.31 7.69
N TYR D 340 -25.29 6.62 6.65
CA TYR D 340 -25.49 7.07 5.27
C TYR D 340 -26.10 5.99 4.38
N LYS D 341 -27.13 5.27 4.85
CA LYS D 341 -27.75 4.26 4.01
C LYS D 341 -28.77 4.87 3.06
N ASN D 342 -29.46 5.94 3.49
CA ASN D 342 -30.51 6.53 2.67
C ASN D 342 -29.91 7.39 1.56
N SER D 343 -28.73 7.95 1.78
CA SER D 343 -28.12 8.79 0.76
C SER D 343 -27.50 7.95 -0.37
N LEU D 344 -27.02 6.77 -0.03
CA LEU D 344 -26.41 5.89 -1.01
C LEU D 344 -27.48 5.22 -1.88
N PRO D 345 -27.10 4.75 -3.07
CA PRO D 345 -27.97 3.81 -3.80
C PRO D 345 -28.13 2.51 -3.05
N ALA D 346 -29.26 1.84 -3.29
CA ALA D 346 -29.66 0.69 -2.50
C ALA D 346 -28.81 -0.53 -2.81
N GLY D 347 -28.47 -1.28 -1.76
CA GLY D 347 -27.64 -2.46 -1.88
C GLY D 347 -26.15 -2.22 -1.77
N MET D 348 -25.73 -0.97 -1.55
CA MET D 348 -24.32 -0.62 -1.44
C MET D 348 -24.03 -0.12 -0.03
N CYS D 349 -22.94 -0.63 0.57
CA CYS D 349 -22.54 -0.26 1.91
C CYS D 349 -21.19 0.42 1.89
N ILE D 350 -20.92 1.24 2.90
CA ILE D 350 -19.65 1.95 2.98
C ILE D 350 -18.58 1.01 3.52
N ARG D 351 -17.51 0.83 2.75
CA ARG D 351 -16.39 -0.02 3.14
C ARG D 351 -15.15 0.85 3.31
N ILE D 352 -14.35 0.53 4.32
CA ILE D 352 -13.06 1.20 4.52
C ILE D 352 -11.99 0.19 4.17
N SER D 353 -11.55 0.20 2.90
CA SER D 353 -10.55 -0.73 2.41
C SER D 353 -9.44 0.07 1.74
N ASN D 354 -8.40 0.40 2.52
CA ASN D 354 -7.24 1.24 2.21
C ASN D 354 -7.65 2.59 1.63
N PRO D 355 -8.14 3.52 2.44
CA PRO D 355 -8.62 4.80 1.89
C PRO D 355 -7.47 5.70 1.46
N LYS D 356 -7.67 6.40 0.35
CA LYS D 356 -6.69 7.33 -0.18
C LYS D 356 -7.33 8.71 -0.28
N ALA D 357 -6.52 9.70 -0.63
CA ALA D 357 -6.95 11.09 -0.57
C ALA D 357 -6.58 11.86 -1.83
N ILE D 358 -7.40 12.87 -2.13
CA ILE D 358 -7.18 13.80 -3.24
C ILE D 358 -7.01 15.20 -2.65
N ILE D 359 -5.93 15.88 -3.01
CA ILE D 359 -5.63 17.20 -2.47
C ILE D 359 -5.63 18.23 -3.59
N ILE D 360 -6.48 19.24 -3.48
CA ILE D 360 -6.43 20.45 -4.30
C ILE D 360 -6.14 21.61 -3.36
N VAL D 361 -5.03 22.31 -3.61
CA VAL D 361 -4.51 23.24 -2.60
C VAL D 361 -4.49 24.68 -3.08
N GLY D 362 -3.70 24.98 -4.09
CA GLY D 362 -3.51 26.36 -4.52
C GLY D 362 -2.43 26.43 -5.57
N ARG D 363 -2.36 27.59 -6.23
CA ARG D 363 -1.77 27.73 -7.57
C ARG D 363 -0.25 27.50 -7.59
N ASP D 364 0.27 27.11 -8.76
CA ASP D 364 1.64 26.65 -8.88
C ASP D 364 2.54 27.53 -9.74
N GLN D 365 1.97 28.49 -10.49
CA GLN D 365 2.63 29.40 -11.45
C GLN D 365 3.55 28.68 -12.46
N ILE D 366 3.10 27.51 -12.95
CA ILE D 366 3.75 26.84 -14.07
C ILE D 366 3.60 27.65 -15.34
N ALA D 367 2.41 28.19 -15.59
CA ALA D 367 2.16 29.04 -16.75
C ALA D 367 2.87 30.39 -16.60
N ASN D 368 3.09 31.04 -17.76
CA ASN D 368 3.88 32.26 -18.02
C ASN D 368 5.38 32.08 -17.78
N GLY D 369 5.85 30.86 -17.51
CA GLY D 369 7.26 30.64 -17.28
C GLY D 369 7.57 30.68 -15.80
N ASN D 370 8.68 31.36 -15.47
CA ASN D 370 9.18 31.64 -14.12
C ASN D 370 9.47 30.40 -13.29
N MET D 371 9.83 29.28 -13.94
CA MET D 371 10.16 28.05 -13.24
C MET D 371 11.34 27.39 -13.92
N THR D 372 12.29 26.92 -13.13
CA THR D 372 13.44 26.18 -13.61
C THR D 372 13.00 24.73 -13.89
N ASP D 373 13.85 23.99 -14.61
CA ASP D 373 13.61 22.56 -14.81
C ASP D 373 13.74 21.79 -13.49
N GLY D 374 14.59 22.27 -12.59
CA GLY D 374 14.66 21.71 -11.26
C GLY D 374 13.40 21.95 -10.44
N GLN D 375 12.78 23.13 -10.62
CA GLN D 375 11.53 23.43 -9.93
C GLN D 375 10.38 22.56 -10.42
N LEU D 376 10.31 22.32 -11.74
CA LEU D 376 9.29 21.44 -12.30
C LEU D 376 9.55 19.99 -11.89
N LEU D 377 10.82 19.60 -11.80
CA LEU D 377 11.19 18.27 -11.32
C LEU D 377 10.79 18.08 -9.86
N ASP D 378 11.00 19.11 -9.02
CA ASP D 378 10.62 19.03 -7.62
C ASP D 378 9.11 19.01 -7.44
N PHE D 379 8.38 19.75 -8.29
CA PHE D 379 6.93 19.74 -8.24
C PHE D 379 6.35 18.38 -8.67
N GLU D 380 6.93 17.77 -9.70
CA GLU D 380 6.48 16.45 -10.15
C GLU D 380 6.84 15.36 -9.14
N ILE D 381 7.98 15.49 -8.47
CA ILE D 381 8.37 14.51 -7.44
C ILE D 381 7.48 14.66 -6.20
N ILE D 382 7.16 15.90 -5.83
CA ILE D 382 6.34 16.19 -4.65
C ILE D 382 4.88 15.73 -4.87
N LYS D 383 4.39 15.82 -6.11
CA LYS D 383 3.01 15.39 -6.39
C LYS D 383 2.85 13.87 -6.33
N ARG D 384 3.94 13.11 -6.39
CA ARG D 384 3.89 11.66 -6.18
C ARG D 384 4.73 11.20 -4.99
N LYS D 385 5.01 12.08 -4.03
CA LYS D 385 5.90 11.74 -2.93
C LYS D 385 5.22 10.87 -1.88
N TYR D 386 3.91 11.03 -1.71
CA TYR D 386 3.24 10.54 -0.51
C TYR D 386 2.51 9.23 -0.79
N ALA D 387 2.28 8.46 0.28
CA ALA D 387 1.81 7.09 0.13
C ALA D 387 0.31 7.02 -0.10
N ASN D 388 -0.46 7.72 0.73
CA ASN D 388 -1.91 7.61 0.72
C ASN D 388 -2.60 8.70 -0.07
N MET D 389 -1.90 9.35 -1.00
CA MET D 389 -2.50 10.36 -1.87
C MET D 389 -2.43 9.88 -3.30
N ILE D 390 -3.60 9.61 -3.89
CA ILE D 390 -3.65 9.20 -5.29
C ILE D 390 -3.49 10.40 -6.22
N ASP D 391 -3.84 11.59 -5.74
CA ASP D 391 -3.76 12.78 -6.56
C ASP D 391 -3.46 13.99 -5.68
N ILE D 392 -2.37 14.67 -5.97
CA ILE D 392 -2.11 16.00 -5.43
C ILE D 392 -2.20 16.96 -6.59
N LEU D 393 -3.18 17.84 -6.56
CA LEU D 393 -3.45 18.76 -7.64
C LEU D 393 -3.29 20.19 -7.14
N THR D 394 -2.90 21.07 -8.06
CA THR D 394 -3.12 22.49 -7.84
C THR D 394 -4.43 22.82 -8.53
N TYR D 395 -4.82 24.09 -8.49
CA TYR D 395 -5.99 24.48 -9.27
C TYR D 395 -5.64 24.63 -10.74
N ASP D 396 -4.39 25.01 -11.02
CA ASP D 396 -3.94 25.11 -12.40
C ASP D 396 -3.68 23.73 -12.99
N ASP D 397 -3.35 22.73 -12.15
CA ASP D 397 -3.28 21.35 -12.63
C ASP D 397 -4.66 20.83 -12.99
N LEU D 398 -5.68 21.23 -12.22
CA LEU D 398 -7.06 20.89 -12.54
C LEU D 398 -7.51 21.52 -13.84
N LEU D 399 -7.14 22.78 -14.06
CA LEU D 399 -7.45 23.46 -15.32
C LEU D 399 -6.68 22.88 -16.49
N ARG D 400 -5.44 22.44 -16.25
CA ARG D 400 -4.63 21.81 -17.29
C ARG D 400 -5.15 20.43 -17.65
N ARG D 401 -5.63 19.68 -16.65
CA ARG D 401 -6.26 18.37 -16.90
C ARG D 401 -7.56 18.51 -17.67
N LEU D 402 -8.37 19.53 -17.32
CA LEU D 402 -9.60 19.82 -18.05
C LEU D 402 -9.31 20.26 -19.48
N ASN D 403 -8.28 21.08 -19.68
CA ASN D 403 -7.89 21.54 -21.01
C ASN D 403 -7.38 20.40 -21.87
N ASN D 404 -6.56 19.51 -21.28
CA ASN D 404 -6.02 18.36 -22.01
C ASN D 404 -7.11 17.35 -22.36
N THR D 405 -8.09 17.18 -21.46
CA THR D 405 -9.25 16.33 -21.77
C THR D 405 -10.10 16.94 -22.86
N ILE D 406 -10.17 18.27 -22.93
CA ILE D 406 -10.92 18.95 -24.00
C ILE D 406 -10.26 18.75 -25.36
N GLU D 407 -8.92 18.93 -25.46
CA GLU D 407 -8.31 18.75 -26.77
C GLU D 407 -8.12 17.27 -27.11
N ALA D 408 -8.18 16.37 -26.11
CA ALA D 408 -8.18 14.95 -26.41
C ALA D 408 -9.53 14.50 -26.94
N LEU D 409 -10.62 15.06 -26.40
CA LEU D 409 -11.95 14.71 -26.88
C LEU D 409 -12.26 15.40 -28.20
N LYS D 410 -11.58 16.51 -28.48
CA LYS D 410 -11.76 17.18 -29.78
C LYS D 410 -11.13 16.38 -30.91
N GLY D 411 -9.93 15.85 -30.68
CA GLY D 411 -9.24 15.08 -31.70
C GLY D 411 -9.36 13.58 -31.50
#